data_8VZV
#
_entry.id   8VZV
#
_cell.length_a   143.428
_cell.length_b   152.919
_cell.length_c   87.588
_cell.angle_alpha   90.000
_cell.angle_beta   90.000
_cell.angle_gamma   90.000
#
_symmetry.space_group_name_H-M   'P 21 21 2'
#
loop_
_entity.id
_entity.type
_entity.pdbx_description
1 polymer 'Tryptophan 2,3-dioxygenase'
2 non-polymer 'PROTOPORPHYRIN IX CONTAINING FE'
3 non-polymer alpha-methyl-L-tryptophan
4 non-polymer 6-fluoro-3-[(E)-2-(1H-tetrazol-5-yl)ethenyl]-1H-indole
5 water water
#
_entity_poly.entity_id   1
_entity_poly.type   'polypeptide(L)'
_entity_poly.pdbx_seq_one_letter_code
;MLPVEGSEEDKSQTGVNRASKGGLIYGNYLHLEKVLNAQELQSETKGNKIHDEHLFIITHQAYELWFKQILWELDSVREI
FQNGHVRDERNMLKVVSRMHRVSVILKLLVQQFSILETMTALDFNDFREYLSPASGFQSLQFRLLENKIGVLQNMRVPYN
RRHYRDNFKGEENELLLKSEQEKTLLELVEAWLERTPGLEPHGFNFWGKLEKNITRGLEEEFIRIQAKEESEEKEEQVAE
FQKQKEVLLSLFDEKRHEHLLSKGERRLSYRALQGALMIYFYREEPRFQVPFQLLTSLMDIDSLMTKWRYNHVCMVHRML
GSKAGTGGSSGYHYLRSTVSDRYKVFVDLFNLSTYLIPRHWIPKMNPTIHKFLEHHHHHH
;
_entity_poly.pdbx_strand_id   AAA,BBB,CCC,DDD
#
# COMPACT_ATOMS: atom_id res chain seq x y z
N GLY A 23 -26.43 -7.66 -28.30
CA GLY A 23 -25.01 -7.45 -27.89
C GLY A 23 -24.91 -6.70 -26.56
N LEU A 24 -23.99 -7.12 -25.69
CA LEU A 24 -23.87 -6.59 -24.31
C LEU A 24 -22.98 -5.34 -24.26
N ILE A 25 -23.40 -4.33 -23.49
CA ILE A 25 -22.75 -2.99 -23.34
C ILE A 25 -22.28 -2.85 -21.87
N TYR A 26 -21.01 -2.46 -21.71
CA TYR A 26 -20.33 -2.19 -20.42
C TYR A 26 -21.30 -1.60 -19.39
N GLY A 27 -21.85 -0.41 -19.69
CA GLY A 27 -22.74 0.30 -18.75
C GLY A 27 -23.90 -0.56 -18.31
N ASN A 28 -24.45 -1.34 -19.24
CA ASN A 28 -25.67 -2.15 -18.97
C ASN A 28 -25.29 -3.36 -18.15
N TYR A 29 -24.21 -4.05 -18.54
CA TYR A 29 -23.65 -5.23 -17.84
C TYR A 29 -23.47 -4.90 -16.35
N LEU A 30 -22.95 -3.71 -16.04
CA LEU A 30 -22.60 -3.26 -14.67
C LEU A 30 -23.74 -2.51 -14.00
N HIS A 31 -24.89 -2.38 -14.65
CA HIS A 31 -26.08 -1.66 -14.12
C HIS A 31 -25.63 -0.29 -13.61
N LEU A 32 -24.86 0.42 -14.43
CA LEU A 32 -24.37 1.76 -14.06
C LEU A 32 -25.53 2.76 -14.02
N GLU A 33 -26.65 2.44 -14.68
CA GLU A 33 -27.89 3.26 -14.60
C GLU A 33 -28.37 3.30 -13.14
N LYS A 34 -28.03 2.32 -12.31
CA LYS A 34 -28.32 2.36 -10.86
C LYS A 34 -27.14 2.95 -10.07
N VAL A 35 -25.94 2.42 -10.30
CA VAL A 35 -24.74 2.68 -9.46
C VAL A 35 -24.42 4.17 -9.52
N LEU A 36 -24.47 4.79 -10.72
CA LEU A 36 -24.03 6.20 -10.93
C LEU A 36 -25.23 7.16 -10.92
N ASN A 37 -26.41 6.71 -10.46
CA ASN A 37 -27.58 7.59 -10.22
C ASN A 37 -28.11 7.30 -8.83
N ALA A 38 -27.21 7.17 -7.85
CA ALA A 38 -27.50 6.85 -6.44
C ALA A 38 -26.89 7.89 -5.52
N GLN A 39 -26.53 9.04 -6.09
CA GLN A 39 -25.80 10.12 -5.38
C GLN A 39 -26.72 11.32 -5.27
N GLU A 40 -27.35 11.47 -4.11
CA GLU A 40 -28.23 12.62 -3.75
C GLU A 40 -27.61 13.27 -2.52
N LEU A 41 -27.01 14.45 -2.68
CA LEU A 41 -26.49 15.27 -1.57
C LEU A 41 -27.67 15.87 -0.80
N GLN A 42 -27.90 15.46 0.43
CA GLN A 42 -28.92 16.10 1.32
C GLN A 42 -28.67 17.61 1.39
N SER A 43 -27.43 18.07 1.47
CA SER A 43 -27.12 19.51 1.49
C SER A 43 -27.76 20.19 0.25
N GLU A 44 -27.70 19.60 -0.94
CA GLU A 44 -28.27 20.17 -2.19
C GLU A 44 -29.80 20.12 -2.10
N THR A 45 -30.34 19.00 -1.63
CA THR A 45 -31.79 18.73 -1.47
C THR A 45 -32.42 19.79 -0.55
N LYS A 46 -31.66 20.42 0.35
CA LYS A 46 -32.15 21.54 1.20
C LYS A 46 -31.47 22.86 0.76
N GLY A 47 -31.17 22.99 -0.53
CA GLY A 47 -30.74 24.23 -1.22
C GLY A 47 -29.45 24.84 -0.68
N ASN A 48 -28.56 24.06 -0.05
CA ASN A 48 -27.23 24.52 0.43
C ASN A 48 -26.13 23.48 0.12
N LYS A 49 -25.94 23.15 -1.15
CA LYS A 49 -24.97 22.13 -1.66
C LYS A 49 -23.58 22.37 -1.05
N ILE A 50 -23.02 21.34 -0.39
CA ILE A 50 -21.63 21.30 0.14
C ILE A 50 -20.80 20.28 -0.65
N HIS A 51 -19.72 20.72 -1.28
CA HIS A 51 -18.90 19.93 -2.24
C HIS A 51 -18.51 18.56 -1.64
N ASP A 52 -18.00 18.53 -0.41
CA ASP A 52 -17.36 17.32 0.17
C ASP A 52 -18.41 16.26 0.50
N GLU A 53 -19.69 16.60 0.59
CA GLU A 53 -20.74 15.59 0.88
C GLU A 53 -20.68 14.51 -0.19
N HIS A 54 -20.36 14.87 -1.45
CA HIS A 54 -20.29 13.89 -2.57
C HIS A 54 -19.28 12.79 -2.21
N LEU A 55 -18.10 13.17 -1.69
CA LEU A 55 -17.03 12.23 -1.29
C LEU A 55 -17.54 11.34 -0.15
N PHE A 56 -18.24 11.92 0.82
CA PHE A 56 -18.82 11.18 1.97
C PHE A 56 -19.69 10.02 1.43
N ILE A 57 -20.49 10.29 0.41
CA ILE A 57 -21.46 9.30 -0.11
C ILE A 57 -20.73 8.22 -0.89
N ILE A 58 -19.90 8.60 -1.87
CA ILE A 58 -19.14 7.65 -2.71
C ILE A 58 -18.34 6.71 -1.80
N THR A 59 -17.68 7.26 -0.78
CA THR A 59 -16.82 6.47 0.13
C THR A 59 -17.66 5.37 0.75
N HIS A 60 -18.79 5.71 1.37
CA HIS A 60 -19.70 4.71 2.00
C HIS A 60 -20.17 3.71 0.94
N GLN A 61 -20.57 4.19 -0.25
CA GLN A 61 -21.10 3.29 -1.29
C GLN A 61 -20.01 2.29 -1.69
N ALA A 62 -18.76 2.74 -1.81
CA ALA A 62 -17.65 1.84 -2.17
C ALA A 62 -17.46 0.81 -1.05
N TYR A 63 -17.46 1.24 0.21
CA TYR A 63 -17.38 0.32 1.36
C TYR A 63 -18.49 -0.74 1.24
N GLU A 64 -19.72 -0.31 0.91
CA GLU A 64 -20.90 -1.22 0.87
C GLU A 64 -20.80 -2.19 -0.33
N LEU A 65 -20.30 -1.75 -1.48
CA LEU A 65 -20.03 -2.67 -2.62
C LEU A 65 -19.08 -3.79 -2.12
N TRP A 66 -18.01 -3.42 -1.39
CA TRP A 66 -17.00 -4.40 -0.98
C TRP A 66 -17.54 -5.28 0.14
N PHE A 67 -18.35 -4.76 1.06
CA PHE A 67 -19.04 -5.60 2.07
C PHE A 67 -19.88 -6.66 1.35
N LYS A 68 -20.61 -6.26 0.30
CA LYS A 68 -21.45 -7.23 -0.46
C LYS A 68 -20.56 -8.33 -1.02
N GLN A 69 -19.41 -7.96 -1.58
CA GLN A 69 -18.47 -8.96 -2.15
C GLN A 69 -17.95 -9.86 -1.03
N ILE A 70 -17.63 -9.31 0.13
CA ILE A 70 -17.11 -10.13 1.25
C ILE A 70 -18.19 -11.13 1.66
N LEU A 71 -19.45 -10.70 1.74
CA LEU A 71 -20.59 -11.56 2.09
C LEU A 71 -20.71 -12.66 1.03
N TRP A 72 -20.48 -12.33 -0.22
CA TRP A 72 -20.60 -13.29 -1.35
C TRP A 72 -19.56 -14.41 -1.16
N GLU A 73 -18.31 -14.05 -0.87
CA GLU A 73 -17.21 -15.02 -0.67
C GLU A 73 -17.53 -15.86 0.57
N LEU A 74 -17.83 -15.17 1.66
CA LEU A 74 -18.09 -15.76 3.00
C LEU A 74 -19.28 -16.74 2.96
N ASP A 75 -20.41 -16.35 2.37
CA ASP A 75 -21.58 -17.26 2.26
C ASP A 75 -21.19 -18.46 1.40
N SER A 76 -20.44 -18.27 0.32
CA SER A 76 -20.02 -19.40 -0.56
C SER A 76 -19.17 -20.39 0.24
N VAL A 77 -18.37 -19.90 1.18
CA VAL A 77 -17.44 -20.77 1.96
C VAL A 77 -18.23 -21.45 3.08
N ARG A 78 -19.02 -20.70 3.84
CA ARG A 78 -20.05 -21.27 4.77
C ARG A 78 -20.78 -22.43 4.09
N GLU A 79 -21.26 -22.25 2.87
CA GLU A 79 -22.08 -23.25 2.12
C GLU A 79 -21.24 -24.51 1.85
N ILE A 80 -19.98 -24.37 1.49
CA ILE A 80 -19.07 -25.52 1.18
C ILE A 80 -18.88 -26.39 2.43
N PHE A 81 -18.87 -25.78 3.62
CA PHE A 81 -18.79 -26.52 4.90
C PHE A 81 -20.16 -27.18 5.16
N GLN A 82 -21.23 -26.39 5.08
CA GLN A 82 -22.60 -26.75 5.49
C GLN A 82 -23.13 -27.91 4.64
N ASN A 83 -22.76 -28.02 3.37
CA ASN A 83 -23.30 -29.04 2.44
C ASN A 83 -22.34 -30.23 2.36
N GLY A 84 -21.24 -30.23 3.13
CA GLY A 84 -20.30 -31.37 3.21
C GLY A 84 -19.24 -31.41 2.12
N HIS A 85 -19.26 -30.50 1.14
CA HIS A 85 -18.23 -30.47 0.06
C HIS A 85 -16.83 -30.31 0.69
N VAL A 86 -16.72 -29.62 1.82
CA VAL A 86 -15.39 -29.41 2.46
C VAL A 86 -14.73 -30.74 2.78
N ARG A 87 -15.51 -31.82 2.92
CA ARG A 87 -14.98 -33.17 3.29
C ARG A 87 -14.04 -33.66 2.19
N ASP A 88 -14.35 -33.32 0.93
CA ASP A 88 -13.51 -33.60 -0.24
C ASP A 88 -12.40 -32.55 -0.29
N GLU A 89 -11.17 -32.96 0.01
CA GLU A 89 -10.01 -32.07 0.18
C GLU A 89 -9.63 -31.41 -1.15
N ARG A 90 -10.24 -31.82 -2.26
CA ARG A 90 -10.08 -31.17 -3.58
C ARG A 90 -10.49 -29.69 -3.44
N ASN A 91 -11.36 -29.39 -2.48
CA ASN A 91 -12.04 -28.08 -2.38
C ASN A 91 -11.28 -27.12 -1.46
N MET A 92 -10.14 -27.50 -0.90
CA MET A 92 -9.44 -26.66 0.09
C MET A 92 -8.79 -25.47 -0.63
N LEU A 93 -8.34 -25.65 -1.85
CA LEU A 93 -7.70 -24.55 -2.59
C LEU A 93 -8.74 -23.45 -2.80
N LYS A 94 -9.95 -23.81 -3.19
CA LYS A 94 -11.09 -22.88 -3.37
C LYS A 94 -11.37 -22.14 -2.05
N VAL A 95 -11.44 -22.88 -0.95
CA VAL A 95 -11.79 -22.30 0.37
C VAL A 95 -10.71 -21.29 0.78
N VAL A 96 -9.45 -21.67 0.73
CA VAL A 96 -8.33 -20.78 1.14
C VAL A 96 -8.24 -19.56 0.21
N SER A 97 -8.44 -19.72 -1.10
CA SER A 97 -8.39 -18.59 -2.08
C SER A 97 -9.43 -17.55 -1.71
N ARG A 98 -10.65 -17.99 -1.43
CA ARG A 98 -11.77 -17.06 -1.19
C ARG A 98 -11.57 -16.38 0.16
N MET A 99 -11.10 -17.11 1.17
CA MET A 99 -10.88 -16.51 2.51
C MET A 99 -9.70 -15.54 2.41
N HIS A 100 -8.66 -15.91 1.64
CA HIS A 100 -7.53 -14.98 1.35
C HIS A 100 -8.06 -13.74 0.61
N ARG A 101 -8.97 -13.93 -0.34
CA ARG A 101 -9.57 -12.82 -1.11
C ARG A 101 -10.26 -11.87 -0.16
N VAL A 102 -10.96 -12.41 0.82
CA VAL A 102 -11.66 -11.55 1.82
C VAL A 102 -10.63 -10.66 2.50
N SER A 103 -9.45 -11.18 2.85
CA SER A 103 -8.46 -10.37 3.62
C SER A 103 -7.82 -9.35 2.66
N VAL A 104 -7.63 -9.68 1.39
CA VAL A 104 -7.13 -8.69 0.40
C VAL A 104 -8.15 -7.54 0.28
N ILE A 105 -9.44 -7.84 0.21
CA ILE A 105 -10.49 -6.81 0.14
C ILE A 105 -10.40 -5.97 1.42
N LEU A 106 -10.32 -6.60 2.59
CA LEU A 106 -10.32 -5.85 3.88
C LEU A 106 -9.07 -4.97 3.93
N LYS A 107 -7.96 -5.43 3.38
CA LYS A 107 -6.71 -4.62 3.36
C LYS A 107 -7.01 -3.31 2.62
N LEU A 108 -7.70 -3.37 1.49
CA LEU A 108 -8.05 -2.17 0.70
C LEU A 108 -9.02 -1.32 1.50
N LEU A 109 -10.01 -1.94 2.15
CA LEU A 109 -11.00 -1.17 2.93
C LEU A 109 -10.28 -0.38 4.05
N VAL A 110 -9.22 -0.94 4.63
CA VAL A 110 -8.41 -0.24 5.66
C VAL A 110 -7.70 0.94 5.01
N GLN A 111 -7.11 0.75 3.84
CA GLN A 111 -6.41 1.84 3.09
C GLN A 111 -7.43 2.90 2.66
N GLN A 112 -8.67 2.50 2.40
CA GLN A 112 -9.66 3.41 1.79
C GLN A 112 -9.96 4.58 2.74
N PHE A 113 -9.72 4.44 4.05
CA PHE A 113 -9.91 5.54 5.04
C PHE A 113 -9.06 6.75 4.63
N SER A 114 -7.92 6.52 4.02
CA SER A 114 -6.99 7.59 3.62
C SER A 114 -7.72 8.56 2.67
N ILE A 115 -8.67 8.11 1.87
CA ILE A 115 -9.42 9.00 0.95
C ILE A 115 -10.31 9.94 1.76
N LEU A 116 -11.02 9.42 2.75
CA LEU A 116 -11.97 10.24 3.54
C LEU A 116 -11.19 11.17 4.47
N GLU A 117 -9.93 10.85 4.77
CA GLU A 117 -9.05 11.74 5.58
C GLU A 117 -8.65 12.98 4.75
N THR A 118 -8.88 13.03 3.42
CA THR A 118 -8.68 14.27 2.62
C THR A 118 -9.81 15.27 2.87
N MET A 119 -10.87 14.89 3.57
CA MET A 119 -11.95 15.81 4.03
C MET A 119 -11.56 16.31 5.41
N THR A 120 -11.51 17.63 5.60
CA THR A 120 -11.22 18.26 6.92
C THR A 120 -12.47 18.17 7.79
N ALA A 121 -12.29 18.26 9.10
CA ALA A 121 -13.41 18.32 10.05
C ALA A 121 -14.27 19.56 9.77
N LEU A 122 -13.66 20.68 9.34
CA LEU A 122 -14.38 21.96 9.11
C LEU A 122 -15.37 21.74 7.97
N ASP A 123 -14.92 21.10 6.90
CA ASP A 123 -15.73 20.88 5.67
C ASP A 123 -16.83 19.86 5.98
N PHE A 124 -16.53 18.85 6.78
CA PHE A 124 -17.52 17.83 7.22
C PHE A 124 -18.62 18.51 8.02
N ASN A 125 -18.20 19.40 8.92
CA ASN A 125 -19.09 20.19 9.80
C ASN A 125 -20.12 21.00 9.00
N ASP A 126 -19.81 21.42 7.77
CA ASP A 126 -20.73 22.24 6.93
C ASP A 126 -21.91 21.41 6.41
N PHE A 127 -21.87 20.07 6.42
CA PHE A 127 -23.01 19.25 5.90
C PHE A 127 -23.48 18.22 6.93
N ARG A 128 -22.73 18.04 8.02
CA ARG A 128 -23.04 17.06 9.08
C ARG A 128 -24.50 17.21 9.52
N GLU A 129 -24.97 18.44 9.77
CA GLU A 129 -26.34 18.72 10.28
C GLU A 129 -27.36 17.95 9.42
N TYR A 130 -27.23 17.96 8.10
CA TYR A 130 -28.23 17.44 7.13
C TYR A 130 -28.35 15.90 7.14
N LEU A 131 -27.52 15.19 7.92
CA LEU A 131 -27.44 13.71 7.89
C LEU A 131 -28.25 13.09 9.02
N SER A 132 -28.33 13.80 10.15
CA SER A 132 -28.92 13.34 11.43
C SER A 132 -30.26 12.65 11.17
N PRO A 133 -30.58 11.53 11.87
CA PRO A 133 -29.66 10.87 12.79
C PRO A 133 -29.05 9.57 12.24
N ALA A 134 -28.84 9.46 10.92
CA ALA A 134 -28.31 8.26 10.22
C ALA A 134 -26.87 7.97 10.66
N SER A 135 -26.43 6.70 10.65
CA SER A 135 -25.01 6.32 10.81
C SER A 135 -24.78 4.86 10.41
N GLY A 136 -23.50 4.46 10.37
CA GLY A 136 -23.02 3.11 10.05
C GLY A 136 -23.64 2.03 10.92
N PHE A 137 -24.13 2.38 12.10
CA PHE A 137 -24.95 1.51 12.97
C PHE A 137 -26.12 0.90 12.16
N GLN A 138 -26.54 1.60 11.11
CA GLN A 138 -27.67 1.16 10.25
C GLN A 138 -27.16 0.45 9.01
N SER A 139 -25.86 0.14 8.94
CA SER A 139 -25.31 -0.71 7.86
C SER A 139 -25.78 -2.15 8.10
N LEU A 140 -26.76 -2.58 7.33
CA LEU A 140 -27.24 -3.97 7.34
C LEU A 140 -26.04 -4.90 7.08
N GLN A 141 -25.26 -4.63 6.03
CA GLN A 141 -24.22 -5.57 5.53
C GLN A 141 -23.11 -5.69 6.58
N PHE A 142 -22.76 -4.61 7.27
CA PHE A 142 -21.70 -4.68 8.32
C PHE A 142 -22.13 -5.69 9.40
N ARG A 143 -23.40 -5.69 9.78
CA ARG A 143 -23.93 -6.59 10.85
C ARG A 143 -24.02 -8.01 10.27
N LEU A 144 -24.55 -8.18 9.07
CA LEU A 144 -24.58 -9.51 8.41
C LEU A 144 -23.17 -10.09 8.46
N LEU A 145 -22.16 -9.27 8.19
CA LEU A 145 -20.74 -9.71 8.08
C LEU A 145 -20.26 -10.15 9.46
N GLU A 146 -20.41 -9.30 10.48
CA GLU A 146 -20.07 -9.64 11.89
C GLU A 146 -20.74 -10.96 12.29
N ASN A 147 -22.04 -11.05 12.08
CA ASN A 147 -22.83 -12.25 12.48
C ASN A 147 -22.30 -13.49 11.73
N LYS A 148 -22.12 -13.41 10.42
CA LYS A 148 -21.80 -14.59 9.58
C LYS A 148 -20.40 -15.10 9.91
N ILE A 149 -19.49 -14.23 10.33
CA ILE A 149 -18.13 -14.70 10.75
C ILE A 149 -18.31 -15.42 12.09
N GLY A 150 -19.05 -14.83 13.02
CA GLY A 150 -19.47 -15.50 14.26
C GLY A 150 -19.35 -14.63 15.49
N VAL A 151 -19.52 -13.32 15.36
CA VAL A 151 -19.67 -12.45 16.55
C VAL A 151 -21.00 -12.87 17.20
N LEU A 152 -20.97 -13.26 18.48
CA LEU A 152 -22.19 -13.68 19.23
C LEU A 152 -22.80 -12.45 19.92
N GLN A 153 -24.10 -12.51 20.23
CA GLN A 153 -24.85 -11.46 20.99
C GLN A 153 -24.12 -11.07 22.29
N ASN A 154 -23.68 -12.04 23.11
CA ASN A 154 -23.13 -11.79 24.48
C ASN A 154 -21.70 -11.24 24.41
N MET A 155 -21.02 -11.26 23.26
CA MET A 155 -19.67 -10.63 23.10
C MET A 155 -19.81 -9.15 22.70
N ARG A 156 -20.98 -8.72 22.23
CA ARG A 156 -21.22 -7.32 21.78
C ARG A 156 -21.23 -6.39 23.00
N VAL A 157 -20.57 -5.23 22.90
CA VAL A 157 -20.67 -4.09 23.86
C VAL A 157 -22.09 -3.54 23.76
N PRO A 158 -22.78 -3.24 24.89
CA PRO A 158 -24.25 -3.19 24.92
C PRO A 158 -24.92 -2.13 24.04
N TYR A 159 -24.32 -0.94 23.87
CA TYR A 159 -24.96 0.27 23.29
C TYR A 159 -25.96 -0.10 22.17
N HIS A 163 -28.25 -4.12 21.91
CA HIS A 163 -29.49 -3.78 21.17
C HIS A 163 -29.13 -3.07 19.85
N TYR A 164 -28.21 -3.67 19.08
CA TYR A 164 -27.83 -3.27 17.70
C TYR A 164 -28.97 -3.55 16.70
N ARG A 165 -29.87 -4.50 17.00
CA ARG A 165 -30.91 -5.00 16.05
C ARG A 165 -32.11 -4.05 15.91
N ASP A 166 -32.28 -3.15 16.91
CA ASP A 166 -33.46 -2.25 17.03
C ASP A 166 -33.53 -1.31 15.83
N ASN A 167 -32.39 -0.97 15.24
CA ASN A 167 -32.27 0.01 14.13
C ASN A 167 -32.96 -0.49 12.86
N PHE A 168 -33.33 -1.79 12.79
CA PHE A 168 -33.78 -2.45 11.53
C PHE A 168 -35.20 -3.00 11.69
N LYS A 169 -35.97 -3.01 10.58
CA LYS A 169 -37.41 -3.39 10.47
C LYS A 169 -37.63 -4.25 9.21
N GLY A 170 -38.77 -4.94 9.11
CA GLY A 170 -39.22 -5.65 7.89
C GLY A 170 -38.23 -6.71 7.45
N GLU A 171 -38.05 -6.88 6.12
CA GLU A 171 -37.21 -7.92 5.48
C GLU A 171 -35.73 -7.77 5.90
N GLU A 172 -35.27 -6.56 6.25
CA GLU A 172 -33.90 -6.33 6.80
C GLU A 172 -33.77 -6.97 8.18
N ASN A 173 -34.74 -6.74 9.06
CA ASN A 173 -34.76 -7.39 10.40
C ASN A 173 -34.77 -8.90 10.21
N GLU A 174 -35.45 -9.41 9.18
CA GLU A 174 -35.59 -10.87 8.93
C GLU A 174 -34.23 -11.44 8.50
N LEU A 175 -33.55 -10.80 7.54
CA LEU A 175 -32.17 -11.16 7.11
C LEU A 175 -31.23 -11.17 8.32
N LEU A 176 -31.30 -10.15 9.17
CA LEU A 176 -30.41 -10.06 10.35
C LEU A 176 -30.63 -11.28 11.25
N LEU A 177 -31.88 -11.71 11.39
CA LEU A 177 -32.23 -12.87 12.26
C LEU A 177 -31.56 -14.11 11.68
N LYS A 178 -31.81 -14.41 10.40
CA LYS A 178 -31.21 -15.56 9.69
C LYS A 178 -29.70 -15.58 9.93
N SER A 179 -29.02 -14.42 9.89
CA SER A 179 -27.55 -14.32 10.02
C SER A 179 -27.13 -14.71 11.44
N GLU A 180 -28.00 -14.52 12.44
CA GLU A 180 -27.73 -14.91 13.85
C GLU A 180 -28.03 -16.40 14.03
N GLN A 181 -28.99 -16.95 13.31
CA GLN A 181 -29.58 -18.30 13.50
C GLN A 181 -28.85 -19.33 12.63
N GLU A 182 -28.58 -19.01 11.36
CA GLU A 182 -27.84 -19.90 10.42
C GLU A 182 -26.42 -20.13 10.98
N LYS A 183 -25.80 -21.24 10.59
CA LYS A 183 -24.49 -21.65 11.11
C LYS A 183 -23.47 -20.57 10.70
N THR A 184 -22.69 -20.09 11.65
CA THR A 184 -21.61 -19.11 11.39
C THR A 184 -20.38 -19.84 10.85
N LEU A 185 -19.45 -19.07 10.28
CA LEU A 185 -18.12 -19.60 9.87
C LEU A 185 -17.42 -20.22 11.09
N LEU A 186 -17.49 -19.60 12.27
CA LEU A 186 -16.90 -20.15 13.53
C LEU A 186 -17.43 -21.56 13.80
N GLU A 187 -18.74 -21.75 13.73
CA GLU A 187 -19.40 -23.05 14.02
C GLU A 187 -18.95 -24.09 12.99
N LEU A 188 -18.95 -23.71 11.73
CA LEU A 188 -18.65 -24.67 10.61
C LEU A 188 -17.17 -25.05 10.66
N VAL A 189 -16.29 -24.08 10.95
CA VAL A 189 -14.83 -24.34 11.11
C VAL A 189 -14.61 -25.24 12.32
N GLU A 190 -15.28 -24.94 13.43
CA GLU A 190 -15.22 -25.78 14.67
C GLU A 190 -15.52 -27.26 14.34
N ALA A 191 -16.69 -27.54 13.74
CA ALA A 191 -17.11 -28.89 13.31
C ALA A 191 -16.01 -29.56 12.50
N TRP A 192 -15.51 -28.88 11.48
CA TRP A 192 -14.45 -29.42 10.57
C TRP A 192 -13.17 -29.69 11.39
N LEU A 193 -12.82 -28.79 12.31
CA LEU A 193 -11.59 -28.93 13.12
C LEU A 193 -11.71 -30.17 14.05
N GLU A 194 -12.92 -30.47 14.52
CA GLU A 194 -13.19 -31.65 15.39
C GLU A 194 -12.91 -32.96 14.63
N ARG A 195 -13.07 -32.99 13.31
CA ARG A 195 -12.81 -34.20 12.46
C ARG A 195 -11.33 -34.24 12.04
N THR A 196 -10.46 -33.36 12.50
CA THR A 196 -9.05 -33.35 12.04
C THR A 196 -8.44 -34.73 12.25
N PRO A 197 -7.80 -35.33 11.24
CA PRO A 197 -7.05 -36.58 11.41
C PRO A 197 -5.90 -36.46 12.40
N GLY A 198 -5.73 -37.49 13.22
CA GLY A 198 -4.64 -37.67 14.19
C GLY A 198 -5.12 -37.55 15.62
N LEU A 199 -6.38 -37.17 15.85
CA LEU A 199 -6.94 -36.94 17.20
C LEU A 199 -7.46 -38.25 17.79
N GLU A 200 -7.71 -39.26 16.95
CA GLU A 200 -8.40 -40.50 17.37
C GLU A 200 -7.52 -41.22 18.39
N PRO A 201 -8.03 -41.46 19.62
CA PRO A 201 -7.29 -42.23 20.63
C PRO A 201 -6.77 -43.59 20.13
N HIS A 202 -7.55 -44.26 19.24
CA HIS A 202 -7.22 -45.59 18.64
C HIS A 202 -6.19 -45.46 17.52
N GLY A 203 -5.91 -44.23 17.07
CA GLY A 203 -4.96 -43.95 15.98
C GLY A 203 -3.70 -43.29 16.49
N PHE A 204 -3.30 -42.16 15.92
CA PHE A 204 -2.09 -41.41 16.32
C PHE A 204 -2.20 -40.93 17.78
N ASN A 205 -3.41 -40.61 18.25
CA ASN A 205 -3.67 -40.22 19.66
C ASN A 205 -2.77 -39.02 20.01
N PHE A 206 -2.89 -37.96 19.21
CA PHE A 206 -2.07 -36.73 19.31
C PHE A 206 -2.10 -36.23 20.75
N TRP A 207 -3.29 -36.09 21.34
CA TRP A 207 -3.48 -35.38 22.64
C TRP A 207 -2.78 -36.14 23.77
N GLY A 208 -2.92 -37.46 23.79
CA GLY A 208 -2.24 -38.33 24.77
C GLY A 208 -0.72 -38.19 24.64
N LYS A 209 -0.20 -38.38 23.42
CA LYS A 209 1.27 -38.29 23.18
C LYS A 209 1.79 -36.91 23.59
N LEU A 210 1.01 -35.85 23.37
CA LEU A 210 1.46 -34.46 23.60
C LEU A 210 1.57 -34.24 25.10
N GLU A 211 0.54 -34.65 25.85
CA GLU A 211 0.51 -34.55 27.34
C GLU A 211 1.75 -35.25 27.88
N LYS A 212 2.02 -36.46 27.40
CA LYS A 212 3.18 -37.26 27.84
C LYS A 212 4.46 -36.48 27.52
N ASN A 213 4.60 -35.98 26.29
CA ASN A 213 5.87 -35.34 25.84
C ASN A 213 6.09 -34.00 26.54
N ILE A 214 5.03 -33.24 26.82
CA ILE A 214 5.16 -31.92 27.51
C ILE A 214 5.48 -32.20 28.98
N THR A 215 4.81 -33.19 29.59
CA THR A 215 5.07 -33.61 31.00
C THR A 215 6.54 -34.03 31.11
N ARG A 216 7.01 -34.89 30.21
CA ARG A 216 8.42 -35.33 30.19
C ARG A 216 9.33 -34.11 29.92
N GLY A 217 9.01 -33.28 28.94
CA GLY A 217 9.85 -32.14 28.53
C GLY A 217 10.02 -31.15 29.67
N LEU A 218 8.94 -30.87 30.41
CA LEU A 218 8.99 -29.95 31.59
C LEU A 218 9.89 -30.58 32.66
N GLU A 219 9.72 -31.88 32.98
CA GLU A 219 10.61 -32.62 33.93
C GLU A 219 12.07 -32.40 33.50
N GLU A 220 12.45 -32.64 32.24
CA GLU A 220 13.87 -32.51 31.79
C GLU A 220 14.37 -31.09 32.06
N GLU A 221 13.50 -30.11 31.86
CA GLU A 221 13.77 -28.64 31.94
C GLU A 221 13.97 -28.26 33.41
N PHE A 222 13.13 -28.76 34.33
CA PHE A 222 13.25 -28.52 35.80
C PHE A 222 14.62 -28.98 36.29
N ILE A 223 15.07 -30.15 35.82
CA ILE A 223 16.37 -30.79 36.15
C ILE A 223 17.49 -29.89 35.65
N ARG A 224 17.45 -29.45 34.38
CA ARG A 224 18.51 -28.61 33.76
C ARG A 224 18.71 -27.35 34.59
N ILE A 225 17.62 -26.82 35.17
CA ILE A 225 17.57 -25.57 35.99
C ILE A 225 18.09 -25.83 37.40
N GLN A 226 17.65 -26.90 38.07
CA GLN A 226 18.04 -27.21 39.48
C GLN A 226 19.53 -27.56 39.56
N ALA A 227 20.16 -27.87 38.41
CA ALA A 227 21.60 -28.15 38.27
C ALA A 227 22.39 -26.84 38.43
N LYS A 228 21.90 -25.74 37.85
CA LYS A 228 22.58 -24.42 37.78
C LYS A 228 23.05 -23.98 39.17
N GLU A 229 24.24 -23.35 39.19
CA GLU A 229 24.94 -22.72 40.35
C GLU A 229 23.98 -21.79 41.11
N GLU A 230 23.69 -22.05 42.39
CA GLU A 230 22.65 -21.31 43.17
C GLU A 230 22.92 -19.82 43.00
N SER A 231 21.92 -19.01 42.64
CA SER A 231 22.08 -17.58 42.27
C SER A 231 20.76 -16.83 42.40
N GLU A 232 20.68 -15.59 41.89
CA GLU A 232 19.42 -14.80 41.80
C GLU A 232 18.85 -14.93 40.38
N GLU A 233 19.72 -15.04 39.37
CA GLU A 233 19.35 -15.30 37.96
C GLU A 233 18.68 -16.69 37.83
N LYS A 234 19.15 -17.66 38.62
CA LYS A 234 18.57 -19.04 38.69
C LYS A 234 17.17 -18.98 39.32
N GLU A 235 16.98 -18.23 40.40
CA GLU A 235 15.68 -18.17 41.12
C GLU A 235 14.63 -17.54 40.20
N GLU A 236 15.04 -16.57 39.38
CA GLU A 236 14.14 -15.83 38.45
C GLU A 236 13.76 -16.78 37.30
N GLN A 237 14.59 -17.79 37.01
CA GLN A 237 14.31 -18.89 36.04
C GLN A 237 13.33 -19.92 36.62
N VAL A 238 13.46 -20.26 37.90
CA VAL A 238 12.50 -21.17 38.63
C VAL A 238 11.10 -20.54 38.60
N ALA A 239 10.98 -19.26 38.92
CA ALA A 239 9.68 -18.52 38.93
C ALA A 239 9.09 -18.55 37.51
N GLU A 240 9.94 -18.39 36.49
CA GLU A 240 9.59 -18.35 35.05
C GLU A 240 9.11 -19.76 34.62
N PHE A 241 9.87 -20.79 34.99
CA PHE A 241 9.53 -22.21 34.74
C PHE A 241 8.16 -22.53 35.35
N GLN A 242 7.95 -22.19 36.63
CA GLN A 242 6.71 -22.57 37.36
C GLN A 242 5.51 -21.94 36.67
N LYS A 243 5.70 -20.74 36.10
CA LYS A 243 4.67 -19.98 35.34
C LYS A 243 4.37 -20.74 34.04
N GLN A 244 5.41 -21.04 33.28
CA GLN A 244 5.36 -21.82 32.01
C GLN A 244 4.68 -23.19 32.25
N LYS A 245 5.09 -23.92 33.30
CA LYS A 245 4.53 -25.26 33.66
C LYS A 245 3.03 -25.13 33.89
N GLU A 246 2.60 -24.17 34.70
CA GLU A 246 1.16 -23.97 35.03
C GLU A 246 0.39 -23.78 33.71
N VAL A 247 0.92 -22.93 32.82
CA VAL A 247 0.24 -22.54 31.56
C VAL A 247 0.16 -23.76 30.63
N LEU A 248 1.26 -24.44 30.37
CA LEU A 248 1.28 -25.61 29.44
C LEU A 248 0.38 -26.71 29.99
N LEU A 249 0.48 -27.04 31.28
CA LEU A 249 -0.29 -28.19 31.81
C LEU A 249 -1.79 -27.84 31.80
N SER A 250 -2.14 -26.54 31.90
CA SER A 250 -3.55 -26.07 31.90
C SER A 250 -4.22 -26.45 30.57
N LEU A 251 -3.44 -26.58 29.49
CA LEU A 251 -3.93 -27.05 28.16
C LEU A 251 -4.74 -28.34 28.32
N PHE A 252 -4.31 -29.25 29.22
CA PHE A 252 -4.88 -30.62 29.37
C PHE A 252 -6.05 -30.61 30.36
N ASP A 253 -6.37 -29.46 30.94
CA ASP A 253 -7.50 -29.30 31.88
C ASP A 253 -8.75 -28.95 31.06
N GLU A 254 -9.48 -29.96 30.62
CA GLU A 254 -10.75 -29.75 29.85
C GLU A 254 -11.77 -28.94 30.68
N LYS A 255 -11.73 -29.03 32.01
CA LYS A 255 -12.69 -28.33 32.91
C LYS A 255 -12.44 -26.81 32.83
N ARG A 256 -11.16 -26.41 32.94
CA ARG A 256 -10.72 -25.00 32.80
C ARG A 256 -11.16 -24.47 31.43
N HIS A 257 -11.08 -25.30 30.39
CA HIS A 257 -11.49 -24.92 29.02
C HIS A 257 -12.98 -24.60 28.98
N GLU A 258 -13.83 -25.45 29.58
CA GLU A 258 -15.31 -25.22 29.61
C GLU A 258 -15.62 -23.95 30.40
N HIS A 259 -14.91 -23.70 31.49
CA HIS A 259 -15.11 -22.50 32.35
C HIS A 259 -14.81 -21.28 31.47
N LEU A 260 -13.64 -21.25 30.83
CA LEU A 260 -13.20 -20.13 29.95
C LEU A 260 -14.13 -19.96 28.75
N LEU A 261 -14.69 -21.04 28.20
CA LEU A 261 -15.70 -20.99 27.11
C LEU A 261 -16.89 -20.13 27.58
N SER A 262 -17.49 -20.46 28.72
CA SER A 262 -18.70 -19.80 29.27
C SER A 262 -18.42 -18.35 29.69
N LYS A 263 -17.20 -18.00 30.10
CA LYS A 263 -16.76 -16.59 30.34
C LYS A 263 -16.45 -15.88 29.00
N GLY A 264 -16.60 -16.56 27.87
CA GLY A 264 -16.32 -16.04 26.52
C GLY A 264 -14.87 -15.62 26.31
N GLU A 265 -13.91 -16.15 27.10
CA GLU A 265 -12.46 -15.91 26.84
C GLU A 265 -11.96 -16.90 25.80
N ARG A 266 -12.74 -17.98 25.55
CA ARG A 266 -12.54 -18.97 24.47
C ARG A 266 -13.86 -19.13 23.72
N ARG A 267 -13.78 -19.69 22.49
CA ARG A 267 -14.93 -19.82 21.56
C ARG A 267 -15.01 -21.24 20.99
N LEU A 268 -13.87 -21.89 20.76
CA LEU A 268 -13.80 -23.22 20.12
C LEU A 268 -13.99 -24.31 21.17
N SER A 269 -14.79 -25.33 20.83
CA SER A 269 -14.82 -26.64 21.53
C SER A 269 -13.39 -27.09 21.85
N TYR A 270 -13.21 -27.82 22.94
CA TYR A 270 -11.89 -28.41 23.34
C TYR A 270 -11.35 -29.24 22.16
N ARG A 271 -12.23 -29.97 21.48
CA ARG A 271 -11.77 -30.92 20.44
C ARG A 271 -11.31 -30.13 19.20
N ALA A 272 -12.02 -29.05 18.86
CA ALA A 272 -11.63 -28.17 17.73
C ALA A 272 -10.25 -27.57 18.02
N LEU A 273 -10.01 -27.16 19.25
CA LEU A 273 -8.71 -26.60 19.68
C LEU A 273 -7.62 -27.63 19.43
N GLN A 274 -7.91 -28.91 19.65
CA GLN A 274 -6.92 -30.00 19.47
C GLN A 274 -6.56 -30.11 17.99
N GLY A 275 -7.58 -30.11 17.13
CA GLY A 275 -7.40 -30.14 15.67
C GLY A 275 -6.54 -28.98 15.21
N ALA A 276 -6.80 -27.77 15.70
CA ALA A 276 -6.06 -26.57 15.29
C ALA A 276 -4.58 -26.78 15.61
N LEU A 277 -4.29 -27.28 16.81
CA LEU A 277 -2.88 -27.42 17.28
C LEU A 277 -2.21 -28.57 16.50
N MET A 278 -2.98 -29.58 16.16
CA MET A 278 -2.51 -30.70 15.31
C MET A 278 -2.03 -30.09 13.98
N ILE A 279 -2.86 -29.24 13.35
CA ILE A 279 -2.55 -28.61 12.04
C ILE A 279 -1.34 -27.68 12.22
N TYR A 280 -1.25 -26.94 13.31
CA TYR A 280 -0.11 -26.03 13.59
C TYR A 280 1.19 -26.83 13.63
N PHE A 281 1.25 -27.84 14.48
CA PHE A 281 2.52 -28.57 14.75
C PHE A 281 2.89 -29.40 13.54
N TYR A 282 1.92 -29.92 12.77
CA TYR A 282 2.20 -30.86 11.65
C TYR A 282 1.90 -30.23 10.28
N ARG A 283 1.97 -28.88 10.20
CA ARG A 283 1.56 -28.08 9.01
C ARG A 283 2.30 -28.50 7.74
N GLU A 284 3.55 -28.98 7.82
CA GLU A 284 4.35 -29.37 6.62
C GLU A 284 3.83 -30.68 6.06
N GLU A 285 3.11 -31.51 6.83
CA GLU A 285 2.50 -32.75 6.28
C GLU A 285 1.56 -32.35 5.15
N PRO A 286 1.67 -32.98 3.96
CA PRO A 286 0.90 -32.56 2.79
C PRO A 286 -0.57 -32.24 3.05
N ARG A 287 -1.28 -33.09 3.78
CA ARG A 287 -2.75 -32.92 3.97
C ARG A 287 -3.04 -31.74 4.88
N PHE A 288 -2.02 -31.23 5.60
CA PHE A 288 -2.20 -30.10 6.55
C PHE A 288 -1.73 -28.77 5.97
N GLN A 289 -1.05 -28.75 4.81
CA GLN A 289 -0.43 -27.51 4.27
C GLN A 289 -1.52 -26.47 4.01
N VAL A 290 -2.53 -26.82 3.23
CA VAL A 290 -3.58 -25.83 2.87
C VAL A 290 -4.46 -25.55 4.08
N PRO A 291 -4.87 -26.56 4.88
CA PRO A 291 -5.55 -26.29 6.14
C PRO A 291 -4.80 -25.27 7.05
N PHE A 292 -3.48 -25.37 7.11
CA PHE A 292 -2.67 -24.41 7.88
C PHE A 292 -2.88 -23.00 7.31
N GLN A 293 -2.83 -22.86 5.99
CA GLN A 293 -3.09 -21.59 5.28
C GLN A 293 -4.48 -21.07 5.65
N LEU A 294 -5.46 -21.96 5.78
CA LEU A 294 -6.84 -21.52 6.10
C LEU A 294 -6.82 -20.93 7.51
N LEU A 295 -6.17 -21.60 8.46
CA LEU A 295 -6.19 -21.12 9.85
C LEU A 295 -5.53 -19.75 9.87
N THR A 296 -4.41 -19.61 9.16
CA THR A 296 -3.66 -18.33 9.02
C THR A 296 -4.60 -17.24 8.46
N SER A 297 -5.40 -17.59 7.46
CA SER A 297 -6.33 -16.66 6.78
C SER A 297 -7.43 -16.18 7.74
N LEU A 298 -7.97 -17.08 8.57
CA LEU A 298 -9.03 -16.73 9.54
C LEU A 298 -8.47 -15.72 10.55
N MET A 299 -7.24 -15.94 11.03
CA MET A 299 -6.55 -14.95 11.90
C MET A 299 -6.39 -13.64 11.13
N ASP A 300 -5.96 -13.68 9.87
CA ASP A 300 -5.75 -12.46 9.04
C ASP A 300 -7.05 -11.65 9.01
N ILE A 301 -8.19 -12.33 8.84
CA ILE A 301 -9.51 -11.67 8.72
C ILE A 301 -9.84 -10.97 10.03
N ASP A 302 -9.66 -11.63 11.16
CA ASP A 302 -9.84 -11.04 12.50
C ASP A 302 -8.93 -9.82 12.65
N SER A 303 -7.63 -9.94 12.33
CA SER A 303 -6.69 -8.79 12.43
C SER A 303 -7.21 -7.62 11.61
N LEU A 304 -7.63 -7.85 10.36
CA LEU A 304 -7.97 -6.75 9.43
C LEU A 304 -9.32 -6.14 9.83
N MET A 305 -10.26 -6.94 10.32
CA MET A 305 -11.53 -6.39 10.84
C MET A 305 -11.16 -5.41 11.97
N THR A 306 -10.27 -5.78 12.88
CA THR A 306 -10.02 -4.91 14.06
C THR A 306 -9.23 -3.70 13.57
N LYS A 307 -8.36 -3.86 12.57
CA LYS A 307 -7.65 -2.69 11.95
C LYS A 307 -8.69 -1.76 11.30
N TRP A 308 -9.72 -2.32 10.66
CA TRP A 308 -10.82 -1.50 10.09
C TRP A 308 -11.43 -0.73 11.24
N ARG A 309 -11.79 -1.41 12.33
CA ARG A 309 -12.44 -0.75 13.51
C ARG A 309 -11.51 0.35 14.03
N TYR A 310 -10.20 0.10 14.09
CA TYR A 310 -9.22 1.04 14.65
C TYR A 310 -9.10 2.26 13.72
N ASN A 311 -8.96 2.07 12.41
CA ASN A 311 -8.84 3.22 11.46
C ASN A 311 -10.15 4.01 11.48
N HIS A 312 -11.30 3.39 11.65
CA HIS A 312 -12.61 4.09 11.74
C HIS A 312 -12.56 5.02 12.96
N VAL A 313 -12.21 4.48 14.13
CA VAL A 313 -12.02 5.23 15.40
C VAL A 313 -11.07 6.43 15.16
N CYS A 314 -9.83 6.19 14.75
CA CYS A 314 -8.79 7.22 14.48
C CYS A 314 -9.38 8.37 13.65
N MET A 315 -10.35 8.11 12.77
CA MET A 315 -10.93 9.12 11.86
C MET A 315 -12.11 9.82 12.52
N VAL A 316 -13.05 9.09 13.11
CA VAL A 316 -14.14 9.68 13.95
C VAL A 316 -13.56 10.67 14.98
N HIS A 317 -12.45 10.37 15.64
CA HIS A 317 -11.72 11.33 16.53
C HIS A 317 -11.43 12.64 15.78
N ARG A 318 -10.83 12.56 14.60
CA ARG A 318 -10.40 13.74 13.80
C ARG A 318 -11.64 14.56 13.42
N MET A 319 -12.79 13.92 13.20
CA MET A 319 -13.98 14.57 12.61
C MET A 319 -14.85 15.18 13.71
N LEU A 320 -14.95 14.56 14.88
CA LEU A 320 -15.96 14.88 15.92
C LEU A 320 -15.35 15.25 17.27
N GLY A 321 -14.10 14.87 17.57
CA GLY A 321 -13.48 15.01 18.91
C GLY A 321 -14.06 14.01 19.91
N SER A 322 -14.29 14.41 21.16
CA SER A 322 -14.72 13.49 22.24
C SER A 322 -16.26 13.41 22.36
N LYS A 323 -17.01 13.73 21.29
CA LYS A 323 -18.47 14.03 21.34
C LYS A 323 -19.28 12.76 21.01
N SER A 330 -21.24 9.10 24.27
CA SER A 330 -19.94 8.51 23.87
C SER A 330 -19.70 8.77 22.38
N GLY A 331 -20.08 7.82 21.50
CA GLY A 331 -19.57 7.73 20.11
C GLY A 331 -18.13 7.22 20.04
N TYR A 332 -17.15 8.12 19.99
CA TYR A 332 -15.69 7.86 19.99
C TYR A 332 -15.30 6.84 21.07
N HIS A 333 -15.97 6.77 22.21
CA HIS A 333 -15.64 5.84 23.33
C HIS A 333 -16.21 4.43 23.06
N TYR A 334 -17.46 4.30 22.58
CA TYR A 334 -18.09 2.99 22.26
C TYR A 334 -17.27 2.27 21.18
N LEU A 335 -16.91 3.02 20.13
CA LEU A 335 -16.13 2.47 18.99
C LEU A 335 -14.80 1.94 19.53
N ARG A 336 -14.10 2.72 20.37
CA ARG A 336 -12.81 2.33 20.99
C ARG A 336 -12.94 0.98 21.72
N SER A 337 -14.12 0.67 22.26
CA SER A 337 -14.35 -0.59 23.01
C SER A 337 -14.63 -1.75 22.05
N THR A 338 -14.93 -1.47 20.76
CA THR A 338 -15.09 -2.52 19.72
C THR A 338 -13.72 -3.00 19.25
N VAL A 339 -12.66 -2.24 19.57
CA VAL A 339 -11.25 -2.58 19.18
C VAL A 339 -10.63 -3.44 20.27
N SER A 340 -11.21 -4.58 20.61
CA SER A 340 -10.68 -5.50 21.66
C SER A 340 -10.80 -6.94 21.16
N ASP A 341 -10.19 -7.87 21.88
CA ASP A 341 -10.19 -9.32 21.55
C ASP A 341 -11.59 -9.90 21.79
N ARG A 342 -12.46 -9.16 22.45
CA ARG A 342 -13.87 -9.54 22.67
C ARG A 342 -14.56 -9.65 21.30
N TYR A 343 -14.07 -8.99 20.24
CA TYR A 343 -14.70 -9.01 18.88
C TYR A 343 -13.95 -9.93 17.89
N LYS A 344 -12.79 -10.49 18.28
CA LYS A 344 -11.99 -11.46 17.47
C LYS A 344 -12.60 -12.87 17.62
N VAL A 345 -13.35 -13.30 16.63
CA VAL A 345 -14.07 -14.60 16.58
C VAL A 345 -13.08 -15.76 16.69
N PHE A 346 -11.86 -15.61 16.18
CA PHE A 346 -10.88 -16.72 16.13
C PHE A 346 -9.72 -16.40 17.07
N VAL A 347 -10.00 -15.70 18.16
CA VAL A 347 -8.99 -15.39 19.23
C VAL A 347 -8.26 -16.67 19.66
N ASP A 348 -8.94 -17.82 19.67
CA ASP A 348 -8.33 -19.12 20.05
C ASP A 348 -7.13 -19.41 19.16
N LEU A 349 -7.23 -19.10 17.87
CA LEU A 349 -6.16 -19.40 16.88
C LEU A 349 -4.95 -18.51 17.18
N PHE A 350 -5.15 -17.26 17.59
CA PHE A 350 -4.04 -16.38 18.06
C PHE A 350 -3.38 -16.97 19.31
N ASN A 351 -4.20 -17.42 20.25
CA ASN A 351 -3.76 -17.77 21.63
C ASN A 351 -3.11 -19.15 21.66
N LEU A 352 -3.19 -19.92 20.58
CA LEU A 352 -2.40 -21.17 20.46
C LEU A 352 -0.90 -20.87 20.57
N SER A 353 -0.44 -19.69 20.19
CA SER A 353 0.97 -19.25 20.33
C SER A 353 1.43 -19.33 21.79
N THR A 354 0.55 -19.14 22.76
CA THR A 354 0.85 -19.29 24.22
C THR A 354 1.39 -20.71 24.52
N TYR A 355 0.94 -21.73 23.81
CA TYR A 355 1.20 -23.17 24.08
C TYR A 355 2.23 -23.75 23.10
N LEU A 356 3.08 -22.92 22.49
CA LEU A 356 4.20 -23.41 21.64
C LEU A 356 5.30 -23.98 22.53
N ILE A 357 5.93 -25.05 22.02
CA ILE A 357 6.92 -25.87 22.77
C ILE A 357 8.12 -26.09 21.87
N PRO A 358 9.29 -26.48 22.42
CA PRO A 358 10.44 -26.78 21.58
C PRO A 358 10.06 -27.88 20.57
N ARG A 359 10.68 -27.83 19.39
CA ARG A 359 10.42 -28.77 18.27
C ARG A 359 10.55 -30.22 18.75
N HIS A 360 11.62 -30.57 19.49
CA HIS A 360 11.94 -31.98 19.85
C HIS A 360 10.90 -32.53 20.85
N TRP A 361 9.97 -31.73 21.37
CA TRP A 361 8.87 -32.21 22.23
C TRP A 361 7.67 -32.65 21.39
N ILE A 362 7.58 -32.24 20.15
CA ILE A 362 6.36 -32.53 19.33
C ILE A 362 6.39 -34.02 19.03
N PRO A 363 5.32 -34.77 19.35
CA PRO A 363 5.30 -36.21 19.10
C PRO A 363 5.72 -36.52 17.67
N LYS A 364 6.73 -37.37 17.50
CA LYS A 364 7.25 -37.80 16.18
C LYS A 364 6.15 -38.59 15.47
N MET A 365 6.18 -38.54 14.14
CA MET A 365 5.26 -39.31 13.25
C MET A 365 5.98 -40.55 12.70
N ASN A 366 5.52 -41.74 13.08
CA ASN A 366 5.95 -43.06 12.54
C ASN A 366 5.51 -43.22 11.09
N PRO A 367 6.18 -44.08 10.26
CA PRO A 367 5.83 -44.24 8.85
C PRO A 367 4.35 -44.46 8.47
N THR A 368 3.53 -45.04 9.36
CA THR A 368 2.09 -45.37 9.10
C THR A 368 1.26 -44.09 9.00
N ILE A 369 1.49 -43.13 9.90
CA ILE A 369 0.68 -41.87 10.03
C ILE A 369 1.21 -40.79 9.07
N HIS A 370 2.52 -40.80 8.73
CA HIS A 370 3.10 -40.01 7.61
C HIS A 370 2.32 -40.29 6.32
N LYS A 371 1.94 -41.56 6.09
CA LYS A 371 1.28 -42.10 4.86
C LYS A 371 -0.21 -41.73 4.84
N PHE A 372 -0.87 -41.65 6.02
CA PHE A 372 -2.30 -41.25 6.16
C PHE A 372 -2.46 -39.77 5.75
N LEU A 373 -1.45 -38.94 6.04
CA LEU A 373 -1.44 -37.45 5.80
C LEU A 373 -0.70 -37.12 4.49
N GLU A 374 -0.71 -38.06 3.53
CA GLU A 374 -0.21 -37.94 2.14
C GLU A 374 -1.44 -37.99 1.23
N HIS A 375 -1.70 -36.88 0.54
CA HIS A 375 -2.69 -36.84 -0.55
C HIS A 375 -2.65 -38.18 -1.29
N GLY B 22 -39.28 8.05 12.18
CA GLY B 22 -38.33 7.83 11.05
C GLY B 22 -37.93 9.14 10.35
N GLY B 23 -36.71 9.63 10.64
CA GLY B 23 -36.00 10.68 9.87
C GLY B 23 -35.19 10.07 8.74
N LEU B 24 -33.90 10.44 8.60
CA LEU B 24 -33.01 9.90 7.54
C LEU B 24 -32.38 8.56 7.97
N ILE B 25 -32.34 7.59 7.05
CA ILE B 25 -31.85 6.19 7.25
C ILE B 25 -30.65 5.97 6.32
N TYR B 26 -29.54 5.46 6.87
CA TYR B 26 -28.30 5.03 6.16
C TYR B 26 -28.60 4.51 4.75
N GLY B 27 -29.33 3.42 4.65
CA GLY B 27 -29.66 2.77 3.37
C GLY B 27 -30.27 3.75 2.39
N ASN B 28 -31.17 4.61 2.88
CA ASN B 28 -31.94 5.54 2.01
C ASN B 28 -31.02 6.68 1.57
N TYR B 29 -30.27 7.26 2.52
CA TYR B 29 -29.30 8.35 2.28
C TYR B 29 -28.34 7.97 1.14
N LEU B 30 -27.87 6.72 1.15
CA LEU B 30 -26.83 6.21 0.20
C LEU B 30 -27.48 5.53 -0.99
N HIS B 31 -28.80 5.52 -1.09
CA HIS B 31 -29.55 4.90 -2.23
C HIS B 31 -29.01 3.48 -2.42
N LEU B 32 -28.88 2.73 -1.32
CA LEU B 32 -28.40 1.33 -1.37
C LEU B 32 -29.41 0.44 -2.07
N GLU B 33 -30.68 0.86 -2.17
CA GLU B 33 -31.70 0.15 -3.00
C GLU B 33 -31.23 0.09 -4.46
N LYS B 34 -30.40 1.04 -4.91
CA LYS B 34 -29.82 1.01 -6.27
C LYS B 34 -28.45 0.32 -6.25
N VAL B 35 -27.57 0.76 -5.35
CA VAL B 35 -26.14 0.34 -5.36
C VAL B 35 -26.04 -1.17 -5.15
N LEU B 36 -26.82 -1.73 -4.21
CA LEU B 36 -26.74 -3.17 -3.84
C LEU B 36 -27.80 -4.00 -4.58
N ASN B 37 -28.45 -3.47 -5.62
CA ASN B 37 -29.32 -4.26 -6.53
C ASN B 37 -28.91 -3.97 -7.95
N ALA B 38 -27.61 -3.97 -8.23
CA ALA B 38 -27.02 -3.66 -9.55
C ALA B 38 -26.09 -4.79 -9.97
N GLN B 39 -26.20 -5.95 -9.32
CA GLN B 39 -25.27 -7.08 -9.54
C GLN B 39 -26.01 -8.24 -10.20
N GLU B 40 -25.93 -8.35 -11.52
CA GLU B 40 -26.57 -9.42 -12.33
C GLU B 40 -25.48 -10.20 -13.06
N LEU B 41 -25.20 -11.43 -12.63
CA LEU B 41 -24.17 -12.30 -13.27
C LEU B 41 -24.73 -12.83 -14.58
N GLN B 42 -24.19 -12.42 -15.73
CA GLN B 42 -24.56 -12.99 -17.05
C GLN B 42 -24.45 -14.52 -17.02
N SER B 43 -23.44 -15.09 -16.37
CA SER B 43 -23.29 -16.57 -16.25
C SER B 43 -24.58 -17.17 -15.63
N GLU B 44 -25.15 -16.54 -14.60
CA GLU B 44 -26.38 -17.04 -13.92
C GLU B 44 -27.58 -16.85 -14.86
N THR B 45 -27.64 -15.69 -15.52
CA THR B 45 -28.73 -15.30 -16.45
C THR B 45 -28.80 -16.30 -17.61
N LYS B 46 -27.72 -17.01 -17.95
CA LYS B 46 -27.73 -18.11 -18.96
C LYS B 46 -27.51 -19.47 -18.28
N GLY B 47 -28.00 -19.61 -17.03
CA GLY B 47 -28.16 -20.89 -16.31
C GLY B 47 -26.87 -21.65 -16.05
N ASN B 48 -25.72 -20.95 -15.96
CA ASN B 48 -24.39 -21.54 -15.60
C ASN B 48 -23.59 -20.57 -14.70
N LYS B 49 -24.13 -20.22 -13.53
CA LYS B 49 -23.54 -19.28 -12.54
C LYS B 49 -22.08 -19.66 -12.26
N ILE B 50 -21.15 -18.70 -12.44
CA ILE B 50 -19.70 -18.81 -12.11
C ILE B 50 -19.38 -17.83 -10.94
N HIS B 51 -18.89 -18.34 -9.82
CA HIS B 51 -18.71 -17.58 -8.56
C HIS B 51 -17.97 -16.25 -8.80
N ASP B 52 -16.83 -16.31 -9.50
CA ASP B 52 -15.89 -15.17 -9.58
C ASP B 52 -16.47 -14.04 -10.44
N GLU B 53 -17.48 -14.27 -11.26
CA GLU B 53 -18.10 -13.17 -12.04
C GLU B 53 -18.58 -12.06 -11.10
N HIS B 54 -19.06 -12.41 -9.92
CA HIS B 54 -19.54 -11.41 -8.91
C HIS B 54 -18.42 -10.43 -8.59
N LEU B 55 -17.21 -10.94 -8.35
CA LEU B 55 -16.00 -10.11 -8.06
C LEU B 55 -15.69 -9.19 -9.25
N PHE B 56 -15.76 -9.72 -10.45
CA PHE B 56 -15.51 -8.95 -11.70
C PHE B 56 -16.45 -7.73 -11.73
N ILE B 57 -17.70 -7.91 -11.35
CA ILE B 57 -18.72 -6.82 -11.44
C ILE B 57 -18.46 -5.78 -10.35
N ILE B 58 -18.36 -6.21 -9.10
CA ILE B 58 -18.16 -5.28 -7.96
C ILE B 58 -16.89 -4.46 -8.24
N THR B 59 -15.81 -5.10 -8.70
CA THR B 59 -14.52 -4.40 -8.91
C THR B 59 -14.77 -3.26 -9.89
N HIS B 60 -15.39 -3.52 -11.04
CA HIS B 60 -15.70 -2.45 -12.04
C HIS B 60 -16.61 -1.38 -11.44
N GLN B 61 -17.62 -1.78 -10.69
CA GLN B 61 -18.56 -0.81 -10.07
C GLN B 61 -17.80 0.09 -9.10
N ALA B 62 -16.87 -0.47 -8.34
CA ALA B 62 -16.08 0.32 -7.38
C ALA B 62 -15.21 1.32 -8.15
N TYR B 63 -14.54 0.85 -9.21
CA TYR B 63 -13.74 1.75 -10.10
C TYR B 63 -14.64 2.89 -10.59
N GLU B 64 -15.86 2.60 -11.01
CA GLU B 64 -16.79 3.61 -11.62
C GLU B 64 -17.30 4.58 -10.55
N LEU B 65 -17.55 4.14 -9.31
CA LEU B 65 -17.88 5.09 -8.21
C LEU B 65 -16.73 6.08 -8.06
N TRP B 66 -15.48 5.59 -8.06
CA TRP B 66 -14.31 6.46 -7.82
C TRP B 66 -14.06 7.36 -9.03
N PHE B 67 -14.28 6.89 -10.25
CA PHE B 67 -14.19 7.73 -11.46
C PHE B 67 -15.18 8.89 -11.31
N LYS B 68 -16.41 8.61 -10.87
CA LYS B 68 -17.44 9.66 -10.68
C LYS B 68 -16.92 10.69 -9.69
N GLN B 69 -16.34 10.24 -8.59
CA GLN B 69 -15.76 11.16 -7.56
C GLN B 69 -14.63 11.98 -8.18
N ILE B 70 -13.78 11.37 -9.00
CA ILE B 70 -12.63 12.10 -9.59
C ILE B 70 -13.20 13.18 -10.51
N LEU B 71 -14.22 12.84 -11.31
CA LEU B 71 -14.89 13.81 -12.21
C LEU B 71 -15.47 14.95 -11.39
N TRP B 72 -16.03 14.65 -10.23
CA TRP B 72 -16.64 15.66 -9.34
C TRP B 72 -15.60 16.66 -8.88
N GLU B 73 -14.45 16.18 -8.43
CA GLU B 73 -13.34 17.03 -7.92
C GLU B 73 -12.79 17.85 -9.11
N LEU B 74 -12.53 17.17 -10.20
CA LEU B 74 -11.92 17.73 -11.43
C LEU B 74 -12.81 18.82 -12.02
N ASP B 75 -14.12 18.57 -12.18
CA ASP B 75 -15.06 19.60 -12.73
C ASP B 75 -15.11 20.79 -11.75
N SER B 76 -15.10 20.55 -10.44
CA SER B 76 -15.12 21.65 -9.45
C SER B 76 -13.88 22.53 -9.63
N VAL B 77 -12.74 21.93 -9.97
CA VAL B 77 -11.44 22.66 -10.04
C VAL B 77 -11.40 23.39 -11.38
N ARG B 78 -11.71 22.70 -12.48
CA ARG B 78 -11.95 23.32 -13.81
C ARG B 78 -12.80 24.59 -13.63
N GLU B 79 -13.91 24.51 -12.90
CA GLU B 79 -14.89 25.62 -12.75
C GLU B 79 -14.23 26.79 -11.99
N ILE B 80 -13.43 26.54 -10.97
CA ILE B 80 -12.75 27.60 -10.19
C ILE B 80 -11.78 28.38 -11.09
N PHE B 81 -11.15 27.72 -12.07
CA PHE B 81 -10.28 28.41 -13.06
C PHE B 81 -11.18 29.17 -14.04
N GLN B 82 -12.17 28.50 -14.61
CA GLN B 82 -13.03 29.00 -15.72
C GLN B 82 -13.82 30.24 -15.30
N ASN B 83 -14.24 30.35 -14.04
CA ASN B 83 -15.08 31.47 -13.55
C ASN B 83 -14.21 32.56 -12.92
N GLY B 84 -12.89 32.42 -12.93
CA GLY B 84 -11.94 33.44 -12.45
C GLY B 84 -11.69 33.42 -10.94
N HIS B 85 -12.37 32.57 -10.17
CA HIS B 85 -12.15 32.49 -8.70
C HIS B 85 -10.68 32.15 -8.39
N VAL B 86 -10.01 31.41 -9.27
CA VAL B 86 -8.57 31.05 -9.05
C VAL B 86 -7.73 32.32 -8.91
N ARG B 87 -8.18 33.46 -9.45
CA ARG B 87 -7.41 34.73 -9.43
C ARG B 87 -7.25 35.19 -7.99
N ASP B 88 -8.27 34.92 -7.15
CA ASP B 88 -8.23 35.19 -5.70
C ASP B 88 -7.47 34.03 -5.04
N GLU B 89 -6.26 34.31 -4.58
CA GLU B 89 -5.30 33.28 -4.10
C GLU B 89 -5.81 32.64 -2.81
N ARG B 90 -6.89 33.15 -2.23
CA ARG B 90 -7.56 32.55 -1.04
C ARG B 90 -7.97 31.12 -1.43
N ASN B 91 -8.21 30.88 -2.73
CA ASN B 91 -8.85 29.64 -3.22
C ASN B 91 -7.82 28.54 -3.54
N MET B 92 -6.52 28.80 -3.39
CA MET B 92 -5.48 27.84 -3.85
C MET B 92 -5.42 26.64 -2.89
N LEU B 93 -5.75 26.84 -1.60
CA LEU B 93 -5.77 25.70 -0.66
C LEU B 93 -6.83 24.69 -1.11
N LYS B 94 -8.00 25.17 -1.49
CA LYS B 94 -9.13 24.35 -1.98
C LYS B 94 -8.67 23.62 -3.25
N VAL B 95 -8.04 24.33 -4.18
CA VAL B 95 -7.63 23.76 -5.48
C VAL B 95 -6.61 22.64 -5.25
N VAL B 96 -5.57 22.90 -4.47
CA VAL B 96 -4.51 21.89 -4.21
C VAL B 96 -5.07 20.71 -3.40
N SER B 97 -5.96 20.92 -2.44
CA SER B 97 -6.60 19.84 -1.64
C SER B 97 -7.34 18.89 -2.56
N ARG B 98 -8.12 19.42 -3.49
CA ARG B 98 -8.98 18.60 -4.35
C ARG B 98 -8.12 17.85 -5.35
N MET B 99 -7.10 18.50 -5.90
CA MET B 99 -6.18 17.84 -6.87
C MET B 99 -5.38 16.78 -6.12
N HIS B 100 -4.93 17.09 -4.89
CA HIS B 100 -4.30 16.07 -4.02
C HIS B 100 -5.26 14.90 -3.76
N ARG B 101 -6.53 15.20 -3.49
CA ARG B 101 -7.56 14.17 -3.24
C ARG B 101 -7.65 13.27 -4.46
N VAL B 102 -7.64 13.84 -5.65
CA VAL B 102 -7.71 13.03 -6.90
C VAL B 102 -6.56 12.02 -6.90
N SER B 103 -5.36 12.42 -6.52
CA SER B 103 -4.20 11.51 -6.58
C SER B 103 -4.30 10.46 -5.48
N VAL B 104 -4.85 10.79 -4.32
CA VAL B 104 -5.09 9.79 -3.24
C VAL B 104 -6.09 8.74 -3.73
N ILE B 105 -7.14 9.17 -4.42
CA ILE B 105 -8.14 8.24 -5.01
C ILE B 105 -7.41 7.37 -6.03
N LEU B 106 -6.63 7.95 -6.94
CA LEU B 106 -5.94 7.18 -8.01
C LEU B 106 -4.99 6.18 -7.36
N LYS B 107 -4.32 6.55 -6.27
CA LYS B 107 -3.41 5.63 -5.55
C LYS B 107 -4.21 4.39 -5.14
N LEU B 108 -5.42 4.57 -4.60
CA LEU B 108 -6.25 3.43 -4.17
C LEU B 108 -6.68 2.62 -5.39
N LEU B 109 -7.04 3.29 -6.48
CA LEU B 109 -7.47 2.58 -7.71
C LEU B 109 -6.33 1.71 -8.25
N VAL B 110 -5.08 2.15 -8.11
CA VAL B 110 -3.90 1.34 -8.52
C VAL B 110 -3.81 0.12 -7.59
N GLN B 111 -3.97 0.31 -6.27
CA GLN B 111 -3.96 -0.80 -5.28
C GLN B 111 -5.13 -1.75 -5.52
N GLN B 112 -6.25 -1.23 -6.02
CA GLN B 112 -7.49 -2.02 -6.16
C GLN B 112 -7.30 -3.20 -7.14
N PHE B 113 -6.32 -3.12 -8.05
CA PHE B 113 -6.01 -4.24 -8.98
C PHE B 113 -5.66 -5.50 -8.19
N SER B 114 -5.07 -5.33 -7.01
CA SER B 114 -4.66 -6.46 -6.16
C SER B 114 -5.86 -7.38 -5.89
N ILE B 115 -7.07 -6.82 -5.77
CA ILE B 115 -8.28 -7.64 -5.49
C ILE B 115 -8.58 -8.51 -6.69
N LEU B 116 -8.57 -7.94 -7.90
CA LEU B 116 -8.95 -8.70 -9.10
C LEU B 116 -7.86 -9.72 -9.44
N GLU B 117 -6.63 -9.51 -8.98
CA GLU B 117 -5.53 -10.50 -9.17
C GLU B 117 -5.78 -11.76 -8.32
N THR B 118 -6.72 -11.76 -7.35
CA THR B 118 -7.10 -12.98 -6.61
C THR B 118 -8.00 -13.88 -7.47
N MET B 119 -8.44 -13.43 -8.65
CA MET B 119 -9.14 -14.25 -9.66
C MET B 119 -8.11 -14.88 -10.59
N THR B 120 -8.08 -16.20 -10.73
CA THR B 120 -7.13 -16.88 -11.66
C THR B 120 -7.62 -16.70 -13.11
N ALA B 121 -6.73 -16.86 -14.06
CA ALA B 121 -7.07 -16.82 -15.50
C ALA B 121 -8.08 -17.94 -15.81
N LEU B 122 -7.93 -19.10 -15.17
CA LEU B 122 -8.79 -20.29 -15.44
C LEU B 122 -10.22 -19.96 -15.00
N ASP B 123 -10.36 -19.33 -13.84
CA ASP B 123 -11.69 -18.99 -13.26
C ASP B 123 -12.35 -17.89 -14.11
N PHE B 124 -11.56 -16.93 -14.58
CA PHE B 124 -12.02 -15.85 -15.47
C PHE B 124 -12.52 -16.45 -16.78
N ASN B 125 -11.75 -17.40 -17.31
CA ASN B 125 -12.05 -18.13 -18.56
C ASN B 125 -13.42 -18.82 -18.49
N ASP B 126 -13.88 -19.24 -17.30
CA ASP B 126 -15.19 -19.93 -17.14
C ASP B 126 -16.38 -18.99 -17.38
N PHE B 127 -16.24 -17.66 -17.32
CA PHE B 127 -17.39 -16.74 -17.54
C PHE B 127 -17.10 -15.69 -18.63
N ARG B 128 -15.87 -15.60 -19.09
CA ARG B 128 -15.44 -14.61 -20.12
C ARG B 128 -16.40 -14.64 -21.33
N GLU B 129 -16.75 -15.84 -21.82
CA GLU B 129 -17.62 -16.03 -23.02
C GLU B 129 -18.87 -15.14 -22.88
N TYR B 130 -19.50 -15.12 -21.72
CA TYR B 130 -20.82 -14.47 -21.47
C TYR B 130 -20.77 -12.94 -21.49
N LEU B 131 -19.60 -12.33 -21.66
CA LEU B 131 -19.42 -10.86 -21.54
C LEU B 131 -19.41 -10.20 -22.92
N SER B 132 -18.94 -10.91 -23.93
CA SER B 132 -18.77 -10.45 -25.33
C SER B 132 -19.98 -9.64 -25.78
N PRO B 133 -19.82 -8.53 -26.54
CA PRO B 133 -18.50 -7.95 -26.85
C PRO B 133 -18.18 -6.69 -26.05
N ALA B 134 -18.66 -6.58 -24.80
CA ALA B 134 -18.45 -5.43 -23.88
C ALA B 134 -16.96 -5.31 -23.51
N SER B 135 -16.48 -4.10 -23.22
CA SER B 135 -15.22 -3.87 -22.46
C SER B 135 -15.12 -2.43 -21.95
N GLY B 136 -14.08 -2.16 -21.15
CA GLY B 136 -13.73 -0.85 -20.57
C GLY B 136 -13.63 0.25 -21.61
N PHE B 137 -13.38 -0.09 -22.86
CA PHE B 137 -13.45 0.81 -24.04
C PHE B 137 -14.78 1.58 -24.05
N GLN B 138 -15.81 0.99 -23.44
CA GLN B 138 -17.17 1.59 -23.36
C GLN B 138 -17.36 2.29 -22.03
N SER B 139 -16.29 2.49 -21.22
CA SER B 139 -16.40 3.28 -19.97
C SER B 139 -16.50 4.75 -20.37
N LEU B 140 -17.70 5.29 -20.29
CA LEU B 140 -17.95 6.72 -20.55
C LEU B 140 -17.06 7.54 -19.61
N GLN B 141 -17.07 7.22 -18.31
CA GLN B 141 -16.42 8.08 -17.29
C GLN B 141 -14.90 8.08 -17.53
N PHE B 142 -14.31 6.95 -17.92
CA PHE B 142 -12.84 6.91 -18.16
C PHE B 142 -12.47 7.91 -19.26
N ARG B 143 -13.29 8.00 -20.32
CA ARG B 143 -13.03 8.90 -21.47
C ARG B 143 -13.28 10.35 -21.02
N LEU B 144 -14.39 10.61 -20.33
CA LEU B 144 -14.66 11.95 -19.77
C LEU B 144 -13.43 12.41 -18.98
N LEU B 145 -12.86 11.51 -18.19
CA LEU B 145 -11.72 11.83 -17.30
C LEU B 145 -10.47 12.16 -18.14
N GLU B 146 -10.10 11.31 -19.08
CA GLU B 146 -8.99 11.53 -20.05
C GLU B 146 -9.18 12.90 -20.73
N ASN B 147 -10.35 13.13 -21.30
CA ASN B 147 -10.63 14.36 -22.07
C ASN B 147 -10.49 15.59 -21.14
N LYS B 148 -11.11 15.55 -19.97
CA LYS B 148 -11.21 16.72 -19.08
C LYS B 148 -9.82 17.06 -18.55
N ILE B 149 -8.92 16.09 -18.40
CA ILE B 149 -7.54 16.42 -17.93
C ILE B 149 -6.82 17.11 -19.10
N GLY B 150 -6.94 16.55 -20.29
CA GLY B 150 -6.47 17.19 -21.53
C GLY B 150 -5.75 16.22 -22.46
N VAL B 151 -6.12 14.93 -22.48
CA VAL B 151 -5.58 14.00 -23.50
C VAL B 151 -6.07 14.49 -24.86
N LEU B 152 -5.15 14.75 -25.80
CA LEU B 152 -5.52 15.31 -27.13
C LEU B 152 -5.89 14.20 -28.12
N GLN B 153 -6.91 14.44 -28.94
CA GLN B 153 -7.56 13.38 -29.78
C GLN B 153 -6.53 12.76 -30.74
N ASN B 154 -5.71 13.54 -31.45
CA ASN B 154 -4.83 13.01 -32.54
C ASN B 154 -3.59 12.30 -31.95
N MET B 155 -3.33 12.45 -30.64
CA MET B 155 -2.22 11.73 -29.94
C MET B 155 -2.69 10.38 -29.38
N ARG B 156 -4.00 10.10 -29.39
CA ARG B 156 -4.56 8.77 -29.01
C ARG B 156 -4.12 7.72 -30.04
N VAL B 157 -3.69 6.55 -29.54
CA VAL B 157 -3.25 5.39 -30.36
C VAL B 157 -4.50 4.81 -31.05
N PRO B 158 -4.42 4.46 -32.36
CA PRO B 158 -5.52 3.76 -33.06
C PRO B 158 -5.84 2.35 -32.52
N TYR B 159 -7.07 1.89 -32.75
CA TYR B 159 -7.73 0.74 -32.07
C TYR B 159 -7.68 0.99 -30.55
N TYR B 164 -12.21 6.17 -31.05
CA TYR B 164 -12.61 5.68 -29.70
C TYR B 164 -14.10 6.03 -29.42
N ARG B 165 -14.64 7.06 -30.06
CA ARG B 165 -16.00 7.61 -29.77
C ARG B 165 -17.11 6.79 -30.46
N ASP B 166 -16.76 5.87 -31.37
CA ASP B 166 -17.71 5.05 -32.16
C ASP B 166 -18.53 4.17 -31.21
N ASN B 167 -17.95 3.77 -30.07
CA ASN B 167 -18.55 2.83 -29.09
C ASN B 167 -19.79 3.46 -28.42
N PHE B 168 -20.01 4.77 -28.56
CA PHE B 168 -21.00 5.55 -27.77
C PHE B 168 -22.02 6.21 -28.70
N LYS B 169 -23.26 6.36 -28.20
CA LYS B 169 -24.47 6.82 -28.95
C LYS B 169 -25.25 7.80 -28.06
N GLY B 170 -26.16 8.58 -28.66
CA GLY B 170 -27.16 9.38 -27.92
C GLY B 170 -26.53 10.40 -26.99
N GLU B 171 -27.13 10.61 -25.81
CA GLU B 171 -26.74 11.63 -24.80
C GLU B 171 -25.30 11.38 -24.29
N GLU B 172 -24.84 10.12 -24.30
CA GLU B 172 -23.43 9.76 -23.96
C GLU B 172 -22.47 10.32 -25.02
N ASN B 173 -22.77 10.10 -26.29
CA ASN B 173 -21.95 10.67 -27.40
C ASN B 173 -21.92 12.20 -27.26
N GLU B 174 -23.02 12.81 -26.81
CA GLU B 174 -23.14 14.30 -26.68
C GLU B 174 -22.21 14.76 -25.54
N LEU B 175 -22.30 14.15 -24.36
CA LEU B 175 -21.41 14.43 -23.19
C LEU B 175 -19.93 14.30 -23.61
N LEU B 176 -19.59 13.24 -24.35
CA LEU B 176 -18.18 13.04 -24.79
C LEU B 176 -17.74 14.22 -25.63
N LEU B 177 -18.61 14.73 -26.49
CA LEU B 177 -18.28 15.87 -27.38
C LEU B 177 -17.97 17.10 -26.50
N LYS B 178 -18.89 17.47 -25.62
CA LYS B 178 -18.73 18.59 -24.66
C LYS B 178 -17.37 18.47 -23.95
N SER B 179 -16.96 17.26 -23.54
CA SER B 179 -15.70 17.03 -22.79
C SER B 179 -14.50 17.31 -23.70
N GLU B 180 -14.65 17.16 -25.02
CA GLU B 180 -13.56 17.46 -25.99
C GLU B 180 -13.52 18.95 -26.30
N GLN B 181 -14.66 19.63 -26.23
CA GLN B 181 -14.83 21.05 -26.64
C GLN B 181 -14.63 22.01 -25.46
N GLU B 182 -15.16 21.65 -24.28
CA GLU B 182 -15.03 22.47 -23.04
C GLU B 182 -13.55 22.58 -22.67
N LYS B 183 -13.20 23.63 -21.93
CA LYS B 183 -11.80 23.89 -21.56
C LYS B 183 -11.32 22.72 -20.68
N THR B 184 -10.17 22.14 -21.03
CA THR B 184 -9.52 21.09 -20.24
C THR B 184 -8.76 21.71 -19.05
N LEU B 185 -8.41 20.88 -18.08
CA LEU B 185 -7.54 21.29 -16.96
C LEU B 185 -6.20 21.82 -17.52
N LEU B 186 -5.62 21.17 -18.53
CA LEU B 186 -4.37 21.63 -19.18
C LEU B 186 -4.52 23.08 -19.68
N GLU B 187 -5.61 23.37 -20.40
CA GLU B 187 -5.88 24.73 -20.98
C GLU B 187 -6.04 25.75 -19.84
N LEU B 188 -6.78 25.40 -18.79
CA LEU B 188 -7.08 26.35 -17.70
C LEU B 188 -5.81 26.62 -16.89
N VAL B 189 -5.01 25.59 -16.64
CA VAL B 189 -3.69 25.73 -15.94
C VAL B 189 -2.76 26.57 -16.84
N GLU B 190 -2.71 26.30 -18.14
CA GLU B 190 -1.93 27.09 -19.13
C GLU B 190 -2.23 28.60 -18.99
N ALA B 191 -3.50 28.99 -19.12
CA ALA B 191 -3.97 30.39 -19.00
C ALA B 191 -3.44 31.00 -17.70
N TRP B 192 -3.68 30.32 -16.59
CA TRP B 192 -3.25 30.77 -15.23
C TRP B 192 -1.72 30.90 -15.20
N LEU B 193 -0.99 29.95 -15.79
CA LEU B 193 0.50 29.95 -15.78
C LEU B 193 1.01 31.17 -16.57
N GLU B 194 0.31 31.58 -17.64
CA GLU B 194 0.68 32.76 -18.47
C GLU B 194 0.61 34.04 -17.62
N ARG B 195 -0.28 34.12 -16.62
CA ARG B 195 -0.40 35.32 -15.75
C ARG B 195 0.56 35.25 -14.56
N THR B 196 1.46 34.28 -14.49
CA THR B 196 2.37 34.15 -13.33
C THR B 196 3.10 35.48 -13.13
N PRO B 197 3.12 36.04 -11.91
CA PRO B 197 3.92 37.23 -11.63
C PRO B 197 5.42 37.00 -11.85
N GLY B 198 6.08 37.99 -12.46
CA GLY B 198 7.56 38.01 -12.62
C GLY B 198 7.98 37.88 -14.07
N LEU B 199 7.03 37.59 -14.96
CA LEU B 199 7.33 37.36 -16.40
C LEU B 199 7.38 38.69 -17.15
N GLU B 200 6.84 39.76 -16.59
CA GLU B 200 6.64 41.06 -17.29
C GLU B 200 8.02 41.63 -17.65
N PRO B 201 8.33 41.84 -18.94
CA PRO B 201 9.62 42.43 -19.34
C PRO B 201 9.96 43.77 -18.65
N HIS B 202 8.94 44.61 -18.37
CA HIS B 202 9.11 45.92 -17.71
C HIS B 202 9.00 45.77 -16.19
N GLY B 203 8.89 44.53 -15.67
CA GLY B 203 8.90 44.19 -14.24
C GLY B 203 10.16 43.42 -13.87
N PHE B 204 10.03 42.29 -13.17
CA PHE B 204 11.15 41.41 -12.78
C PHE B 204 11.87 40.87 -14.03
N ASN B 205 11.15 40.62 -15.11
CA ASN B 205 11.76 40.23 -16.41
C ASN B 205 12.54 38.93 -16.22
N PHE B 206 11.89 37.91 -15.65
CA PHE B 206 12.49 36.59 -15.32
C PHE B 206 13.23 36.06 -16.56
N TRP B 207 12.55 36.03 -17.71
CA TRP B 207 13.04 35.32 -18.93
C TRP B 207 14.31 35.97 -19.45
N GLY B 208 14.35 37.31 -19.49
CA GLY B 208 15.53 38.08 -19.93
C GLY B 208 16.69 37.84 -18.99
N LYS B 209 16.47 37.98 -17.69
CA LYS B 209 17.54 37.77 -16.68
C LYS B 209 18.07 36.33 -16.77
N LEU B 210 17.21 35.35 -17.06
CA LEU B 210 17.57 33.93 -17.01
C LEU B 210 18.49 33.65 -18.20
N GLU B 211 18.09 34.14 -19.38
CA GLU B 211 18.88 34.00 -20.63
C GLU B 211 20.27 34.60 -20.38
N LYS B 212 20.32 35.81 -19.83
CA LYS B 212 21.58 36.52 -19.52
C LYS B 212 22.40 35.64 -18.57
N ASN B 213 21.81 35.17 -17.49
CA ASN B 213 22.57 34.47 -16.41
C ASN B 213 23.08 33.11 -16.91
N ILE B 214 22.29 32.41 -17.72
CA ILE B 214 22.70 31.08 -18.26
C ILE B 214 23.82 31.33 -19.29
N THR B 215 23.66 32.31 -20.16
CA THR B 215 24.65 32.70 -21.20
C THR B 215 25.97 33.05 -20.48
N ARG B 216 25.93 33.90 -19.46
CA ARG B 216 27.12 34.28 -18.67
C ARG B 216 27.69 33.02 -17.99
N GLY B 217 26.85 32.21 -17.34
CA GLY B 217 27.30 31.03 -16.56
C GLY B 217 28.02 30.02 -17.46
N LEU B 218 27.51 29.79 -18.66
CA LEU B 218 28.12 28.88 -19.66
C LEU B 218 29.49 29.46 -20.08
N GLU B 219 29.56 30.76 -20.43
CA GLU B 219 30.82 31.46 -20.79
C GLU B 219 31.86 31.21 -19.68
N GLU B 220 31.52 31.44 -18.40
CA GLU B 220 32.50 31.30 -17.29
C GLU B 220 33.05 29.87 -17.25
N GLU B 221 32.15 28.91 -17.51
CA GLU B 221 32.40 27.45 -17.43
C GLU B 221 33.33 27.04 -18.60
N PHE B 222 33.10 27.56 -19.81
CA PHE B 222 33.94 27.26 -21.00
C PHE B 222 35.39 27.71 -20.75
N ILE B 223 35.56 28.87 -20.11
CA ILE B 223 36.88 29.47 -19.76
C ILE B 223 37.58 28.54 -18.75
N ARG B 224 36.89 28.14 -17.68
CA ARG B 224 37.43 27.25 -16.63
C ARG B 224 37.99 25.96 -17.29
N ILE B 225 37.32 25.49 -18.34
CA ILE B 225 37.63 24.22 -19.07
C ILE B 225 38.82 24.45 -20.02
N GLN B 226 38.82 25.53 -20.80
CA GLN B 226 39.88 25.80 -21.82
C GLN B 226 41.24 26.07 -21.15
N ALA B 227 41.23 26.34 -19.83
CA ALA B 227 42.43 26.52 -19.00
C ALA B 227 43.12 25.15 -18.82
N LYS B 228 42.36 24.10 -18.57
CA LYS B 228 42.89 22.74 -18.28
C LYS B 228 43.87 22.28 -19.37
N GLU B 229 44.93 21.58 -18.96
CA GLU B 229 46.02 21.08 -19.86
C GLU B 229 45.41 19.99 -20.76
N GLU B 230 45.58 20.14 -22.09
CA GLU B 230 45.06 19.23 -23.14
C GLU B 230 45.16 17.79 -22.62
N SER B 231 44.06 17.04 -22.68
CA SER B 231 43.94 15.66 -22.13
C SER B 231 42.80 14.93 -22.85
N GLU B 232 42.40 13.76 -22.35
CA GLU B 232 41.20 13.01 -22.84
C GLU B 232 40.02 13.32 -21.88
N GLU B 233 40.30 13.49 -20.59
CA GLU B 233 39.30 13.86 -19.56
C GLU B 233 38.76 15.27 -19.83
N LYS B 234 39.62 16.17 -20.33
CA LYS B 234 39.25 17.55 -20.75
C LYS B 234 38.29 17.50 -21.95
N GLU B 235 38.61 16.69 -22.96
CA GLU B 235 37.80 16.62 -24.20
C GLU B 235 36.41 16.07 -23.87
N GLU B 236 36.32 15.15 -22.93
CA GLU B 236 35.02 14.48 -22.57
C GLU B 236 34.18 15.49 -21.77
N GLN B 237 34.82 16.48 -21.14
CA GLN B 237 34.16 17.65 -20.47
C GLN B 237 33.64 18.67 -21.52
N VAL B 238 34.42 18.96 -22.57
CA VAL B 238 34.02 19.84 -23.71
C VAL B 238 32.76 19.25 -24.36
N ALA B 239 32.74 17.94 -24.64
CA ALA B 239 31.59 17.26 -25.27
C ALA B 239 30.37 17.40 -24.37
N GLU B 240 30.59 17.30 -23.05
CA GLU B 240 29.54 17.33 -22.01
C GLU B 240 28.99 18.78 -21.91
N PHE B 241 29.90 19.75 -21.87
CA PHE B 241 29.58 21.20 -21.90
C PHE B 241 28.74 21.53 -23.12
N GLN B 242 29.18 21.12 -24.32
CA GLN B 242 28.55 21.51 -25.60
C GLN B 242 27.13 20.94 -25.61
N LYS B 243 26.94 19.78 -24.98
CA LYS B 243 25.64 19.08 -24.87
C LYS B 243 24.72 19.91 -23.97
N GLN B 244 25.22 20.25 -22.77
CA GLN B 244 24.55 21.10 -21.77
C GLN B 244 24.16 22.45 -22.38
N LYS B 245 25.09 23.12 -23.07
CA LYS B 245 24.89 24.44 -23.74
C LYS B 245 23.72 24.34 -24.72
N GLU B 246 23.72 23.33 -25.58
CA GLU B 246 22.67 23.14 -26.61
C GLU B 246 21.32 23.04 -25.91
N VAL B 247 21.25 22.25 -24.84
CA VAL B 247 19.97 21.94 -24.13
C VAL B 247 19.45 23.23 -23.48
N LEU B 248 20.30 23.90 -22.71
CA LEU B 248 19.87 25.09 -21.93
C LEU B 248 19.49 26.20 -22.90
N LEU B 249 20.31 26.47 -23.91
CA LEU B 249 20.04 27.61 -24.80
C LEU B 249 18.79 27.32 -25.64
N SER B 250 18.45 26.04 -25.88
CA SER B 250 17.25 25.64 -26.66
C SER B 250 15.97 26.14 -25.97
N LEU B 251 16.04 26.32 -24.66
CA LEU B 251 14.92 26.89 -23.85
C LEU B 251 14.46 28.23 -24.43
N PHE B 252 15.40 29.04 -24.92
CA PHE B 252 15.17 30.44 -25.41
C PHE B 252 14.82 30.44 -26.90
N ASP B 253 14.73 29.28 -27.54
CA ASP B 253 14.33 29.16 -28.96
C ASP B 253 12.79 29.02 -29.01
N GLU B 254 12.09 30.15 -29.07
CA GLU B 254 10.60 30.16 -29.14
C GLU B 254 10.11 29.40 -30.39
N LYS B 255 10.86 29.44 -31.48
CA LYS B 255 10.49 28.82 -32.77
C LYS B 255 10.47 27.29 -32.62
N ARG B 256 11.51 26.73 -32.01
CA ARG B 256 11.63 25.27 -31.73
C ARG B 256 10.42 24.84 -30.89
N HIS B 257 10.02 25.69 -29.94
CA HIS B 257 8.89 25.40 -29.03
C HIS B 257 7.59 25.31 -29.84
N GLU B 258 7.33 26.26 -30.76
CA GLU B 258 6.11 26.24 -31.63
C GLU B 258 6.10 24.99 -32.51
N HIS B 259 7.25 24.61 -33.06
CA HIS B 259 7.38 23.42 -33.96
C HIS B 259 6.99 22.20 -33.12
N LEU B 260 7.61 22.02 -31.95
CA LEU B 260 7.35 20.87 -31.03
C LEU B 260 5.90 20.89 -30.54
N LEU B 261 5.29 22.06 -30.31
CA LEU B 261 3.85 22.17 -29.96
C LEU B 261 2.99 21.49 -31.03
N SER B 262 3.16 21.85 -32.30
CA SER B 262 2.37 21.35 -33.46
C SER B 262 2.63 19.85 -33.71
N LYS B 263 3.83 19.33 -33.41
CA LYS B 263 4.12 17.87 -33.43
C LYS B 263 3.53 17.17 -32.19
N GLY B 264 2.90 17.91 -31.28
CA GLY B 264 2.37 17.40 -30.00
C GLY B 264 3.42 16.80 -29.08
N GLU B 265 4.71 17.13 -29.23
CA GLU B 265 5.77 16.68 -28.29
C GLU B 265 5.81 17.61 -27.07
N ARG B 266 5.20 18.79 -27.18
CA ARG B 266 4.96 19.74 -26.06
C ARG B 266 3.49 20.16 -26.12
N ARG B 267 2.96 20.69 -25.00
CA ARG B 267 1.51 20.95 -24.82
C ARG B 267 1.24 22.38 -24.32
N LEU B 268 2.15 22.94 -23.52
CA LEU B 268 1.98 24.28 -22.92
C LEU B 268 2.50 25.35 -23.88
N SER B 269 1.78 26.45 -24.01
CA SER B 269 2.27 27.72 -24.61
C SER B 269 3.68 28.00 -24.08
N TYR B 270 4.51 28.69 -24.86
CA TYR B 270 5.86 29.16 -24.44
C TYR B 270 5.74 29.94 -23.13
N ARG B 271 4.71 30.77 -23.02
CA ARG B 271 4.63 31.70 -21.87
C ARG B 271 4.22 30.89 -20.63
N ALA B 272 3.35 29.91 -20.78
CA ALA B 272 2.94 29.03 -19.66
C ALA B 272 4.18 28.28 -19.13
N LEU B 273 5.02 27.81 -20.04
CA LEU B 273 6.30 27.14 -19.68
C LEU B 273 7.15 28.07 -18.81
N GLN B 274 7.16 29.36 -19.13
CA GLN B 274 7.95 30.36 -18.38
C GLN B 274 7.43 30.47 -16.95
N GLY B 275 6.11 30.58 -16.81
CA GLY B 275 5.43 30.63 -15.50
C GLY B 275 5.76 29.41 -14.67
N ALA B 276 5.73 28.23 -15.27
CA ALA B 276 5.96 26.97 -14.54
C ALA B 276 7.38 27.03 -13.96
N LEU B 277 8.34 27.48 -14.77
CA LEU B 277 9.76 27.46 -14.35
C LEU B 277 9.97 28.56 -13.29
N MET B 278 9.25 29.67 -13.43
CA MET B 278 9.25 30.76 -12.45
C MET B 278 8.84 30.14 -11.09
N ILE B 279 7.74 29.40 -11.07
CA ILE B 279 7.19 28.77 -9.84
C ILE B 279 8.18 27.72 -9.32
N TYR B 280 8.82 26.95 -10.19
CA TYR B 280 9.84 25.96 -9.78
C TYR B 280 10.99 26.64 -9.06
N PHE B 281 11.60 27.61 -9.72
CA PHE B 281 12.84 28.23 -9.21
C PHE B 281 12.53 29.04 -7.96
N TYR B 282 11.35 29.66 -7.87
CA TYR B 282 11.03 30.60 -6.76
C TYR B 282 9.97 30.01 -5.82
N ARG B 283 9.85 28.67 -5.75
CA ARG B 283 8.82 27.93 -5.01
C ARG B 283 8.77 28.30 -3.51
N GLU B 284 9.88 28.66 -2.88
CA GLU B 284 9.88 29.02 -1.44
C GLU B 284 9.21 30.38 -1.21
N GLU B 285 9.12 31.24 -2.22
CA GLU B 285 8.43 32.54 -2.08
C GLU B 285 6.99 32.26 -1.67
N PRO B 286 6.47 32.92 -0.62
CA PRO B 286 5.14 32.64 -0.12
C PRO B 286 4.06 32.46 -1.20
N ARG B 287 3.99 33.35 -2.18
CA ARG B 287 2.89 33.32 -3.19
C ARG B 287 3.07 32.13 -4.13
N PHE B 288 4.25 31.52 -4.14
CA PHE B 288 4.57 30.38 -5.04
C PHE B 288 4.47 29.01 -4.34
N GLN B 289 4.35 28.98 -3.01
CA GLN B 289 4.43 27.72 -2.23
C GLN B 289 3.29 26.79 -2.67
N VAL B 290 2.06 27.25 -2.59
CA VAL B 290 0.92 26.36 -2.90
C VAL B 290 0.86 26.13 -4.41
N PRO B 291 1.08 27.14 -5.26
CA PRO B 291 1.20 26.89 -6.71
C PRO B 291 2.24 25.81 -7.06
N PHE B 292 3.37 25.77 -6.37
CA PHE B 292 4.37 24.70 -6.56
C PHE B 292 3.73 23.36 -6.22
N GLN B 293 3.03 23.26 -5.10
CA GLN B 293 2.28 22.04 -4.68
C GLN B 293 1.30 21.64 -5.77
N LEU B 294 0.64 22.62 -6.40
CA LEU B 294 -0.34 22.32 -7.47
C LEU B 294 0.40 21.66 -8.64
N LEU B 295 1.52 22.25 -9.05
CA LEU B 295 2.25 21.72 -10.23
C LEU B 295 2.67 20.29 -9.90
N THR B 296 3.17 20.06 -8.69
CA THR B 296 3.59 18.73 -8.19
C THR B 296 2.41 17.75 -8.28
N SER B 297 1.25 18.19 -7.88
CA SER B 297 0.01 17.37 -7.86
C SER B 297 -0.41 17.00 -9.28
N LEU B 298 -0.31 17.92 -10.25
CA LEU B 298 -0.65 17.66 -11.67
C LEU B 298 0.27 16.55 -12.21
N MET B 299 1.56 16.64 -11.92
CA MET B 299 2.53 15.56 -12.29
C MET B 299 2.14 14.26 -11.58
N ASP B 300 1.78 14.31 -10.30
CA ASP B 300 1.37 13.10 -9.54
C ASP B 300 0.20 12.43 -10.28
N ILE B 301 -0.76 13.21 -10.77
CA ILE B 301 -2.00 12.68 -11.41
C ILE B 301 -1.60 11.98 -12.71
N ASP B 302 -0.74 12.59 -13.51
CA ASP B 302 -0.18 11.96 -14.74
C ASP B 302 0.52 10.64 -14.35
N SER B 303 1.40 10.66 -13.36
CA SER B 303 2.11 9.44 -12.90
C SER B 303 1.09 8.35 -12.56
N LEU B 304 0.07 8.67 -11.77
CA LEU B 304 -0.84 7.64 -11.23
C LEU B 304 -1.76 7.13 -12.34
N MET B 305 -2.19 7.99 -13.27
CA MET B 305 -2.97 7.53 -14.44
C MET B 305 -2.12 6.49 -15.17
N THR B 306 -0.84 6.76 -15.40
CA THR B 306 -0.04 5.86 -16.25
C THR B 306 0.22 4.58 -15.45
N LYS B 307 0.37 4.68 -14.12
CA LYS B 307 0.48 3.50 -13.23
C LYS B 307 -0.81 2.68 -13.32
N TRP B 308 -1.97 3.33 -13.34
CA TRP B 308 -3.26 2.63 -13.52
C TRP B 308 -3.18 1.87 -14.83
N ARG B 309 -2.78 2.54 -15.92
CA ARG B 309 -2.70 1.90 -17.26
C ARG B 309 -1.73 0.70 -17.20
N TYR B 310 -0.61 0.88 -16.50
CA TYR B 310 0.42 -0.18 -16.42
C TYR B 310 -0.10 -1.36 -15.61
N ASN B 311 -0.71 -1.14 -14.45
CA ASN B 311 -1.24 -2.26 -13.61
C ASN B 311 -2.36 -2.97 -14.38
N HIS B 312 -3.16 -2.26 -15.15
CA HIS B 312 -4.22 -2.87 -16.00
C HIS B 312 -3.57 -3.84 -16.99
N VAL B 313 -2.58 -3.37 -17.75
CA VAL B 313 -1.76 -4.17 -18.71
C VAL B 313 -1.20 -5.41 -18.00
N CYS B 314 -0.40 -5.25 -16.94
CA CYS B 314 0.22 -6.36 -16.16
C CYS B 314 -0.83 -7.44 -15.84
N MET B 315 -2.10 -7.07 -15.65
CA MET B 315 -3.16 -8.03 -15.25
C MET B 315 -3.80 -8.66 -16.49
N VAL B 316 -4.18 -7.85 -17.49
CA VAL B 316 -4.64 -8.37 -18.81
C VAL B 316 -3.69 -9.43 -19.36
N HIS B 317 -2.37 -9.26 -19.25
CA HIS B 317 -1.36 -10.29 -19.63
C HIS B 317 -1.66 -11.61 -18.91
N ARG B 318 -1.84 -11.56 -17.58
CA ARG B 318 -2.05 -12.79 -16.78
C ARG B 318 -3.37 -13.46 -17.19
N MET B 319 -4.38 -12.68 -17.60
CA MET B 319 -5.76 -13.18 -17.80
C MET B 319 -5.94 -13.73 -19.21
N LEU B 320 -5.29 -13.13 -20.22
CA LEU B 320 -5.56 -13.42 -21.65
C LEU B 320 -4.33 -13.93 -22.39
N GLY B 321 -3.10 -13.66 -21.92
CA GLY B 321 -1.86 -13.93 -22.68
C GLY B 321 -1.68 -12.99 -23.87
N SER B 322 -1.15 -13.50 -24.98
CA SER B 322 -0.95 -12.74 -26.23
C SER B 322 -2.17 -12.90 -27.17
N LYS B 323 -3.38 -13.08 -26.62
CA LYS B 323 -4.67 -13.09 -27.37
C LYS B 323 -5.27 -11.68 -27.38
N ALA B 324 -6.26 -11.48 -28.26
CA ALA B 324 -6.92 -10.18 -28.63
C ALA B 324 -7.76 -9.64 -27.46
N GLY B 325 -9.09 -9.49 -27.59
CA GLY B 325 -9.92 -8.86 -26.55
C GLY B 325 -11.39 -9.24 -26.69
N SER B 330 -5.39 -6.46 -31.12
CA SER B 330 -4.13 -6.96 -30.51
C SER B 330 -4.31 -7.12 -28.99
N GLY B 331 -5.07 -6.22 -28.35
CA GLY B 331 -5.46 -6.26 -26.92
C GLY B 331 -4.34 -5.82 -25.99
N TYR B 332 -3.67 -6.79 -25.36
CA TYR B 332 -2.45 -6.63 -24.52
C TYR B 332 -1.41 -5.68 -25.18
N HIS B 333 -1.31 -5.62 -26.53
CA HIS B 333 -0.31 -4.78 -27.23
C HIS B 333 -0.80 -3.31 -27.32
N TYR B 334 -2.08 -3.06 -27.62
CA TYR B 334 -2.65 -1.68 -27.71
C TYR B 334 -2.52 -0.98 -26.35
N LEU B 335 -2.88 -1.69 -25.28
CA LEU B 335 -2.83 -1.18 -23.90
C LEU B 335 -1.39 -0.78 -23.59
N ARG B 336 -0.42 -1.65 -23.88
CA ARG B 336 1.04 -1.40 -23.66
C ARG B 336 1.44 -0.07 -24.31
N SER B 337 0.82 0.30 -25.42
CA SER B 337 1.18 1.55 -26.16
C SER B 337 0.49 2.77 -25.53
N THR B 338 -0.49 2.58 -24.64
CA THR B 338 -1.12 3.68 -23.86
C THR B 338 -0.22 4.06 -22.70
N VAL B 339 0.76 3.23 -22.37
CA VAL B 339 1.73 3.49 -21.26
C VAL B 339 2.93 4.24 -21.84
N SER B 340 2.73 5.40 -22.47
CA SER B 340 3.83 6.21 -23.07
C SER B 340 3.60 7.67 -22.72
N ASP B 341 4.59 8.52 -22.98
CA ASP B 341 4.54 9.97 -22.66
C ASP B 341 3.55 10.67 -23.63
N ARG B 342 3.13 9.98 -24.68
CA ARG B 342 2.04 10.44 -25.60
C ARG B 342 0.76 10.70 -24.78
N TYR B 343 0.56 10.05 -23.63
CA TYR B 343 -0.68 10.15 -22.80
C TYR B 343 -0.48 11.00 -21.52
N LYS B 344 0.74 11.49 -21.25
CA LYS B 344 1.06 12.41 -20.11
C LYS B 344 0.75 13.85 -20.54
N VAL B 345 -0.40 14.37 -20.11
CA VAL B 345 -0.92 15.74 -20.39
C VAL B 345 0.08 16.80 -19.89
N PHE B 346 0.77 16.55 -18.78
CA PHE B 346 1.65 17.56 -18.14
C PHE B 346 3.11 17.14 -18.33
N VAL B 347 3.43 16.46 -19.43
CA VAL B 347 4.85 16.13 -19.83
C VAL B 347 5.77 17.35 -19.67
N ASP B 348 5.30 18.55 -20.01
CA ASP B 348 6.15 19.78 -19.96
C ASP B 348 6.64 19.98 -18.52
N LEU B 349 5.80 19.70 -17.53
CA LEU B 349 6.14 19.87 -16.10
C LEU B 349 7.22 18.87 -15.69
N PHE B 350 7.16 17.64 -16.20
CA PHE B 350 8.22 16.62 -15.96
C PHE B 350 9.53 17.11 -16.58
N ASN B 351 9.45 17.62 -17.80
CA ASN B 351 10.65 17.87 -18.65
C ASN B 351 11.32 19.19 -18.26
N LEU B 352 10.74 19.98 -17.36
CA LEU B 352 11.41 21.15 -16.77
C LEU B 352 12.68 20.72 -16.02
N SER B 353 12.73 19.50 -15.49
CA SER B 353 13.94 18.92 -14.84
C SER B 353 15.15 18.91 -15.79
N THR B 354 14.93 18.77 -17.11
CA THR B 354 16.01 18.84 -18.14
C THR B 354 16.77 20.18 -18.04
N TYR B 355 16.10 21.28 -17.67
CA TYR B 355 16.63 22.67 -17.73
C TYR B 355 17.00 23.19 -16.34
N LEU B 356 17.34 22.30 -15.40
CA LEU B 356 17.84 22.71 -14.06
C LEU B 356 19.30 23.18 -14.17
N ILE B 357 19.64 24.19 -13.41
CA ILE B 357 20.92 24.97 -13.50
C ILE B 357 21.46 25.15 -12.09
N PRO B 358 22.75 25.49 -11.93
CA PRO B 358 23.29 25.73 -10.59
C PRO B 358 22.44 26.82 -9.92
N ARG B 359 22.31 26.77 -8.59
CA ARG B 359 21.50 27.72 -7.80
C ARG B 359 21.94 29.17 -8.11
N HIS B 360 23.25 29.46 -8.13
CA HIS B 360 23.77 30.85 -8.20
C HIS B 360 23.50 31.44 -9.60
N TRP B 361 23.00 30.66 -10.57
CA TRP B 361 22.60 31.19 -11.91
C TRP B 361 21.18 31.71 -11.89
N ILE B 362 20.37 31.33 -10.91
CA ILE B 362 18.94 31.74 -10.90
C ILE B 362 18.93 33.24 -10.59
N PRO B 363 18.26 34.07 -11.40
CA PRO B 363 18.20 35.51 -11.15
C PRO B 363 17.78 35.79 -9.70
N LYS B 364 18.58 36.57 -8.98
CA LYS B 364 18.34 36.93 -7.56
C LYS B 364 17.05 37.75 -7.49
N MET B 365 16.36 37.68 -6.35
CA MET B 365 15.23 38.56 -6.00
C MET B 365 15.68 39.69 -5.07
N ASN B 366 15.65 40.93 -5.57
CA ASN B 366 15.86 42.20 -4.82
C ASN B 366 14.68 42.45 -3.87
N PRO B 367 14.83 43.24 -2.79
CA PRO B 367 13.75 43.49 -1.83
C PRO B 367 12.36 43.92 -2.37
N THR B 368 12.28 44.55 -3.55
CA THR B 368 11.02 45.05 -4.18
C THR B 368 10.13 43.87 -4.60
N ILE B 369 10.73 42.86 -5.23
CA ILE B 369 10.00 41.71 -5.87
C ILE B 369 9.77 40.61 -4.81
N HIS B 370 10.63 40.49 -3.79
CA HIS B 370 10.38 39.67 -2.56
C HIS B 370 9.04 40.08 -1.95
N LYS B 371 8.72 41.39 -1.94
CA LYS B 371 7.54 42.04 -1.30
C LYS B 371 6.28 41.81 -2.16
N PHE B 372 6.42 41.77 -3.49
CA PHE B 372 5.30 41.52 -4.45
C PHE B 372 4.78 40.09 -4.25
N LEU B 373 5.68 39.14 -3.91
CA LEU B 373 5.41 37.67 -3.77
C LEU B 373 5.24 37.28 -2.29
N GLY C 23 36.89 7.40 -9.67
CA GLY C 23 36.01 8.19 -8.79
C GLY C 23 35.17 7.31 -7.88
N LEU C 24 33.93 7.71 -7.60
CA LEU C 24 33.09 7.14 -6.51
C LEU C 24 32.29 5.92 -7.03
N ILE C 25 32.21 4.87 -6.20
CA ILE C 25 31.53 3.57 -6.49
C ILE C 25 30.33 3.41 -5.54
N TYR C 26 29.19 3.06 -6.12
CA TYR C 26 27.89 2.80 -5.42
C TYR C 26 28.12 2.15 -4.05
N GLY C 27 28.72 0.97 -4.01
CA GLY C 27 28.93 0.22 -2.76
C GLY C 27 29.66 1.06 -1.73
N ASN C 28 30.64 1.84 -2.16
CA ASN C 28 31.52 2.62 -1.25
C ASN C 28 30.75 3.84 -0.76
N TYR C 29 30.09 4.55 -1.68
CA TYR C 29 29.23 5.72 -1.38
C TYR C 29 28.23 5.37 -0.25
N LEU C 30 27.62 4.18 -0.31
CA LEU C 30 26.55 3.71 0.59
C LEU C 30 27.13 2.94 1.79
N HIS C 31 28.45 2.79 1.87
CA HIS C 31 29.13 2.05 2.96
C HIS C 31 28.45 0.69 3.13
N LEU C 32 28.26 -0.01 2.00
CA LEU C 32 27.63 -1.35 2.01
C LEU C 32 28.55 -2.35 2.72
N GLU C 33 29.86 -2.07 2.81
CA GLU C 33 30.81 -2.92 3.58
C GLU C 33 30.36 -2.98 5.04
N LYS C 34 29.63 -1.97 5.54
CA LYS C 34 29.06 -2.02 6.90
C LYS C 34 27.64 -2.60 6.86
N VAL C 35 26.79 -2.04 6.00
CA VAL C 35 25.32 -2.32 5.99
C VAL C 35 25.08 -3.81 5.73
N LEU C 36 25.79 -4.41 4.78
CA LEU C 36 25.58 -5.81 4.33
C LEU C 36 26.57 -6.77 5.01
N ASN C 37 27.26 -6.35 6.08
CA ASN C 37 28.06 -7.28 6.93
C ASN C 37 27.68 -7.02 8.38
N ALA C 38 26.38 -6.90 8.66
CA ALA C 38 25.83 -6.59 9.99
C ALA C 38 24.78 -7.64 10.36
N GLN C 39 24.80 -8.78 9.66
CA GLN C 39 23.77 -9.84 9.79
C GLN C 39 24.42 -11.07 10.41
N GLU C 40 24.32 -11.20 11.73
CA GLU C 40 24.84 -12.35 12.53
C GLU C 40 23.65 -13.00 13.22
N LEU C 41 23.25 -14.18 12.73
CA LEU C 41 22.17 -15.00 13.35
C LEU C 41 22.71 -15.62 14.64
N GLN C 42 22.20 -15.20 15.80
CA GLN C 42 22.53 -15.86 17.10
C GLN C 42 22.29 -17.38 16.98
N SER C 43 21.21 -17.83 16.34
CA SER C 43 20.96 -19.28 16.15
C SER C 43 22.19 -19.95 15.49
N GLU C 44 22.80 -19.33 14.48
CA GLU C 44 23.99 -19.87 13.75
C GLU C 44 25.20 -19.86 14.69
N THR C 45 25.37 -18.75 15.41
CA THR C 45 26.49 -18.51 16.35
C THR C 45 26.49 -19.58 17.45
N LYS C 46 25.36 -20.22 17.75
CA LYS C 46 25.28 -21.36 18.71
C LYS C 46 24.97 -22.66 17.96
N GLY C 47 25.44 -22.77 16.71
CA GLY C 47 25.48 -24.01 15.89
C GLY C 47 24.11 -24.62 15.60
N ASN C 48 23.04 -23.82 15.59
CA ASN C 48 21.66 -24.27 15.23
C ASN C 48 20.94 -23.20 14.38
N LYS C 49 21.51 -22.85 13.23
CA LYS C 49 21.00 -21.80 12.28
C LYS C 49 19.52 -22.03 11.99
N ILE C 50 18.67 -21.02 12.23
CA ILE C 50 17.21 -21.00 11.88
C ILE C 50 16.97 -19.96 10.77
N HIS C 51 16.48 -20.39 9.60
CA HIS C 51 16.35 -19.57 8.37
C HIS C 51 15.69 -18.20 8.69
N ASP C 52 14.55 -18.19 9.41
CA ASP C 52 13.69 -17.00 9.53
C ASP C 52 14.37 -15.93 10.41
N GLU C 53 15.38 -16.28 11.22
CA GLU C 53 16.07 -15.28 12.07
C GLU C 53 16.64 -14.19 11.16
N HIS C 54 17.09 -14.52 9.95
CA HIS C 54 17.66 -13.54 8.99
C HIS C 54 16.63 -12.45 8.71
N LEU C 55 15.37 -12.82 8.44
CA LEU C 55 14.26 -11.88 8.22
C LEU C 55 14.04 -11.00 9.45
N PHE C 56 14.08 -11.58 10.63
CA PHE C 56 13.90 -10.85 11.91
C PHE C 56 14.92 -9.71 11.99
N ILE C 57 16.15 -10.00 11.61
CA ILE C 57 17.26 -9.00 11.73
C ILE C 57 17.09 -7.89 10.68
N ILE C 58 16.97 -8.25 9.40
CA ILE C 58 16.83 -7.26 8.30
C ILE C 58 15.63 -6.35 8.61
N THR C 59 14.51 -6.91 9.06
CA THR C 59 13.28 -6.12 9.33
C THR C 59 13.61 -5.03 10.33
N HIS C 60 14.19 -5.39 11.49
CA HIS C 60 14.59 -4.41 12.53
C HIS C 60 15.59 -3.40 11.95
N GLN C 61 16.57 -3.86 11.19
CA GLN C 61 17.60 -2.96 10.63
C GLN C 61 16.95 -1.94 9.70
N ALA C 62 15.99 -2.37 8.88
CA ALA C 62 15.28 -1.47 7.97
C ALA C 62 14.49 -0.45 8.79
N TYR C 63 13.76 -0.90 9.83
CA TYR C 63 13.04 0.03 10.74
C TYR C 63 14.03 1.06 11.28
N GLU C 64 15.23 0.65 11.70
CA GLU C 64 16.22 1.53 12.36
C GLU C 64 16.82 2.50 11.33
N LEU C 65 17.07 2.09 10.09
CA LEU C 65 17.49 3.02 9.01
C LEU C 65 16.43 4.13 8.89
N TRP C 66 15.15 3.76 8.85
CA TRP C 66 14.08 4.76 8.64
C TRP C 66 13.90 5.64 9.89
N PHE C 67 14.04 5.09 11.10
CA PHE C 67 14.00 5.90 12.34
C PHE C 67 15.10 6.97 12.24
N LYS C 68 16.31 6.57 11.81
CA LYS C 68 17.42 7.55 11.68
C LYS C 68 17.01 8.67 10.73
N GLN C 69 16.40 8.32 9.60
CA GLN C 69 15.94 9.32 8.61
C GLN C 69 14.87 10.20 9.24
N ILE C 70 13.95 9.64 10.01
CA ILE C 70 12.87 10.44 10.64
C ILE C 70 13.52 11.43 11.61
N LEU C 71 14.48 10.99 12.40
CA LEU C 71 15.24 11.85 13.35
C LEU C 71 15.92 12.97 12.57
N TRP C 72 16.47 12.65 11.40
CA TRP C 72 17.19 13.64 10.56
C TRP C 72 16.23 14.75 10.11
N GLU C 73 15.04 14.37 9.63
CA GLU C 73 14.01 15.33 9.16
C GLU C 73 13.55 16.15 10.36
N LEU C 74 13.18 15.46 11.43
CA LEU C 74 12.61 16.04 12.67
C LEU C 74 13.59 17.02 13.32
N ASP C 75 14.86 16.65 13.48
CA ASP C 75 15.88 17.56 14.07
C ASP C 75 16.04 18.78 13.14
N SER C 76 16.04 18.58 11.82
CA SER C 76 16.18 19.71 10.86
C SER C 76 15.02 20.69 11.05
N VAL C 77 13.83 20.19 11.37
CA VAL C 77 12.60 21.02 11.50
C VAL C 77 12.63 21.72 12.85
N ARG C 78 12.87 20.98 13.94
CA ARG C 78 13.16 21.54 15.29
C ARG C 78 14.13 22.73 15.14
N GLU C 79 15.22 22.54 14.40
CA GLU C 79 16.30 23.57 14.24
C GLU C 79 15.76 24.81 13.52
N ILE C 80 14.90 24.65 12.51
CA ILE C 80 14.32 25.79 11.74
C ILE C 80 13.45 26.64 12.67
N PHE C 81 12.76 26.02 13.64
CA PHE C 81 11.98 26.76 14.66
C PHE C 81 12.98 27.45 15.63
N GLN C 82 13.91 26.67 16.17
CA GLN C 82 14.79 27.09 17.29
C GLN C 82 15.72 28.25 16.87
N ASN C 83 16.15 28.30 15.61
CA ASN C 83 17.10 29.32 15.11
C ASN C 83 16.34 30.52 14.51
N GLY C 84 15.01 30.52 14.57
CA GLY C 84 14.15 31.63 14.14
C GLY C 84 13.83 31.66 12.65
N HIS C 85 14.42 30.78 11.82
CA HIS C 85 14.15 30.74 10.36
C HIS C 85 12.65 30.55 10.09
N VAL C 86 11.93 29.86 10.95
CA VAL C 86 10.46 29.64 10.75
C VAL C 86 9.75 31.00 10.66
N ARG C 87 10.31 32.06 11.22
CA ARG C 87 9.65 33.39 11.30
C ARG C 87 9.54 33.95 9.88
N ASP C 88 10.52 33.64 9.03
CA ASP C 88 10.52 33.95 7.58
C ASP C 88 9.64 32.91 6.89
N GLU C 89 8.47 33.35 6.42
CA GLU C 89 7.39 32.45 5.94
C GLU C 89 7.83 31.77 4.63
N ARG C 90 8.96 32.18 4.06
CA ARG C 90 9.44 31.53 2.83
C ARG C 90 9.87 30.11 3.19
N ASN C 91 10.04 29.80 4.47
CA ASN C 91 10.55 28.46 4.91
C ASN C 91 9.41 27.50 5.25
N MET C 92 8.15 27.89 5.12
CA MET C 92 7.01 27.02 5.51
C MET C 92 6.87 25.87 4.50
N LEU C 93 7.22 26.08 3.23
CA LEU C 93 7.14 24.97 2.25
C LEU C 93 8.13 23.88 2.68
N LYS C 94 9.35 24.25 3.07
CA LYS C 94 10.38 23.29 3.55
C LYS C 94 9.86 22.54 4.78
N VAL C 95 9.29 23.27 5.72
CA VAL C 95 8.80 22.68 7.00
C VAL C 95 7.68 21.67 6.70
N VAL C 96 6.67 22.06 5.95
CA VAL C 96 5.54 21.13 5.62
C VAL C 96 6.02 19.94 4.78
N SER C 97 6.94 20.12 3.83
CA SER C 97 7.52 19.02 3.00
C SER C 97 8.15 17.96 3.90
N ARG C 98 8.97 18.40 4.84
CA ARG C 98 9.75 17.47 5.67
C ARG C 98 8.83 16.77 6.66
N MET C 99 7.86 17.48 7.22
CA MET C 99 6.90 16.88 8.16
C MET C 99 6.03 15.90 7.36
N HIS C 100 5.61 16.26 6.16
CA HIS C 100 4.87 15.35 5.26
C HIS C 100 5.74 14.11 4.96
N ARG C 101 7.03 14.31 4.70
CA ARG C 101 7.98 13.21 4.40
C ARG C 101 8.00 12.25 5.59
N VAL C 102 8.01 12.78 6.80
CA VAL C 102 8.00 11.92 8.03
C VAL C 102 6.76 11.02 7.98
N SER C 103 5.59 11.54 7.61
CA SER C 103 4.33 10.77 7.52
C SER C 103 4.44 9.68 6.45
N VAL C 104 5.01 10.02 5.32
CA VAL C 104 5.17 9.04 4.20
C VAL C 104 6.08 7.90 4.67
N ILE C 105 7.17 8.22 5.38
CA ILE C 105 8.09 7.18 5.93
C ILE C 105 7.30 6.33 6.92
N LEU C 106 6.57 6.95 7.85
CA LEU C 106 5.82 6.21 8.89
C LEU C 106 4.80 5.31 8.21
N LYS C 107 4.16 5.77 7.14
CA LYS C 107 3.16 4.95 6.39
C LYS C 107 3.85 3.68 5.93
N LEU C 108 5.07 3.76 5.41
CA LEU C 108 5.81 2.56 4.93
C LEU C 108 6.13 1.68 6.14
N LEU C 109 6.57 2.27 7.24
CA LEU C 109 6.92 1.49 8.45
C LEU C 109 5.68 0.72 8.94
N VAL C 110 4.47 1.29 8.82
CA VAL C 110 3.21 0.59 9.17
C VAL C 110 3.02 -0.59 8.20
N GLN C 111 3.17 -0.38 6.89
CA GLN C 111 3.06 -1.45 5.87
C GLN C 111 4.15 -2.51 6.09
N GLN C 112 5.32 -2.12 6.61
CA GLN C 112 6.50 -3.03 6.67
C GLN C 112 6.20 -4.21 7.61
N PHE C 113 5.23 -4.10 8.53
CA PHE C 113 4.83 -5.20 9.43
C PHE C 113 4.35 -6.38 8.59
N SER C 114 3.79 -6.12 7.44
CA SER C 114 3.26 -7.18 6.54
C SER C 114 4.38 -8.16 6.20
N ILE C 115 5.63 -7.71 6.10
CA ILE C 115 6.76 -8.62 5.76
C ILE C 115 7.00 -9.58 6.94
N LEU C 116 7.02 -9.07 8.15
CA LEU C 116 7.32 -9.90 9.35
C LEU C 116 6.14 -10.83 9.64
N GLU C 117 4.94 -10.51 9.17
CA GLU C 117 3.77 -11.40 9.31
C GLU C 117 3.92 -12.63 8.39
N THR C 118 4.85 -12.65 7.42
CA THR C 118 5.13 -13.88 6.62
C THR C 118 5.96 -14.87 7.45
N MET C 119 6.45 -14.51 8.64
CA MET C 119 7.05 -15.44 9.63
C MET C 119 5.94 -15.99 10.53
N THR C 120 5.79 -17.30 10.61
CA THR C 120 4.79 -17.94 11.52
C THR C 120 5.30 -17.90 12.96
N ALA C 121 4.40 -17.99 13.93
CA ALA C 121 4.75 -18.08 15.36
C ALA C 121 5.64 -19.31 15.60
N LEU C 122 5.38 -20.41 14.88
CA LEU C 122 6.13 -21.70 15.08
C LEU C 122 7.58 -21.48 14.68
N ASP C 123 7.81 -20.83 13.53
CA ASP C 123 9.17 -20.59 12.99
C ASP C 123 9.91 -19.57 13.88
N PHE C 124 9.21 -18.57 14.40
CA PHE C 124 9.76 -17.57 15.35
C PHE C 124 10.21 -18.28 16.63
N ASN C 125 9.35 -19.18 17.10
CA ASN C 125 9.57 -20.00 18.31
C ASN C 125 10.88 -20.79 18.22
N ASP C 126 11.31 -21.19 17.02
CA ASP C 126 12.55 -22.01 16.85
C ASP C 126 13.83 -21.18 17.11
N PHE C 127 13.79 -19.84 17.14
CA PHE C 127 15.01 -19.04 17.39
C PHE C 127 14.82 -18.03 18.52
N ARG C 128 13.58 -17.85 18.99
CA ARG C 128 13.25 -16.87 20.06
C ARG C 128 14.19 -17.02 21.26
N GLU C 129 14.44 -18.25 21.72
CA GLU C 129 15.30 -18.57 22.90
C GLU C 129 16.62 -17.79 22.78
N TYR C 130 17.25 -17.77 21.61
CA TYR C 130 18.63 -17.25 21.39
C TYR C 130 18.71 -15.73 21.47
N LEU C 131 17.60 -15.02 21.67
CA LEU C 131 17.56 -13.53 21.64
C LEU C 131 17.63 -12.95 23.05
N SER C 132 17.10 -13.68 24.02
CA SER C 132 16.87 -13.23 25.42
C SER C 132 18.09 -12.48 25.94
N PRO C 133 17.93 -11.38 26.71
CA PRO C 133 16.64 -10.76 26.98
C PRO C 133 16.39 -9.47 26.19
N ALA C 134 16.93 -9.35 24.97
CA ALA C 134 16.88 -8.13 24.11
C ALA C 134 15.44 -7.84 23.68
N SER C 135 15.08 -6.57 23.46
CA SER C 135 13.79 -6.17 22.81
C SER C 135 13.81 -4.69 22.40
N GLY C 136 12.77 -4.30 21.66
CA GLY C 136 12.56 -2.92 21.16
C GLY C 136 12.60 -1.85 22.24
N PHE C 137 12.33 -2.26 23.48
CA PHE C 137 12.51 -1.41 24.70
C PHE C 137 13.92 -0.79 24.72
N GLN C 138 14.88 -1.46 24.08
CA GLN C 138 16.29 -1.00 24.01
C GLN C 138 16.55 -0.25 22.70
N SER C 139 15.53 0.09 21.90
CA SER C 139 15.73 0.90 20.68
C SER C 139 16.01 2.34 21.11
N LEU C 140 17.27 2.75 21.04
CA LEU C 140 17.63 4.15 21.35
C LEU C 140 16.80 5.10 20.46
N GLN C 141 16.78 4.85 19.15
CA GLN C 141 16.22 5.80 18.16
C GLN C 141 14.71 5.95 18.41
N PHE C 142 14.02 4.86 18.74
CA PHE C 142 12.56 4.93 18.97
C PHE C 142 12.27 5.90 20.11
N ARG C 143 13.09 5.88 21.18
CA ARG C 143 12.91 6.77 22.36
C ARG C 143 13.26 8.20 21.97
N LEU C 144 14.42 8.39 21.31
CA LEU C 144 14.81 9.73 20.80
C LEU C 144 13.62 10.32 20.04
N LEU C 145 12.96 9.52 19.22
CA LEU C 145 11.87 9.96 18.33
C LEU C 145 10.66 10.39 19.16
N GLU C 146 10.21 9.54 20.08
CA GLU C 146 9.12 9.83 21.04
C GLU C 146 9.41 11.15 21.76
N ASN C 147 10.59 11.25 22.34
CA ASN C 147 10.98 12.42 23.16
C ASN C 147 10.99 13.68 22.29
N LYS C 148 11.63 13.62 21.12
CA LYS C 148 11.83 14.82 20.28
C LYS C 148 10.48 15.34 19.75
N ILE C 149 9.49 14.48 19.56
CA ILE C 149 8.15 14.94 19.13
C ILE C 149 7.49 15.63 20.32
N GLY C 150 7.57 15.01 21.50
CA GLY C 150 7.19 15.64 22.79
C GLY C 150 6.37 14.73 23.68
N VAL C 151 6.58 13.41 23.63
CA VAL C 151 5.97 12.48 24.62
C VAL C 151 6.60 12.83 25.97
N LEU C 152 5.79 13.17 26.97
CA LEU C 152 6.31 13.57 28.31
C LEU C 152 6.54 12.33 29.19
N GLN C 153 7.62 12.32 29.96
CA GLN C 153 8.02 11.15 30.81
C GLN C 153 6.90 10.77 31.80
N ASN C 154 6.25 11.72 32.47
CA ASN C 154 5.23 11.45 33.52
C ASN C 154 3.90 10.95 32.91
N MET C 155 3.69 11.04 31.60
CA MET C 155 2.47 10.54 30.92
C MET C 155 2.70 9.10 30.42
N ARG C 156 3.95 8.62 30.39
CA ARG C 156 4.31 7.24 29.94
C ARG C 156 3.75 6.23 30.96
N VAL C 157 3.12 5.15 30.48
CA VAL C 157 2.69 4.00 31.31
C VAL C 157 3.95 3.26 31.78
N PRO C 158 4.07 2.87 33.07
CA PRO C 158 4.98 1.77 33.44
C PRO C 158 4.46 0.40 32.98
N HIS C 163 11.40 4.44 34.66
CA HIS C 163 11.28 2.99 34.27
C HIS C 163 11.94 2.78 32.89
N TYR C 164 11.74 3.65 31.87
CA TYR C 164 12.09 3.32 30.46
C TYR C 164 13.60 3.53 30.21
N ARG C 165 14.23 4.47 30.91
CA ARG C 165 15.65 4.87 30.63
C ARG C 165 16.65 3.94 31.34
N ASP C 166 16.18 3.01 32.19
CA ASP C 166 17.02 2.02 32.94
C ASP C 166 17.79 1.14 31.94
N ASN C 167 17.20 0.88 30.77
CA ASN C 167 17.72 -0.07 29.75
C ASN C 167 19.00 0.48 29.11
N PHE C 168 19.32 1.77 29.33
CA PHE C 168 20.40 2.50 28.60
C PHE C 168 21.46 2.99 29.58
N LYS C 169 22.72 3.01 29.12
CA LYS C 169 23.95 3.38 29.87
C LYS C 169 24.84 4.26 29.00
N GLY C 170 25.83 4.94 29.59
CA GLY C 170 26.90 5.63 28.84
C GLY C 170 26.33 6.73 27.97
N GLU C 171 26.93 6.92 26.78
CA GLU C 171 26.64 8.02 25.80
C GLU C 171 25.17 7.95 25.35
N GLU C 172 24.57 6.76 25.31
CA GLU C 172 23.14 6.55 24.98
C GLU C 172 22.25 7.13 26.07
N ASN C 173 22.54 6.84 27.35
CA ASN C 173 21.79 7.42 28.48
C ASN C 173 21.86 8.95 28.40
N GLU C 174 23.02 9.49 27.97
CA GLU C 174 23.27 10.95 27.93
C GLU C 174 22.42 11.56 26.81
N LEU C 175 22.45 10.98 25.59
CA LEU C 175 21.61 11.41 24.44
C LEU C 175 20.14 11.39 24.85
N LEU C 176 19.68 10.35 25.54
CA LEU C 176 18.25 10.26 25.93
C LEU C 176 17.88 11.44 26.83
N LEU C 177 18.80 11.82 27.72
CA LEU C 177 18.55 12.95 28.65
C LEU C 177 18.38 14.24 27.82
N LYS C 178 19.37 14.56 26.97
CA LYS C 178 19.33 15.72 26.05
C LYS C 178 17.98 15.77 25.33
N SER C 179 17.47 14.64 24.85
CA SER C 179 16.22 14.57 24.06
C SER C 179 15.03 14.93 24.94
N GLU C 180 15.10 14.70 26.25
CA GLU C 180 14.02 15.05 27.21
C GLU C 180 14.12 16.54 27.58
N GLN C 181 15.33 17.10 27.59
CA GLN C 181 15.63 18.48 28.10
C GLN C 181 15.58 19.50 26.95
N GLU C 182 16.17 19.19 25.78
CA GLU C 182 16.16 20.06 24.57
C GLU C 182 14.71 20.32 24.14
N LYS C 183 14.47 21.41 23.44
CA LYS C 183 13.09 21.83 23.09
C LYS C 183 12.50 20.78 22.14
N THR C 184 11.31 20.30 22.44
CA THR C 184 10.58 19.33 21.61
C THR C 184 9.88 20.05 20.46
N LEU C 185 9.43 19.30 19.46
CA LEU C 185 8.59 19.82 18.37
C LEU C 185 7.33 20.47 18.95
N LEU C 186 6.71 19.84 19.96
CA LEU C 186 5.49 20.38 20.63
C LEU C 186 5.78 21.80 21.17
N GLU C 187 6.90 21.97 21.88
CA GLU C 187 7.26 23.26 22.52
C GLU C 187 7.50 24.32 21.44
N LEU C 188 8.22 23.96 20.38
CA LEU C 188 8.61 24.92 19.32
C LEU C 188 7.36 25.32 18.54
N VAL C 189 6.47 24.37 18.24
CA VAL C 189 5.17 24.64 17.57
C VAL C 189 4.32 25.52 18.49
N GLU C 190 4.25 25.21 19.78
CA GLU C 190 3.50 26.02 20.80
C GLU C 190 3.93 27.49 20.73
N ALA C 191 5.23 27.77 20.89
CA ALA C 191 5.82 29.13 20.78
C ALA C 191 5.33 29.82 19.51
N TRP C 192 5.51 29.16 18.37
CA TRP C 192 5.12 29.68 17.03
C TRP C 192 3.61 29.95 17.00
N LEU C 193 2.80 29.05 17.57
CA LEU C 193 1.32 29.19 17.55
C LEU C 193 0.91 30.42 18.37
N GLU C 194 1.65 30.71 19.45
CA GLU C 194 1.37 31.88 20.35
C GLU C 194 1.52 33.18 19.56
N ARG C 195 2.43 33.23 18.57
CA ARG C 195 2.68 34.45 17.76
C ARG C 195 1.73 34.54 16.56
N THR C 196 0.74 33.65 16.44
CA THR C 196 -0.19 33.69 15.29
C THR C 196 -0.81 35.08 15.19
N PRO C 197 -0.78 35.72 14.00
CA PRO C 197 -1.48 36.99 13.81
C PRO C 197 -2.99 36.88 14.02
N GLY C 198 -3.57 37.90 14.66
CA GLY C 198 -5.04 38.05 14.81
C GLY C 198 -5.46 37.90 16.26
N LEU C 199 -4.55 37.49 17.14
CA LEU C 199 -4.86 37.22 18.56
C LEU C 199 -4.78 38.51 19.39
N GLU C 200 -4.14 39.56 18.85
CA GLU C 200 -3.86 40.82 19.59
C GLU C 200 -5.19 41.47 19.97
N PRO C 201 -5.46 41.68 21.28
CA PRO C 201 -6.69 42.35 21.72
C PRO C 201 -6.93 43.72 21.07
N HIS C 202 -5.87 44.50 20.82
CA HIS C 202 -5.98 45.85 20.18
C HIS C 202 -5.86 45.72 18.64
N GLY C 203 -5.85 44.50 18.11
CA GLY C 203 -5.92 44.22 16.66
C GLY C 203 -7.25 43.57 16.29
N PHE C 204 -7.22 42.46 15.56
CA PHE C 204 -8.41 41.69 15.14
C PHE C 204 -9.17 41.16 16.37
N ASN C 205 -8.45 40.83 17.45
CA ASN C 205 -9.06 40.42 18.75
C ASN C 205 -9.97 39.20 18.51
N PHE C 206 -9.38 38.16 17.89
CA PHE C 206 -10.09 36.93 17.47
C PHE C 206 -10.91 36.40 18.66
N TRP C 207 -10.24 36.24 19.81
CA TRP C 207 -10.81 35.51 20.98
C TRP C 207 -12.04 36.23 21.52
N GLY C 208 -11.95 37.56 21.65
CA GLY C 208 -13.06 38.39 22.11
C GLY C 208 -14.24 38.29 21.16
N LYS C 209 -14.00 38.49 19.87
CA LYS C 209 -15.07 38.44 18.84
C LYS C 209 -15.73 37.06 18.86
N LEU C 210 -14.95 35.99 19.09
CA LEU C 210 -15.46 34.60 18.97
C LEU C 210 -16.41 34.35 20.14
N GLU C 211 -16.00 34.73 21.35
CA GLU C 211 -16.82 34.60 22.59
C GLU C 211 -18.14 35.33 22.36
N LYS C 212 -18.06 36.57 21.87
CA LYS C 212 -19.25 37.41 21.57
C LYS C 212 -20.14 36.67 20.57
N ASN C 213 -19.57 36.19 19.46
CA ASN C 213 -20.36 35.64 18.34
C ASN C 213 -20.98 34.30 18.73
N ILE C 214 -20.29 33.48 19.53
CA ILE C 214 -20.84 32.18 19.99
C ILE C 214 -21.98 32.47 20.99
N THR C 215 -21.74 33.41 21.92
CA THR C 215 -22.75 33.82 22.93
C THR C 215 -24.01 34.32 22.19
N ARG C 216 -23.84 35.22 21.23
CA ARG C 216 -24.96 35.78 20.43
C ARG C 216 -25.61 34.64 19.62
N GLY C 217 -24.82 33.79 18.95
CA GLY C 217 -25.29 32.44 18.52
C GLY C 217 -25.88 31.83 19.78
N LEU C 218 -26.21 30.55 19.85
CA LEU C 218 -26.71 29.93 21.10
C LEU C 218 -28.03 30.61 21.50
N GLU C 219 -27.92 31.81 22.14
CA GLU C 219 -29.02 32.70 22.58
C GLU C 219 -30.09 32.79 21.48
N GLU C 220 -29.68 32.77 20.20
CA GLU C 220 -30.60 32.56 19.04
C GLU C 220 -31.09 31.08 19.11
N GLU C 221 -31.37 30.58 20.34
CA GLU C 221 -32.04 29.28 20.66
C GLU C 221 -32.78 28.80 19.40
N GLU C 236 -40.34 19.31 26.55
CA GLU C 236 -40.92 18.09 25.92
C GLU C 236 -40.11 17.75 24.66
N GLN C 237 -39.27 18.68 24.15
CA GLN C 237 -38.25 18.42 23.10
C GLN C 237 -36.92 18.09 23.78
N VAL C 238 -35.90 17.70 23.02
CA VAL C 238 -34.59 17.18 23.53
C VAL C 238 -33.92 18.24 24.42
N ALA C 239 -33.85 19.50 23.97
CA ALA C 239 -33.16 20.60 24.71
C ALA C 239 -31.71 20.20 24.99
N GLU C 240 -31.06 19.58 24.00
CA GLU C 240 -29.65 19.09 24.07
C GLU C 240 -28.71 20.30 24.05
N PHE C 241 -29.00 21.30 23.21
CA PHE C 241 -28.51 22.70 23.26
C PHE C 241 -27.76 23.01 24.57
N GLN C 242 -28.30 22.63 25.72
CA GLN C 242 -27.66 22.93 27.04
C GLN C 242 -26.30 22.19 27.10
N LYS C 243 -26.21 21.03 26.47
CA LYS C 243 -24.97 20.21 26.36
C LYS C 243 -23.96 20.96 25.48
N GLN C 244 -24.40 21.36 24.28
CA GLN C 244 -23.63 22.16 23.30
C GLN C 244 -23.13 23.47 23.95
N LYS C 245 -24.01 24.19 24.66
CA LYS C 245 -23.69 25.48 25.35
C LYS C 245 -22.55 25.24 26.34
N GLU C 246 -22.67 24.22 27.20
CA GLU C 246 -21.66 23.91 28.22
C GLU C 246 -20.30 23.70 27.54
N VAL C 247 -20.29 22.91 26.46
CA VAL C 247 -19.04 22.51 25.75
C VAL C 247 -18.39 23.76 25.13
N LEU C 248 -19.16 24.52 24.34
CA LEU C 248 -18.62 25.69 23.60
C LEU C 248 -18.13 26.73 24.62
N LEU C 249 -18.92 27.04 25.64
CA LEU C 249 -18.55 28.14 26.56
C LEU C 249 -17.33 27.71 27.39
N SER C 250 -17.12 26.40 27.60
CA SER C 250 -15.95 25.87 28.35
C SER C 250 -14.64 26.26 27.65
N LEU C 251 -14.68 26.47 26.34
CA LEU C 251 -13.53 26.95 25.54
C LEU C 251 -12.93 28.24 26.16
N PHE C 252 -13.80 29.12 26.68
CA PHE C 252 -13.41 30.46 27.19
C PHE C 252 -13.03 30.40 28.67
N ASP C 253 -13.07 29.22 29.28
CA ASP C 253 -12.65 29.00 30.69
C ASP C 253 -11.15 28.73 30.71
N GLU C 254 -10.34 29.79 30.76
CA GLU C 254 -8.86 29.68 30.83
C GLU C 254 -8.44 28.87 32.07
N LYS C 255 -9.20 28.94 33.17
CA LYS C 255 -8.87 28.28 34.45
C LYS C 255 -8.94 26.76 34.26
N ARG C 256 -10.03 26.28 33.65
CA ARG C 256 -10.23 24.84 33.35
C ARG C 256 -9.07 24.34 32.47
N HIS C 257 -8.64 25.17 31.53
CA HIS C 257 -7.53 24.84 30.61
C HIS C 257 -6.23 24.62 31.41
N GLU C 258 -5.88 25.53 32.34
CA GLU C 258 -4.64 25.44 33.15
C GLU C 258 -4.70 24.18 34.02
N HIS C 259 -5.86 23.86 34.58
CA HIS C 259 -6.04 22.66 35.44
C HIS C 259 -5.75 21.42 34.57
N LEU C 260 -6.43 21.31 33.42
CA LEU C 260 -6.25 20.17 32.46
C LEU C 260 -4.80 20.10 31.94
N LEU C 261 -4.12 21.23 31.73
CA LEU C 261 -2.69 21.28 31.33
C LEU C 261 -1.85 20.50 32.35
N SER C 262 -1.96 20.86 33.63
CA SER C 262 -1.15 20.29 34.75
C SER C 262 -1.48 18.81 34.99
N LYS C 263 -2.72 18.36 34.72
CA LYS C 263 -3.10 16.92 34.74
C LYS C 263 -2.63 16.21 33.45
N GLY C 264 -1.98 16.93 32.53
CA GLY C 264 -1.51 16.40 31.24
C GLY C 264 -2.63 15.87 30.33
N GLU C 265 -3.88 16.30 30.52
CA GLU C 265 -5.00 15.93 29.59
C GLU C 265 -5.03 16.90 28.40
N ARG C 266 -4.32 18.02 28.50
CA ARG C 266 -4.02 18.98 27.40
C ARG C 266 -2.52 19.30 27.46
N ARG C 267 -1.95 19.86 26.38
CA ARG C 267 -0.48 20.01 26.21
C ARG C 267 -0.09 21.42 25.76
N LEU C 268 -0.94 22.08 25.00
CA LEU C 268 -0.65 23.44 24.45
C LEU C 268 -1.10 24.50 25.46
N SER C 269 -0.27 25.51 25.69
CA SER C 269 -0.66 26.81 26.30
C SER C 269 -2.04 27.24 25.76
N TYR C 270 -2.82 27.95 26.58
CA TYR C 270 -4.13 28.53 26.17
C TYR C 270 -3.92 29.39 24.91
N ARG C 271 -2.81 30.13 24.84
CA ARG C 271 -2.63 31.11 23.75
C ARG C 271 -2.33 30.34 22.45
N ALA C 272 -1.53 29.28 22.54
CA ALA C 272 -1.21 28.41 21.38
C ALA C 272 -2.52 27.82 20.84
N LEU C 273 -3.40 27.38 21.71
CA LEU C 273 -4.72 26.82 21.33
C LEU C 273 -5.50 27.86 20.51
N GLN C 274 -5.39 29.13 20.88
CA GLN C 274 -6.12 30.22 20.19
C GLN C 274 -5.58 30.36 18.75
N GLY C 275 -4.25 30.36 18.61
CA GLY C 275 -3.57 30.40 17.31
C GLY C 275 -4.02 29.25 16.42
N ALA C 276 -4.09 28.04 16.97
CA ALA C 276 -4.46 26.84 16.20
C ALA C 276 -5.86 27.05 15.64
N LEU C 277 -6.77 27.55 16.47
CA LEU C 277 -8.20 27.67 16.05
C LEU C 277 -8.31 28.83 15.04
N MET C 278 -7.49 29.85 15.23
CA MET C 278 -7.39 30.98 14.27
C MET C 278 -7.02 30.38 12.89
N ILE C 279 -6.00 29.53 12.84
CA ILE C 279 -5.50 28.91 11.58
C ILE C 279 -6.60 27.99 11.02
N TYR C 280 -7.31 27.25 11.86
CA TYR C 280 -8.40 26.34 11.42
C TYR C 280 -9.48 27.16 10.72
N PHE C 281 -10.02 28.17 11.41
CA PHE C 281 -11.22 28.89 10.92
C PHE C 281 -10.83 29.74 9.72
N TYR C 282 -9.61 30.27 9.66
CA TYR C 282 -9.20 31.21 8.59
C TYR C 282 -8.18 30.58 7.63
N ARG C 283 -8.19 29.24 7.49
CA ARG C 283 -7.19 28.44 6.73
C ARG C 283 -7.09 28.89 5.25
N GLU C 284 -8.18 29.37 4.64
CA GLU C 284 -8.18 29.82 3.22
C GLU C 284 -7.39 31.12 3.07
N GLU C 285 -7.20 31.91 4.12
CA GLU C 285 -6.41 33.15 4.04
C GLU C 285 -4.99 32.77 3.63
N PRO C 286 -4.42 33.42 2.58
CA PRO C 286 -3.12 32.99 2.05
C PRO C 286 -2.07 32.67 3.10
N ARG C 287 -1.90 33.51 4.12
CA ARG C 287 -0.80 33.33 5.11
C ARG C 287 -1.07 32.14 6.02
N PHE C 288 -2.30 31.61 6.01
CA PHE C 288 -2.72 30.48 6.89
C PHE C 288 -2.78 29.15 6.11
N GLN C 289 -2.68 29.16 4.78
CA GLN C 289 -2.85 27.96 3.96
C GLN C 289 -1.79 26.92 4.34
N VAL C 290 -0.52 27.26 4.28
CA VAL C 290 0.54 26.24 4.54
C VAL C 290 0.59 25.95 6.04
N PRO C 291 0.46 26.94 6.94
CA PRO C 291 0.29 26.63 8.36
C PRO C 291 -0.83 25.62 8.67
N PHE C 292 -1.95 25.72 7.98
CA PHE C 292 -3.05 24.74 8.13
C PHE C 292 -2.54 23.35 7.74
N GLN C 293 -1.84 23.25 6.61
CA GLN C 293 -1.22 21.99 6.15
C GLN C 293 -0.27 21.45 7.24
N LEU C 294 0.47 22.33 7.91
CA LEU C 294 1.42 21.91 8.96
C LEU C 294 0.62 21.29 10.12
N LEU C 295 -0.44 21.94 10.56
CA LEU C 295 -1.22 21.43 11.71
C LEU C 295 -1.76 20.05 11.32
N THR C 296 -2.28 19.93 10.11
CA THR C 296 -2.81 18.65 9.56
C THR C 296 -1.71 17.58 9.59
N SER C 297 -0.51 17.95 9.24
CA SER C 297 0.66 17.03 9.15
C SER C 297 1.05 16.54 10.55
N LEU C 298 1.02 17.42 11.55
CA LEU C 298 1.33 17.08 12.97
C LEU C 298 0.32 16.03 13.45
N MET C 299 -0.97 16.23 13.18
CA MET C 299 -2.02 15.24 13.50
C MET C 299 -1.72 13.94 12.75
N ASP C 300 -1.37 14.00 11.47
CA ASP C 300 -1.05 12.79 10.66
C ASP C 300 0.05 11.99 11.37
N ILE C 301 1.08 12.67 11.89
CA ILE C 301 2.27 12.01 12.52
C ILE C 301 1.82 11.30 13.80
N ASP C 302 1.00 11.95 14.63
CA ASP C 302 0.38 11.32 15.81
C ASP C 302 -0.42 10.07 15.37
N SER C 303 -1.29 10.19 14.37
CA SER C 303 -2.10 9.05 13.86
C SER C 303 -1.17 7.90 13.48
N LEU C 304 -0.11 8.16 12.72
CA LEU C 304 0.72 7.09 12.13
C LEU C 304 1.58 6.46 13.21
N MET C 305 2.06 7.24 14.18
CA MET C 305 2.79 6.67 15.33
C MET C 305 1.86 5.67 16.03
N THR C 306 0.60 6.04 16.26
CA THR C 306 -0.27 5.17 17.06
C THR C 306 -0.63 3.94 16.19
N LYS C 307 -0.77 4.12 14.86
CA LYS C 307 -0.98 3.00 13.93
C LYS C 307 0.22 2.06 14.00
N TRP C 308 1.42 2.61 14.06
CA TRP C 308 2.63 1.77 14.20
C TRP C 308 2.49 0.96 15.48
N ARG C 309 2.15 1.61 16.59
CA ARG C 309 2.03 0.93 17.91
C ARG C 309 0.94 -0.15 17.81
N TYR C 310 -0.16 0.13 17.12
CA TYR C 310 -1.27 -0.82 17.02
C TYR C 310 -0.86 -2.02 16.15
N ASN C 311 -0.22 -1.81 15.00
CA ASN C 311 0.20 -2.94 14.12
C ASN C 311 1.25 -3.77 14.88
N HIS C 312 2.13 -3.15 15.67
CA HIS C 312 3.13 -3.89 16.47
C HIS C 312 2.39 -4.84 17.44
N VAL C 313 1.46 -4.31 18.22
CA VAL C 313 0.56 -5.08 19.15
C VAL C 313 -0.12 -6.24 18.40
N CYS C 314 -0.89 -5.98 17.35
CA CYS C 314 -1.61 -7.00 16.54
C CYS C 314 -0.67 -8.15 16.17
N MET C 315 0.63 -7.89 16.01
CA MET C 315 1.62 -8.91 15.56
C MET C 315 2.21 -9.64 16.78
N VAL C 316 2.64 -8.92 17.82
CA VAL C 316 3.05 -9.52 19.11
C VAL C 316 1.99 -10.53 19.61
N HIS C 317 0.70 -10.22 19.52
CA HIS C 317 -0.40 -11.17 19.84
C HIS C 317 -0.22 -12.48 19.06
N ARG C 318 -0.03 -12.38 17.74
CA ARG C 318 0.05 -13.58 16.86
C ARG C 318 1.30 -14.39 17.25
N MET C 319 2.37 -13.76 17.70
CA MET C 319 3.69 -14.41 17.87
C MET C 319 3.80 -15.04 19.25
N LEU C 320 3.23 -14.42 20.28
CA LEU C 320 3.47 -14.77 21.71
C LEU C 320 2.19 -15.15 22.46
N GLY C 321 0.99 -14.71 22.04
CA GLY C 321 -0.29 -14.94 22.74
C GLY C 321 -0.38 -14.30 24.12
N GLY C 331 3.81 -7.78 28.62
CA GLY C 331 4.09 -7.64 27.18
C GLY C 331 2.89 -7.11 26.40
N TYR C 332 2.11 -8.03 25.79
CA TYR C 332 0.91 -7.76 24.96
C TYR C 332 -0.02 -6.73 25.62
N HIS C 333 -0.13 -6.68 26.97
CA HIS C 333 -1.09 -5.77 27.66
C HIS C 333 -0.46 -4.37 27.81
N TYR C 334 0.83 -4.25 28.15
CA TYR C 334 1.52 -2.92 28.27
C TYR C 334 1.46 -2.18 26.92
N LEU C 335 1.78 -2.89 25.83
CA LEU C 335 1.81 -2.32 24.46
C LEU C 335 0.40 -1.79 24.16
N ARG C 336 -0.65 -2.59 24.42
CA ARG C 336 -2.07 -2.21 24.19
C ARG C 336 -2.37 -0.87 24.88
N SER C 337 -1.73 -0.58 26.01
CA SER C 337 -1.99 0.67 26.78
C SER C 337 -1.18 1.84 26.20
N THR C 338 -0.21 1.58 25.31
CA THR C 338 0.52 2.66 24.57
C THR C 338 -0.34 3.17 23.40
N VAL C 339 -1.39 2.44 23.06
CA VAL C 339 -2.35 2.84 21.98
C VAL C 339 -3.48 3.64 22.62
N SER C 340 -3.18 4.76 23.27
CA SER C 340 -4.20 5.66 23.89
C SER C 340 -3.81 7.11 23.62
N ASP C 341 -4.71 8.05 23.94
CA ASP C 341 -4.50 9.50 23.71
C ASP C 341 -3.44 10.04 24.70
N ARG C 342 -3.07 9.25 25.69
CA ARG C 342 -1.91 9.51 26.59
C ARG C 342 -0.64 9.84 25.78
N TYR C 343 -0.51 9.19 24.61
CA TYR C 343 0.73 9.20 23.79
C TYR C 343 0.60 10.10 22.54
N LYS C 344 -0.58 10.69 22.29
CA LYS C 344 -0.82 11.68 21.21
C LYS C 344 -0.39 13.07 21.69
N VAL C 345 0.81 13.50 21.28
CA VAL C 345 1.44 14.79 21.62
C VAL C 345 0.57 15.97 21.16
N PHE C 346 -0.15 15.83 20.06
CA PHE C 346 -0.93 16.94 19.45
C PHE C 346 -2.43 16.66 19.59
N VAL C 347 -2.80 15.97 20.68
CA VAL C 347 -4.23 15.66 21.02
C VAL C 347 -5.07 16.94 20.98
N ASP C 348 -4.51 18.09 21.37
CA ASP C 348 -5.25 19.38 21.37
C ASP C 348 -5.77 19.69 19.96
N LEU C 349 -4.96 19.38 18.93
CA LEU C 349 -5.30 19.67 17.52
C LEU C 349 -6.46 18.76 17.08
N PHE C 350 -6.50 17.52 17.54
CA PHE C 350 -7.64 16.60 17.27
C PHE C 350 -8.91 17.14 17.95
N ASN C 351 -8.77 17.62 19.19
CA ASN C 351 -9.93 17.94 20.06
C ASN C 351 -10.52 19.30 19.70
N LEU C 352 -9.84 20.11 18.88
CA LEU C 352 -10.42 21.36 18.34
C LEU C 352 -11.70 21.06 17.55
N SER C 353 -11.83 19.86 16.97
CA SER C 353 -13.06 19.42 16.25
C SER C 353 -14.29 19.49 17.15
N THR C 354 -14.13 19.28 18.46
CA THR C 354 -15.23 19.40 19.48
C THR C 354 -15.89 20.79 19.41
N TYR C 355 -15.11 21.85 19.12
CA TYR C 355 -15.52 23.28 19.22
C TYR C 355 -15.81 23.89 17.84
N LEU C 356 -16.18 23.08 16.85
CA LEU C 356 -16.63 23.59 15.52
C LEU C 356 -18.05 24.14 15.63
N ILE C 357 -18.34 25.23 14.91
CA ILE C 357 -19.57 26.07 15.02
C ILE C 357 -20.09 26.36 13.62
N PRO C 358 -21.34 26.81 13.45
CA PRO C 358 -21.84 27.17 12.13
C PRO C 358 -20.93 28.24 11.52
N ARG C 359 -20.80 28.24 10.19
CA ARG C 359 -19.95 29.18 9.42
C ARG C 359 -20.28 30.63 9.82
N HIS C 360 -21.57 31.01 9.86
CA HIS C 360 -22.01 32.42 9.99
C HIS C 360 -21.69 32.94 11.41
N TRP C 361 -21.23 32.11 12.34
CA TRP C 361 -20.79 32.55 13.69
C TRP C 361 -19.32 32.98 13.68
N ILE C 362 -18.55 32.58 12.69
CA ILE C 362 -17.09 32.84 12.71
C ILE C 362 -16.92 34.34 12.47
N PRO C 363 -16.18 35.07 13.33
CA PRO C 363 -15.99 36.49 13.16
C PRO C 363 -15.54 36.82 11.73
N LYS C 364 -16.26 37.70 11.05
CA LYS C 364 -15.97 38.11 9.66
C LYS C 364 -14.61 38.84 9.67
N MET C 365 -13.89 38.80 8.55
CA MET C 365 -12.65 39.56 8.31
C MET C 365 -12.97 40.80 7.46
N ASN C 366 -12.81 41.99 8.04
CA ASN C 366 -12.88 43.31 7.37
C ASN C 366 -11.68 43.47 6.42
N PRO C 367 -11.78 44.34 5.37
CA PRO C 367 -10.68 44.51 4.40
C PRO C 367 -9.26 44.77 4.94
N THR C 368 -9.10 45.33 6.16
CA THR C 368 -7.79 45.68 6.78
C THR C 368 -7.01 44.39 7.14
N ILE C 369 -7.69 43.40 7.73
CA ILE C 369 -7.08 42.16 8.28
C ILE C 369 -6.95 41.11 7.17
N HIS C 370 -7.84 41.13 6.15
CA HIS C 370 -7.69 40.36 4.88
C HIS C 370 -6.33 40.68 4.26
N LYS C 371 -5.90 41.95 4.32
CA LYS C 371 -4.68 42.53 3.66
C LYS C 371 -3.42 42.16 4.47
N PHE C 372 -3.53 42.05 5.81
CA PHE C 372 -2.42 41.65 6.71
C PHE C 372 -2.03 40.19 6.44
N LEU C 373 -3.01 39.35 6.07
CA LEU C 373 -2.85 37.88 5.82
C LEU C 373 -2.71 37.57 4.31
N GLU C 374 -2.19 38.56 3.55
CA GLU C 374 -1.89 38.50 2.09
C GLU C 374 -0.37 38.58 1.93
N HIS C 375 0.22 37.58 1.33
CA HIS C 375 1.65 37.58 0.96
C HIS C 375 2.00 38.90 0.26
N GLY D 23 24.33 -10.61 29.13
CA GLY D 23 23.02 -10.44 28.44
C GLY D 23 23.18 -9.81 27.06
N LEU D 24 22.33 -10.21 26.10
CA LEU D 24 22.32 -9.68 24.71
C LEU D 24 21.54 -8.35 24.65
N ILE D 25 22.07 -7.39 23.90
CA ILE D 25 21.58 -5.99 23.76
C ILE D 25 21.12 -5.79 22.29
N TYR D 26 19.89 -5.30 22.13
CA TYR D 26 19.23 -4.96 20.84
C TYR D 26 20.25 -4.39 19.85
N GLY D 27 20.87 -3.26 20.19
CA GLY D 27 21.84 -2.59 19.30
C GLY D 27 22.93 -3.53 18.83
N ASN D 28 23.41 -4.39 19.73
CA ASN D 28 24.57 -5.30 19.46
C ASN D 28 24.09 -6.44 18.58
N TYR D 29 22.96 -7.05 18.94
CA TYR D 29 22.29 -8.15 18.17
C TYR D 29 22.14 -7.73 16.70
N LEU D 30 21.74 -6.48 16.44
CA LEU D 30 21.42 -5.95 15.10
C LEU D 30 22.66 -5.26 14.47
N HIS D 31 23.79 -5.27 15.13
CA HIS D 31 25.04 -4.65 14.63
C HIS D 31 24.73 -3.22 14.17
N LEU D 32 24.01 -2.47 15.01
CA LEU D 32 23.64 -1.07 14.69
C LEU D 32 24.89 -0.19 14.70
N GLU D 33 25.98 -0.62 15.34
CA GLU D 33 27.29 0.09 15.30
C GLU D 33 27.77 0.15 13.85
N LYS D 34 27.34 -0.77 12.99
CA LYS D 34 27.67 -0.71 11.53
C LYS D 34 26.54 0.00 10.78
N VAL D 35 25.30 -0.43 10.98
CA VAL D 35 24.14 -0.02 10.17
C VAL D 35 23.93 1.48 10.30
N LEU D 36 24.03 2.04 11.50
CA LEU D 36 23.72 3.46 11.79
C LEU D 36 25.00 4.29 11.81
N ASN D 37 26.14 3.77 11.33
CA ASN D 37 27.37 4.58 11.12
C ASN D 37 27.87 4.33 9.70
N ALA D 38 26.96 4.32 8.73
CA ALA D 38 27.23 4.03 7.31
C ALA D 38 26.70 5.17 6.45
N GLN D 39 26.43 6.32 7.06
CA GLN D 39 25.78 7.48 6.38
C GLN D 39 26.77 8.64 6.27
N GLU D 40 27.45 8.76 5.13
CA GLU D 40 28.41 9.85 4.84
C GLU D 40 27.91 10.62 3.61
N LEU D 41 27.39 11.82 3.83
CA LEU D 41 26.96 12.75 2.75
C LEU D 41 28.19 13.30 2.02
N GLN D 42 28.40 12.91 0.76
CA GLN D 42 29.45 13.51 -0.11
C GLN D 42 29.33 15.04 -0.10
N SER D 43 28.14 15.61 -0.15
CA SER D 43 27.94 17.08 -0.08
C SER D 43 28.63 17.65 1.17
N GLU D 44 28.52 17.01 2.32
CA GLU D 44 29.12 17.46 3.61
C GLU D 44 30.65 17.30 3.52
N THR D 45 31.09 16.16 2.99
CA THR D 45 32.51 15.79 2.82
C THR D 45 33.23 16.84 1.95
N LYS D 46 32.52 17.58 1.08
CA LYS D 46 33.11 18.71 0.30
C LYS D 46 32.55 20.04 0.80
N GLY D 47 32.25 20.13 2.11
CA GLY D 47 31.92 21.37 2.85
C GLY D 47 30.67 22.10 2.36
N ASN D 48 29.73 21.42 1.70
CA ASN D 48 28.44 21.99 1.25
C ASN D 48 27.26 21.02 1.49
N LYS D 49 27.02 20.65 2.75
CA LYS D 49 25.98 19.68 3.19
C LYS D 49 24.62 20.05 2.58
N ILE D 50 23.98 19.12 1.86
CA ILE D 50 22.59 19.21 1.34
C ILE D 50 21.68 18.23 2.10
N HIS D 51 20.65 18.73 2.77
CA HIS D 51 19.76 17.95 3.68
C HIS D 51 19.28 16.65 3.01
N ASP D 52 18.78 16.71 1.79
CA ASP D 52 18.03 15.59 1.15
C ASP D 52 19.00 14.48 0.75
N GLU D 53 20.31 14.72 0.68
CA GLU D 53 21.27 13.65 0.33
C GLU D 53 21.14 12.51 1.35
N HIS D 54 20.87 12.83 2.62
CA HIS D 54 20.68 11.83 3.69
C HIS D 54 19.56 10.86 3.29
N LEU D 55 18.42 11.37 2.79
CA LEU D 55 17.27 10.54 2.33
C LEU D 55 17.71 9.66 1.17
N PHE D 56 18.47 10.21 0.23
CA PHE D 56 18.98 9.47 -0.94
C PHE D 56 19.74 8.23 -0.44
N ILE D 57 20.56 8.39 0.59
CA ILE D 57 21.45 7.29 1.07
C ILE D 57 20.63 6.24 1.81
N ILE D 58 19.84 6.66 2.79
CA ILE D 58 19.00 5.72 3.58
C ILE D 58 18.12 4.89 2.63
N THR D 59 17.50 5.54 1.64
CA THR D 59 16.59 4.86 0.70
C THR D 59 17.35 3.72 0.03
N HIS D 60 18.51 3.99 -0.56
CA HIS D 60 19.35 2.94 -1.22
C HIS D 60 19.73 1.84 -0.20
N GLN D 61 20.14 2.24 1.01
CA GLN D 61 20.58 1.25 2.03
C GLN D 61 19.40 0.33 2.38
N ALA D 62 18.19 0.89 2.50
CA ALA D 62 16.99 0.09 2.81
C ALA D 62 16.74 -0.87 1.65
N TYR D 63 16.77 -0.39 0.40
CA TYR D 63 16.62 -1.27 -0.79
C TYR D 63 17.64 -2.41 -0.70
N GLU D 64 18.90 -2.11 -0.34
CA GLU D 64 20.01 -3.13 -0.35
C GLU D 64 19.81 -4.14 0.80
N LEU D 65 19.34 -3.71 1.96
CA LEU D 65 18.99 -4.66 3.04
C LEU D 65 17.94 -5.65 2.49
N TRP D 66 16.92 -5.14 1.81
CA TRP D 66 15.81 -6.02 1.34
C TRP D 66 16.28 -6.92 0.20
N PHE D 67 17.14 -6.42 -0.70
CA PHE D 67 17.74 -7.28 -1.75
C PHE D 67 18.47 -8.44 -1.08
N LYS D 68 19.25 -8.16 -0.03
CA LYS D 68 19.99 -9.22 0.68
C LYS D 68 19.01 -10.28 1.20
N GLN D 69 17.90 -9.83 1.81
CA GLN D 69 16.85 -10.74 2.33
C GLN D 69 16.27 -11.55 1.16
N ILE D 70 16.01 -10.92 0.02
CA ILE D 70 15.40 -11.63 -1.13
C ILE D 70 16.39 -12.71 -1.58
N LEU D 71 17.67 -12.39 -1.67
CA LEU D 71 18.74 -13.34 -2.05
C LEU D 71 18.76 -14.50 -1.06
N TRP D 72 18.56 -14.22 0.22
CA TRP D 72 18.59 -15.25 1.29
C TRP D 72 17.44 -16.25 1.07
N GLU D 73 16.24 -15.75 0.79
CA GLU D 73 15.04 -16.60 0.54
C GLU D 73 15.26 -17.41 -0.73
N LEU D 74 15.65 -16.72 -1.79
CA LEU D 74 15.86 -17.23 -3.16
C LEU D 74 16.92 -18.34 -3.15
N ASP D 75 18.08 -18.10 -2.53
CA ASP D 75 19.16 -19.12 -2.48
C ASP D 75 18.67 -20.32 -1.67
N SER D 76 17.93 -20.10 -0.59
CA SER D 76 17.43 -21.22 0.25
C SER D 76 16.50 -22.09 -0.61
N VAL D 77 15.74 -21.49 -1.52
CA VAL D 77 14.73 -22.22 -2.32
C VAL D 77 15.45 -22.94 -3.46
N ARG D 78 16.31 -22.23 -4.19
CA ARG D 78 17.26 -22.84 -5.18
C ARG D 78 17.86 -24.12 -4.57
N GLU D 79 18.38 -24.03 -3.34
CA GLU D 79 19.10 -25.15 -2.68
C GLU D 79 18.16 -26.35 -2.46
N ILE D 80 16.91 -26.10 -2.07
CA ILE D 80 15.90 -27.17 -1.80
C ILE D 80 15.61 -27.93 -3.09
N PHE D 81 15.64 -27.27 -4.24
CA PHE D 81 15.47 -27.94 -5.55
C PHE D 81 16.75 -28.71 -5.87
N GLN D 82 17.90 -28.04 -5.78
CA GLN D 82 19.22 -28.53 -6.27
C GLN D 82 19.63 -29.79 -5.51
N ASN D 83 19.32 -29.90 -4.22
CA ASN D 83 19.76 -31.03 -3.36
C ASN D 83 18.69 -32.13 -3.31
N GLY D 84 17.59 -31.99 -4.04
CA GLY D 84 16.54 -33.01 -4.17
C GLY D 84 15.47 -32.97 -3.08
N HIS D 85 15.61 -32.12 -2.04
CA HIS D 85 14.59 -32.04 -0.95
C HIS D 85 13.20 -31.74 -1.51
N VAL D 86 13.12 -30.97 -2.60
CA VAL D 86 11.81 -30.62 -3.21
C VAL D 86 11.04 -31.89 -3.58
N ARG D 87 11.71 -33.03 -3.78
CA ARG D 87 11.08 -34.30 -4.24
C ARG D 87 10.11 -34.77 -3.15
N ASP D 88 10.46 -34.52 -1.88
CA ASP D 88 9.57 -34.80 -0.71
C ASP D 88 8.57 -33.66 -0.62
N GLU D 89 7.31 -33.96 -0.93
CA GLU D 89 6.23 -32.94 -1.13
C GLU D 89 5.91 -32.26 0.20
N ARG D 90 6.42 -32.76 1.32
CA ARG D 90 6.18 -32.10 2.62
C ARG D 90 6.89 -30.74 2.60
N ASN D 91 7.81 -30.52 1.66
CA ASN D 91 8.63 -29.27 1.63
C ASN D 91 7.99 -28.14 0.82
N MET D 92 6.85 -28.39 0.18
CA MET D 92 6.20 -27.39 -0.72
C MET D 92 5.65 -26.21 0.08
N LEU D 93 5.20 -26.42 1.32
CA LEU D 93 4.67 -25.29 2.12
C LEU D 93 5.81 -24.28 2.35
N LYS D 94 6.98 -24.75 2.70
CA LYS D 94 8.18 -23.93 2.96
C LYS D 94 8.54 -23.20 1.67
N VAL D 95 8.56 -23.92 0.53
CA VAL D 95 8.96 -23.33 -0.76
C VAL D 95 8.00 -22.19 -1.11
N VAL D 96 6.70 -22.43 -1.10
CA VAL D 96 5.68 -21.43 -1.48
C VAL D 96 5.68 -20.25 -0.49
N SER D 97 5.85 -20.48 0.82
CA SER D 97 5.91 -19.41 1.86
C SER D 97 7.04 -18.45 1.54
N ARG D 98 8.22 -18.98 1.23
CA ARG D 98 9.41 -18.13 1.04
C ARG D 98 9.29 -17.37 -0.27
N MET D 99 8.78 -18.01 -1.31
CA MET D 99 8.58 -17.34 -2.61
C MET D 99 7.48 -16.26 -2.43
N HIS D 100 6.42 -16.57 -1.71
CA HIS D 100 5.38 -15.57 -1.36
C HIS D 100 6.02 -14.41 -0.56
N ARG D 101 6.91 -14.73 0.38
CA ARG D 101 7.59 -13.70 1.20
C ARG D 101 8.37 -12.77 0.27
N VAL D 102 9.05 -13.33 -0.72
CA VAL D 102 9.81 -12.51 -1.69
C VAL D 102 8.86 -11.50 -2.34
N SER D 103 7.65 -11.89 -2.71
CA SER D 103 6.74 -10.98 -3.45
C SER D 103 6.20 -9.94 -2.46
N VAL D 104 5.99 -10.28 -1.20
CA VAL D 104 5.55 -9.29 -0.18
C VAL D 104 6.67 -8.24 0.00
N ILE D 105 7.92 -8.67 0.05
CA ILE D 105 9.08 -7.73 0.16
C ILE D 105 9.09 -6.86 -1.10
N LEU D 106 8.95 -7.44 -2.28
CA LEU D 106 8.98 -6.66 -3.55
C LEU D 106 7.83 -5.66 -3.57
N LYS D 107 6.68 -6.03 -3.03
CA LYS D 107 5.51 -5.11 -2.94
C LYS D 107 5.95 -3.87 -2.14
N LEU D 108 6.65 -4.07 -1.01
CA LEU D 108 7.09 -2.94 -0.17
C LEU D 108 8.14 -2.12 -0.95
N LEU D 109 9.07 -2.79 -1.64
CA LEU D 109 10.12 -2.07 -2.40
C LEU D 109 9.46 -1.19 -3.48
N VAL D 110 8.36 -1.64 -4.08
CA VAL D 110 7.60 -0.81 -5.08
C VAL D 110 7.01 0.41 -4.35
N GLN D 111 6.41 0.23 -3.18
CA GLN D 111 5.83 1.33 -2.37
C GLN D 111 6.95 2.27 -1.90
N GLN D 112 8.15 1.74 -1.70
CA GLN D 112 9.24 2.53 -1.06
C GLN D 112 9.63 3.70 -1.97
N PHE D 113 9.37 3.65 -3.27
CA PHE D 113 9.68 4.77 -4.20
C PHE D 113 8.93 6.02 -3.77
N SER D 114 7.77 5.86 -3.14
CA SER D 114 6.92 6.98 -2.72
C SER D 114 7.73 7.86 -1.75
N ILE D 115 8.63 7.29 -0.97
CA ILE D 115 9.44 8.10 -0.01
C ILE D 115 10.40 8.99 -0.78
N LEU D 116 11.09 8.45 -1.79
CA LEU D 116 12.09 9.21 -2.55
C LEU D 116 11.39 10.24 -3.43
N GLU D 117 10.11 10.04 -3.76
CA GLU D 117 9.32 11.02 -4.53
C GLU D 117 9.04 12.26 -3.68
N THR D 118 9.24 12.26 -2.36
CA THR D 118 9.12 13.49 -1.53
C THR D 118 10.36 14.39 -1.72
N MET D 119 11.41 13.91 -2.41
CA MET D 119 12.58 14.73 -2.83
C MET D 119 12.27 15.36 -4.19
N THR D 120 12.30 16.69 -4.30
CA THR D 120 12.05 17.40 -5.58
C THR D 120 13.29 17.28 -6.48
N ALA D 121 13.12 17.43 -7.78
CA ALA D 121 14.23 17.45 -8.76
C ALA D 121 15.17 18.62 -8.44
N LEU D 122 14.65 19.75 -7.95
CA LEU D 122 15.47 20.96 -7.64
C LEU D 122 16.42 20.60 -6.50
N ASP D 123 15.90 19.95 -5.46
CA ASP D 123 16.67 19.61 -4.23
C ASP D 123 17.70 18.51 -4.60
N PHE D 124 17.32 17.55 -5.45
CA PHE D 124 18.22 16.47 -5.90
C PHE D 124 19.38 17.09 -6.70
N ASN D 125 19.03 18.06 -7.56
CA ASN D 125 20.01 18.82 -8.39
C ASN D 125 21.09 19.45 -7.53
N ASP D 126 20.80 19.86 -6.29
CA ASP D 126 21.78 20.55 -5.40
C ASP D 126 22.89 19.59 -4.93
N PHE D 127 22.75 18.27 -5.02
CA PHE D 127 23.81 17.33 -4.57
C PHE D 127 24.18 16.31 -5.65
N ARG D 128 23.43 16.22 -6.74
CA ARG D 128 23.67 15.29 -7.86
C ARG D 128 25.15 15.32 -8.30
N GLU D 129 25.74 16.51 -8.47
CA GLU D 129 27.14 16.70 -8.94
C GLU D 129 28.07 15.79 -8.12
N TYR D 130 27.91 15.74 -6.79
CA TYR D 130 28.86 15.09 -5.85
C TYR D 130 28.80 13.56 -5.93
N LEU D 131 27.93 12.97 -6.75
CA LEU D 131 27.71 11.48 -6.76
C LEU D 131 28.48 10.81 -7.91
N SER D 132 28.69 11.55 -8.98
CA SER D 132 29.28 11.07 -10.26
C SER D 132 30.52 10.20 -9.98
N PRO D 133 30.77 9.13 -10.74
CA PRO D 133 29.84 8.60 -11.74
C PRO D 133 29.10 7.32 -11.30
N ALA D 134 28.80 7.19 -10.00
CA ALA D 134 28.13 6.00 -9.39
C ALA D 134 26.70 5.88 -9.91
N SER D 135 26.13 4.68 -9.96
CA SER D 135 24.65 4.46 -10.03
C SER D 135 24.29 3.01 -9.67
N GLY D 136 22.99 2.75 -9.59
CA GLY D 136 22.38 1.44 -9.30
C GLY D 136 22.88 0.33 -10.24
N PHE D 137 23.36 0.71 -11.43
CA PHE D 137 24.09 -0.19 -12.36
C PHE D 137 25.20 -0.97 -11.63
N GLN D 138 25.73 -0.38 -10.56
CA GLN D 138 26.82 -0.99 -9.75
C GLN D 138 26.24 -1.73 -8.53
N SER D 139 24.93 -1.92 -8.44
CA SER D 139 24.33 -2.75 -7.34
C SER D 139 24.64 -4.22 -7.62
N LEU D 140 25.61 -4.76 -6.91
CA LEU D 140 25.97 -6.18 -7.04
C LEU D 140 24.72 -7.03 -6.77
N GLN D 141 24.00 -6.75 -5.68
CA GLN D 141 22.87 -7.60 -5.23
C GLN D 141 21.74 -7.59 -6.27
N PHE D 142 21.46 -6.46 -6.91
CA PHE D 142 20.39 -6.39 -7.93
C PHE D 142 20.72 -7.36 -9.06
N ARG D 143 22.00 -7.45 -9.45
CA ARG D 143 22.43 -8.32 -10.58
C ARG D 143 22.38 -9.78 -10.11
N LEU D 144 22.92 -10.07 -8.91
CA LEU D 144 22.82 -11.43 -8.33
C LEU D 144 21.37 -11.87 -8.40
N LEU D 145 20.44 -10.98 -8.04
CA LEU D 145 19.01 -11.29 -7.93
C LEU D 145 18.46 -11.62 -9.33
N GLU D 146 18.68 -10.74 -10.31
CA GLU D 146 18.28 -10.96 -11.73
C GLU D 146 18.81 -12.31 -12.21
N ASN D 147 20.11 -12.53 -12.03
CA ASN D 147 20.77 -13.76 -12.53
C ASN D 147 20.16 -15.00 -11.84
N LYS D 148 20.03 -14.97 -10.53
CA LYS D 148 19.61 -16.17 -9.75
C LYS D 148 18.14 -16.52 -10.09
N ILE D 149 17.30 -15.55 -10.45
CA ILE D 149 15.91 -15.85 -10.88
C ILE D 149 16.01 -16.51 -12.27
N GLY D 150 16.81 -15.93 -13.16
CA GLY D 150 17.15 -16.55 -14.45
C GLY D 150 17.11 -15.60 -15.62
N VAL D 151 17.38 -14.33 -15.42
CA VAL D 151 17.59 -13.38 -16.55
C VAL D 151 18.86 -13.85 -17.28
N LEU D 152 18.75 -14.16 -18.58
CA LEU D 152 19.86 -14.65 -19.42
C LEU D 152 20.70 -13.47 -19.91
N GLN D 153 22.03 -13.59 -19.92
CA GLN D 153 22.96 -12.49 -20.31
C GLN D 153 22.68 -12.06 -21.77
N ASN D 154 22.48 -13.00 -22.70
CA ASN D 154 22.33 -12.72 -24.15
C ASN D 154 20.96 -12.09 -24.45
N MET D 155 19.98 -12.11 -23.54
CA MET D 155 18.64 -11.48 -23.74
C MET D 155 18.60 -10.07 -23.13
N ARG D 156 19.63 -9.67 -22.37
CA ARG D 156 19.71 -8.31 -21.74
C ARG D 156 19.90 -7.27 -22.86
N VAL D 157 19.20 -6.14 -22.78
CA VAL D 157 19.49 -4.90 -23.57
C VAL D 157 20.87 -4.38 -23.16
N PRO D 158 21.78 -4.07 -24.13
CA PRO D 158 23.06 -3.43 -23.80
C PRO D 158 22.92 -1.96 -23.39
N TYR D 159 23.82 -1.49 -22.52
CA TYR D 159 23.91 -0.07 -22.09
C TYR D 159 25.20 0.52 -22.67
N ASN D 160 25.10 1.60 -23.46
CA ASN D 160 26.22 2.13 -24.28
C ASN D 160 26.92 0.97 -24.94
N ARG D 161 26.15 0.12 -25.64
CA ARG D 161 26.69 -0.99 -26.47
C ARG D 161 27.65 -1.89 -25.67
N ARG D 162 27.49 -2.01 -24.36
CA ARG D 162 28.33 -2.95 -23.57
C ARG D 162 27.49 -3.80 -22.61
N HIS D 163 28.06 -4.93 -22.22
CA HIS D 163 27.63 -5.88 -21.17
C HIS D 163 27.52 -5.17 -19.81
N TYR D 164 26.61 -5.64 -18.97
CA TYR D 164 26.31 -5.08 -17.61
C TYR D 164 27.48 -5.40 -16.65
N ARG D 165 28.30 -6.42 -16.93
CA ARG D 165 29.35 -6.91 -16.00
C ARG D 165 30.65 -6.07 -16.07
N ASP D 166 30.78 -5.13 -17.01
CA ASP D 166 31.96 -4.23 -17.17
C ASP D 166 32.12 -3.36 -15.92
N ASN D 167 31.02 -2.99 -15.26
CA ASN D 167 31.00 -2.06 -14.08
C ASN D 167 31.66 -2.71 -12.86
N PHE D 168 31.92 -4.02 -12.88
CA PHE D 168 32.38 -4.81 -11.71
C PHE D 168 33.75 -5.43 -12.01
N LYS D 169 34.57 -5.61 -10.97
CA LYS D 169 35.97 -6.11 -11.03
C LYS D 169 36.18 -7.14 -9.92
N GLY D 170 37.25 -7.95 -10.00
CA GLY D 170 37.74 -8.75 -8.86
C GLY D 170 36.69 -9.73 -8.36
N GLU D 171 36.58 -9.92 -7.05
CA GLU D 171 35.71 -10.94 -6.38
C GLU D 171 34.23 -10.71 -6.73
N GLU D 172 33.82 -9.44 -6.94
CA GLU D 172 32.44 -9.09 -7.36
C GLU D 172 32.16 -9.60 -8.77
N ASN D 173 33.08 -9.36 -9.72
CA ASN D 173 32.94 -9.88 -11.10
C ASN D 173 32.82 -11.40 -11.03
N GLU D 174 33.55 -12.05 -10.11
CA GLU D 174 33.63 -13.52 -10.02
C GLU D 174 32.29 -14.04 -9.50
N LEU D 175 31.75 -13.46 -8.41
CA LEU D 175 30.40 -13.79 -7.86
C LEU D 175 29.34 -13.66 -8.95
N LEU D 176 29.40 -12.58 -9.75
CA LEU D 176 28.39 -12.36 -10.80
C LEU D 176 28.45 -13.49 -11.81
N LEU D 177 29.66 -13.97 -12.13
CA LEU D 177 29.84 -15.07 -13.12
C LEU D 177 29.19 -16.34 -12.55
N LYS D 178 29.56 -16.74 -11.33
CA LYS D 178 28.97 -17.91 -10.63
C LYS D 178 27.43 -17.84 -10.73
N SER D 179 26.85 -16.66 -10.52
CA SER D 179 25.37 -16.47 -10.49
C SER D 179 24.80 -16.71 -11.90
N GLU D 180 25.58 -16.46 -12.96
CA GLU D 180 25.14 -16.74 -14.36
C GLU D 180 25.28 -18.22 -14.69
N GLN D 181 26.26 -18.91 -14.08
CA GLN D 181 26.66 -20.30 -14.42
C GLN D 181 25.93 -21.31 -13.54
N GLU D 182 25.82 -21.06 -12.24
CA GLU D 182 25.06 -21.89 -11.27
C GLU D 182 23.59 -21.98 -11.70
N LYS D 183 22.91 -23.04 -11.29
CA LYS D 183 21.52 -23.31 -11.76
C LYS D 183 20.61 -22.19 -11.27
N THR D 184 19.85 -21.60 -12.16
CA THR D 184 18.87 -20.53 -11.84
C THR D 184 17.58 -21.16 -11.31
N LEU D 185 16.74 -20.34 -10.68
CA LEU D 185 15.38 -20.75 -10.25
C LEU D 185 14.60 -21.27 -11.47
N LEU D 186 14.71 -20.62 -12.62
CA LEU D 186 14.02 -21.05 -13.88
C LEU D 186 14.42 -22.49 -14.23
N GLU D 187 15.73 -22.79 -14.23
CA GLU D 187 16.26 -24.14 -14.56
C GLU D 187 15.76 -25.18 -13.55
N LEU D 188 15.79 -24.85 -12.27
CA LEU D 188 15.43 -25.80 -11.18
C LEU D 188 13.93 -26.08 -11.23
N VAL D 189 13.13 -25.04 -11.45
CA VAL D 189 11.65 -25.18 -11.60
C VAL D 189 11.38 -26.02 -12.86
N GLU D 190 12.05 -25.73 -13.98
CA GLU D 190 11.93 -26.51 -15.25
C GLU D 190 12.14 -28.01 -15.00
N ALA D 191 13.25 -28.41 -14.41
CA ALA D 191 13.58 -29.81 -14.04
C ALA D 191 12.40 -30.42 -13.27
N TRP D 192 11.97 -29.75 -12.20
CA TRP D 192 10.85 -30.22 -11.34
C TRP D 192 9.56 -30.34 -12.17
N LEU D 193 9.30 -29.38 -13.06
CA LEU D 193 8.07 -29.37 -13.89
C LEU D 193 8.08 -30.58 -14.84
N GLU D 194 9.26 -30.98 -15.33
CA GLU D 194 9.43 -32.14 -16.25
C GLU D 194 9.00 -33.43 -15.56
N ARG D 195 9.18 -33.55 -14.24
CA ARG D 195 8.81 -34.77 -13.47
C ARG D 195 7.33 -34.72 -13.02
N THR D 196 6.55 -33.73 -13.43
CA THR D 196 5.14 -33.63 -12.99
C THR D 196 4.42 -34.95 -13.28
N PRO D 197 3.72 -35.54 -12.30
CA PRO D 197 2.90 -36.72 -12.53
C PRO D 197 1.77 -36.46 -13.55
N GLY D 198 1.55 -37.44 -14.45
CA GLY D 198 0.42 -37.44 -15.39
C GLY D 198 0.87 -37.25 -16.83
N LEU D 199 2.14 -36.95 -17.05
CA LEU D 199 2.69 -36.67 -18.41
C LEU D 199 3.09 -37.97 -19.10
N GLU D 200 3.23 -39.08 -18.35
CA GLU D 200 3.78 -40.36 -18.86
C GLU D 200 2.84 -40.87 -19.93
N PRO D 201 3.33 -41.06 -21.19
CA PRO D 201 2.50 -41.61 -22.26
C PRO D 201 1.83 -42.95 -21.92
N HIS D 202 2.52 -43.82 -21.16
CA HIS D 202 1.97 -45.16 -20.76
C HIS D 202 1.22 -45.05 -19.44
N GLY D 203 1.00 -43.84 -18.91
CA GLY D 203 0.18 -43.55 -17.72
C GLY D 203 -1.07 -42.78 -18.09
N PHE D 204 -1.36 -41.67 -17.39
CA PHE D 204 -2.52 -40.77 -17.67
C PHE D 204 -2.42 -40.19 -19.10
N ASN D 205 -1.20 -39.93 -19.60
CA ASN D 205 -0.97 -39.47 -20.99
C ASN D 205 -1.75 -38.17 -21.23
N PHE D 206 -1.54 -37.19 -20.35
CA PHE D 206 -2.18 -35.87 -20.38
C PHE D 206 -2.10 -35.28 -21.79
N TRP D 207 -0.91 -35.24 -22.39
CA TRP D 207 -0.66 -34.48 -23.65
C TRP D 207 -1.46 -35.09 -24.80
N GLY D 208 -1.46 -36.41 -24.92
CA GLY D 208 -2.24 -37.13 -25.92
C GLY D 208 -3.73 -36.87 -25.75
N LYS D 209 -4.24 -37.08 -24.53
CA LYS D 209 -5.69 -36.86 -24.25
C LYS D 209 -6.08 -35.42 -24.56
N LEU D 210 -5.20 -34.46 -24.29
CA LEU D 210 -5.50 -33.02 -24.42
C LEU D 210 -5.62 -32.70 -25.91
N GLU D 211 -4.67 -33.17 -26.72
CA GLU D 211 -4.69 -32.98 -28.20
C GLU D 211 -6.01 -33.53 -28.76
N LYS D 212 -6.37 -34.74 -28.35
CA LYS D 212 -7.63 -35.40 -28.77
C LYS D 212 -8.82 -34.51 -28.34
N ASN D 213 -8.85 -34.08 -27.09
CA ASN D 213 -10.03 -33.37 -26.54
C ASN D 213 -10.14 -31.96 -27.15
N ILE D 214 -9.02 -31.30 -27.44
CA ILE D 214 -9.05 -29.95 -28.08
C ILE D 214 -9.50 -30.12 -29.53
N THR D 215 -8.98 -31.15 -30.22
CA THR D 215 -9.36 -31.48 -31.62
C THR D 215 -10.89 -31.73 -31.66
N ARG D 216 -11.40 -32.56 -30.77
CA ARG D 216 -12.85 -32.84 -30.66
C ARG D 216 -13.60 -31.53 -30.33
N GLY D 217 -13.13 -30.78 -29.33
CA GLY D 217 -13.83 -29.57 -28.85
C GLY D 217 -13.99 -28.54 -29.96
N LEU D 218 -12.93 -28.34 -30.75
CA LEU D 218 -12.94 -27.39 -31.88
C LEU D 218 -13.99 -27.85 -32.92
N GLU D 219 -13.97 -29.13 -33.30
CA GLU D 219 -14.96 -29.75 -34.24
C GLU D 219 -16.37 -29.44 -33.74
N GLU D 220 -16.69 -29.70 -32.47
CA GLU D 220 -18.09 -29.52 -31.93
C GLU D 220 -18.48 -28.04 -32.07
N GLU D 221 -17.52 -27.15 -31.87
CA GLU D 221 -17.67 -25.68 -31.84
C GLU D 221 -17.94 -25.19 -33.27
N PHE D 222 -17.19 -25.70 -34.28
CA PHE D 222 -17.38 -25.35 -35.71
C PHE D 222 -18.82 -25.67 -36.13
N ILE D 223 -19.34 -26.82 -35.70
CA ILE D 223 -20.71 -27.31 -36.02
C ILE D 223 -21.72 -26.35 -35.41
N ARG D 224 -21.58 -26.01 -34.12
CA ARG D 224 -22.52 -25.12 -33.39
C ARG D 224 -22.64 -23.78 -34.15
N ILE D 225 -21.53 -23.32 -34.74
CA ILE D 225 -21.39 -22.01 -35.44
C ILE D 225 -22.00 -22.10 -36.83
N GLN D 226 -21.73 -23.16 -37.61
CA GLN D 226 -22.22 -23.30 -39.01
C GLN D 226 -23.76 -23.42 -39.03
N ALA D 227 -24.48 -23.39 -37.89
CA ALA D 227 -25.81 -22.73 -37.77
C ALA D 227 -25.62 -21.21 -37.82
N GLU D 230 -25.26 -16.80 -43.54
CA GLU D 230 -26.18 -16.38 -42.44
C GLU D 230 -25.83 -14.92 -42.10
N SER D 231 -25.62 -14.55 -40.82
CA SER D 231 -25.49 -13.14 -40.36
C SER D 231 -24.05 -12.62 -40.56
N GLU D 232 -23.73 -11.43 -40.03
CA GLU D 232 -22.36 -10.86 -40.01
C GLU D 232 -21.73 -11.04 -38.63
N GLU D 233 -22.53 -11.14 -37.56
CA GLU D 233 -22.06 -11.57 -36.21
C GLU D 233 -21.54 -13.02 -36.25
N LYS D 234 -22.17 -13.86 -37.08
CA LYS D 234 -21.72 -15.25 -37.37
C LYS D 234 -20.37 -15.25 -38.10
N GLU D 235 -20.19 -14.40 -39.11
CA GLU D 235 -18.96 -14.36 -39.94
C GLU D 235 -17.78 -13.94 -39.05
N GLU D 236 -18.03 -13.02 -38.11
CA GLU D 236 -17.00 -12.47 -37.20
C GLU D 236 -16.61 -13.58 -36.19
N GLN D 237 -17.51 -14.54 -35.93
CA GLN D 237 -17.28 -15.75 -35.09
C GLN D 237 -16.44 -16.79 -35.85
N VAL D 238 -16.68 -16.99 -37.14
CA VAL D 238 -15.88 -17.89 -38.02
C VAL D 238 -14.41 -17.40 -38.04
N ALA D 239 -14.19 -16.10 -38.25
CA ALA D 239 -12.84 -15.49 -38.26
C ALA D 239 -12.17 -15.73 -36.90
N GLU D 240 -12.94 -15.61 -35.81
CA GLU D 240 -12.50 -15.73 -34.40
C GLU D 240 -12.16 -17.21 -34.13
N PHE D 241 -13.02 -18.13 -34.55
CA PHE D 241 -12.82 -19.60 -34.46
C PHE D 241 -11.51 -19.99 -35.16
N GLN D 242 -11.32 -19.53 -36.40
CA GLN D 242 -10.15 -19.94 -37.23
C GLN D 242 -8.86 -19.48 -36.52
N LYS D 243 -8.93 -18.32 -35.86
CA LYS D 243 -7.81 -17.71 -35.08
C LYS D 243 -7.51 -18.61 -33.87
N GLN D 244 -8.56 -18.91 -33.09
CA GLN D 244 -8.52 -19.79 -31.88
C GLN D 244 -7.96 -21.18 -32.26
N LYS D 245 -8.45 -21.78 -33.36
CA LYS D 245 -8.00 -23.11 -33.86
C LYS D 245 -6.49 -23.08 -34.10
N GLU D 246 -6.02 -22.08 -34.85
CA GLU D 246 -4.59 -21.94 -35.22
C GLU D 246 -3.75 -21.91 -33.93
N VAL D 247 -4.20 -21.11 -32.96
CA VAL D 247 -3.45 -20.86 -31.69
C VAL D 247 -3.41 -22.17 -30.88
N LEU D 248 -4.55 -22.80 -30.63
CA LEU D 248 -4.64 -24.00 -29.77
C LEU D 248 -3.82 -25.12 -30.43
N LEU D 249 -3.98 -25.35 -31.73
CA LEU D 249 -3.31 -26.51 -32.36
C LEU D 249 -1.79 -26.27 -32.38
N SER D 250 -1.35 -25.01 -32.39
CA SER D 250 0.10 -24.65 -32.40
C SER D 250 0.79 -25.17 -31.12
N LEU D 251 0.02 -25.31 -30.03
CA LEU D 251 0.50 -25.87 -28.74
C LEU D 251 1.20 -27.21 -28.99
N PHE D 252 0.67 -28.03 -29.91
CA PHE D 252 1.12 -29.44 -30.13
C PHE D 252 2.29 -29.48 -31.13
N ASP D 253 2.70 -28.33 -31.66
CA ASP D 253 3.88 -28.20 -32.55
C ASP D 253 5.16 -28.06 -31.71
N GLU D 254 5.75 -29.18 -31.33
CA GLU D 254 7.03 -29.22 -30.57
C GLU D 254 8.14 -28.50 -31.34
N LYS D 255 8.11 -28.52 -32.68
CA LYS D 255 9.17 -27.92 -33.55
C LYS D 255 9.16 -26.40 -33.36
N ARG D 256 7.96 -25.80 -33.45
CA ARG D 256 7.76 -24.34 -33.26
C ARG D 256 8.28 -23.93 -31.88
N HIS D 257 8.04 -24.79 -30.88
CA HIS D 257 8.47 -24.53 -29.48
C HIS D 257 9.99 -24.47 -29.41
N GLU D 258 10.71 -25.42 -30.02
CA GLU D 258 12.20 -25.47 -29.98
C GLU D 258 12.78 -24.24 -30.70
N HIS D 259 12.14 -23.81 -31.80
CA HIS D 259 12.57 -22.64 -32.60
C HIS D 259 12.45 -21.41 -31.69
N LEU D 260 11.27 -21.22 -31.08
CA LEU D 260 10.99 -20.06 -30.17
C LEU D 260 11.89 -20.11 -28.92
N LEU D 261 12.22 -21.29 -28.41
CA LEU D 261 13.20 -21.46 -27.28
C LEU D 261 14.53 -20.78 -27.65
N SER D 262 15.10 -21.16 -28.80
CA SER D 262 16.44 -20.70 -29.27
C SER D 262 16.42 -19.19 -29.61
N LYS D 263 15.29 -18.63 -30.05
CA LYS D 263 15.10 -17.16 -30.23
C LYS D 263 14.84 -16.46 -28.88
N GLY D 264 14.84 -17.22 -27.76
CA GLY D 264 14.59 -16.71 -26.40
C GLY D 264 13.21 -16.07 -26.22
N GLU D 265 12.23 -16.37 -27.08
CA GLU D 265 10.84 -15.86 -26.92
C GLU D 265 10.07 -16.78 -25.98
N ARG D 266 10.60 -17.99 -25.74
CA ARG D 266 10.15 -18.94 -24.69
C ARG D 266 11.39 -19.41 -23.91
N ARG D 267 11.19 -20.01 -22.74
CA ARG D 267 12.27 -20.28 -21.76
C ARG D 267 12.20 -21.71 -21.24
N LEU D 268 11.00 -22.25 -21.06
CA LEU D 268 10.81 -23.61 -20.49
C LEU D 268 10.88 -24.66 -21.60
N SER D 269 11.61 -25.76 -21.35
CA SER D 269 11.52 -27.02 -22.13
C SER D 269 10.06 -27.31 -22.48
N TYR D 270 9.80 -27.96 -23.62
CA TYR D 270 8.44 -28.38 -24.03
C TYR D 270 7.84 -29.21 -22.90
N ARG D 271 8.64 -30.07 -22.26
CA ARG D 271 8.09 -31.02 -21.27
C ARG D 271 7.68 -30.27 -20.00
N ALA D 272 8.49 -29.27 -19.61
CA ALA D 272 8.20 -28.41 -18.44
C ALA D 272 6.88 -27.67 -18.69
N LEU D 273 6.69 -27.16 -19.90
CA LEU D 273 5.45 -26.46 -20.30
C LEU D 273 4.25 -27.40 -20.08
N GLN D 274 4.41 -28.68 -20.37
CA GLN D 274 3.31 -29.68 -20.23
C GLN D 274 2.95 -29.82 -18.75
N GLY D 275 3.97 -29.96 -17.90
CA GLY D 275 3.81 -30.04 -16.44
C GLY D 275 3.08 -28.82 -15.90
N ALA D 276 3.44 -27.63 -16.36
CA ALA D 276 2.85 -26.38 -15.88
C ALA D 276 1.34 -26.42 -16.19
N LEU D 277 1.00 -26.84 -17.39
CA LEU D 277 -0.42 -26.80 -17.85
C LEU D 277 -1.18 -27.92 -17.14
N MET D 278 -0.52 -29.02 -16.86
CA MET D 278 -1.08 -30.14 -16.05
C MET D 278 -1.48 -29.55 -14.68
N ILE D 279 -0.58 -28.80 -14.04
CA ILE D 279 -0.82 -28.21 -12.71
C ILE D 279 -1.95 -27.17 -12.81
N TYR D 280 -1.98 -26.36 -13.88
CA TYR D 280 -3.04 -25.34 -14.06
C TYR D 280 -4.40 -26.03 -14.13
N PHE D 281 -4.54 -27.00 -15.03
CA PHE D 281 -5.86 -27.58 -15.35
C PHE D 281 -6.31 -28.45 -14.19
N TYR D 282 -5.40 -29.08 -13.46
CA TYR D 282 -5.75 -30.03 -12.37
C TYR D 282 -5.41 -29.47 -10.99
N ARG D 283 -5.38 -28.14 -10.85
CA ARG D 283 -4.89 -27.42 -9.63
C ARG D 283 -5.65 -27.82 -8.36
N GLU D 284 -6.93 -28.16 -8.46
CA GLU D 284 -7.78 -28.56 -7.30
C GLU D 284 -7.36 -29.93 -6.77
N GLU D 285 -6.71 -30.77 -7.58
CA GLU D 285 -6.24 -32.09 -7.09
C GLU D 285 -5.25 -31.84 -5.95
N PRO D 286 -5.42 -32.50 -4.79
CA PRO D 286 -4.62 -32.19 -3.61
C PRO D 286 -3.11 -32.02 -3.87
N ARG D 287 -2.51 -32.91 -4.65
CA ARG D 287 -1.03 -32.90 -4.86
C ARG D 287 -0.63 -31.70 -5.73
N PHE D 288 -1.58 -31.06 -6.39
CA PHE D 288 -1.33 -29.92 -7.31
C PHE D 288 -1.67 -28.57 -6.68
N GLN D 289 -2.33 -28.56 -5.51
CA GLN D 289 -2.83 -27.30 -4.88
C GLN D 289 -1.64 -26.38 -4.61
N VAL D 290 -0.65 -26.85 -3.87
CA VAL D 290 0.46 -25.95 -3.46
C VAL D 290 1.36 -25.70 -4.66
N PRO D 291 1.65 -26.71 -5.51
CA PRO D 291 2.35 -26.43 -6.78
C PRO D 291 1.71 -25.33 -7.63
N PHE D 292 0.38 -25.29 -7.69
CA PHE D 292 -0.33 -24.21 -8.40
C PHE D 292 0.00 -22.87 -7.74
N GLN D 293 -0.06 -22.82 -6.41
CA GLN D 293 0.30 -21.60 -5.63
C GLN D 293 1.73 -21.18 -5.98
N LEU D 294 2.64 -22.13 -6.14
CA LEU D 294 4.04 -21.81 -6.46
C LEU D 294 4.09 -21.15 -7.84
N LEU D 295 3.40 -21.72 -8.82
CA LEU D 295 3.47 -21.16 -10.20
C LEU D 295 2.93 -19.73 -10.14
N THR D 296 1.81 -19.54 -9.44
CA THR D 296 1.18 -18.19 -9.23
C THR D 296 2.22 -17.23 -8.60
N SER D 297 2.97 -17.70 -7.63
CA SER D 297 3.97 -16.91 -6.90
C SER D 297 5.13 -16.49 -7.82
N LEU D 298 5.59 -17.39 -8.69
CA LEU D 298 6.68 -17.11 -9.66
C LEU D 298 6.21 -16.01 -10.63
N MET D 299 4.98 -16.09 -11.11
CA MET D 299 4.40 -15.00 -11.93
C MET D 299 4.34 -13.72 -11.09
N ASP D 300 3.89 -13.77 -9.83
CA ASP D 300 3.83 -12.59 -8.95
C ASP D 300 5.20 -11.90 -8.89
N ILE D 301 6.26 -12.68 -8.77
CA ILE D 301 7.65 -12.16 -8.60
C ILE D 301 8.05 -11.46 -9.89
N ASP D 302 7.81 -12.06 -11.05
CA ASP D 302 8.01 -11.41 -12.37
C ASP D 302 7.22 -10.09 -12.44
N SER D 303 5.95 -10.10 -12.11
CA SER D 303 5.07 -8.90 -12.16
C SER D 303 5.70 -7.81 -11.28
N LEU D 304 6.12 -8.14 -10.06
CA LEU D 304 6.55 -7.11 -9.08
C LEU D 304 7.94 -6.60 -9.46
N MET D 305 8.81 -7.45 -9.99
CA MET D 305 10.12 -6.98 -10.52
C MET D 305 9.82 -5.94 -11.61
N THR D 306 8.88 -6.19 -12.51
CA THR D 306 8.65 -5.29 -13.65
C THR D 306 8.03 -4.00 -13.11
N LYS D 307 7.16 -4.11 -12.09
CA LYS D 307 6.57 -2.93 -11.42
C LYS D 307 7.70 -2.12 -10.76
N TRP D 308 8.67 -2.79 -10.15
CA TRP D 308 9.83 -2.11 -9.56
C TRP D 308 10.51 -1.34 -10.69
N ARG D 309 10.77 -1.99 -11.82
CA ARG D 309 11.50 -1.36 -12.95
C ARG D 309 10.67 -0.16 -13.44
N TYR D 310 9.34 -0.31 -13.50
CA TYR D 310 8.45 0.76 -14.01
C TYR D 310 8.46 1.93 -13.04
N ASN D 311 8.32 1.70 -11.72
CA ASN D 311 8.29 2.82 -10.74
C ASN D 311 9.67 3.51 -10.77
N HIS D 312 10.76 2.78 -10.95
CA HIS D 312 12.11 3.38 -11.01
C HIS D 312 12.16 4.35 -12.19
N VAL D 313 11.77 3.89 -13.39
CA VAL D 313 11.66 4.72 -14.63
C VAL D 313 10.81 5.98 -14.35
N CYS D 314 9.55 5.83 -13.94
CA CYS D 314 8.62 6.94 -13.65
C CYS D 314 9.29 8.00 -12.76
N MET D 315 10.23 7.61 -11.89
CA MET D 315 10.89 8.53 -10.94
C MET D 315 12.15 9.15 -11.57
N VAL D 316 13.01 8.36 -12.19
CA VAL D 316 14.14 8.88 -13.02
C VAL D 316 13.65 10.00 -13.98
N HIS D 317 12.51 9.82 -14.65
CA HIS D 317 11.87 10.87 -15.48
C HIS D 317 11.69 12.16 -14.68
N ARG D 318 11.10 12.06 -13.49
CA ARG D 318 10.75 13.24 -12.66
C ARG D 318 12.05 13.95 -12.22
N MET D 319 13.15 13.21 -12.04
CA MET D 319 14.39 13.75 -11.43
C MET D 319 15.29 14.35 -12.49
N LEU D 320 15.34 13.77 -13.68
CA LEU D 320 16.37 14.07 -14.72
C LEU D 320 15.76 14.56 -16.05
N GLY D 321 14.51 14.23 -16.37
CA GLY D 321 13.94 14.45 -17.71
C GLY D 321 14.45 13.45 -18.75
N SER D 322 15.76 13.22 -18.84
CA SER D 322 16.45 12.32 -19.83
C SER D 322 17.42 11.38 -19.08
N SER D 330 21.18 7.85 -23.45
CA SER D 330 19.98 8.06 -22.59
C SER D 330 19.83 6.95 -21.53
N GLY D 331 19.75 7.38 -20.27
CA GLY D 331 19.38 6.55 -19.10
C GLY D 331 17.90 6.23 -19.14
N TYR D 332 17.04 7.25 -19.10
CA TYR D 332 15.55 7.17 -19.13
C TYR D 332 15.07 6.24 -20.25
N HIS D 333 15.74 6.14 -21.40
CA HIS D 333 15.29 5.29 -22.55
C HIS D 333 15.73 3.83 -22.36
N TYR D 334 16.96 3.57 -21.90
CA TYR D 334 17.46 2.19 -21.65
C TYR D 334 16.59 1.49 -20.58
N LEU D 335 16.30 2.22 -19.48
CA LEU D 335 15.48 1.72 -18.37
C LEU D 335 14.11 1.35 -18.92
N ARG D 336 13.48 2.23 -19.72
CA ARG D 336 12.15 1.99 -20.35
C ARG D 336 12.16 0.67 -21.12
N SER D 337 13.30 0.28 -21.69
CA SER D 337 13.41 -0.96 -22.51
C SER D 337 13.60 -2.18 -21.59
N THR D 338 13.92 -1.99 -20.31
CA THR D 338 14.01 -3.10 -19.32
C THR D 338 12.61 -3.49 -18.86
N VAL D 339 11.61 -2.65 -19.14
CA VAL D 339 10.19 -2.92 -18.79
C VAL D 339 9.54 -3.68 -19.95
N SER D 340 10.05 -4.84 -20.33
CA SER D 340 9.52 -5.68 -21.44
C SER D 340 9.55 -7.14 -21.02
N ASP D 341 8.94 -8.00 -21.84
CA ASP D 341 8.84 -9.46 -21.62
C ASP D 341 10.23 -10.10 -21.80
N ARG D 342 11.20 -9.38 -22.34
CA ARG D 342 12.62 -9.81 -22.41
C ARG D 342 13.12 -10.21 -21.01
N TYR D 343 12.61 -9.52 -19.98
CA TYR D 343 13.13 -9.59 -18.59
C TYR D 343 12.19 -10.38 -17.67
N LYS D 344 11.04 -10.86 -18.18
CA LYS D 344 10.11 -11.78 -17.48
C LYS D 344 10.59 -13.22 -17.67
N VAL D 345 11.29 -13.75 -16.67
CA VAL D 345 11.88 -15.12 -16.67
C VAL D 345 10.77 -16.19 -16.82
N PHE D 346 9.57 -15.95 -16.28
CA PHE D 346 8.47 -16.94 -16.27
C PHE D 346 7.37 -16.49 -17.23
N VAL D 347 7.75 -15.79 -18.31
CA VAL D 347 6.79 -15.35 -19.37
C VAL D 347 5.95 -16.55 -19.85
N ASP D 348 6.51 -17.75 -19.90
CA ASP D 348 5.77 -18.96 -20.35
C ASP D 348 4.55 -19.19 -19.47
N LEU D 349 4.66 -18.95 -18.15
CA LEU D 349 3.57 -19.16 -17.19
C LEU D 349 2.45 -18.14 -17.46
N PHE D 350 2.78 -16.91 -17.83
CA PHE D 350 1.77 -15.89 -18.22
C PHE D 350 1.07 -16.34 -19.49
N ASN D 351 1.84 -16.84 -20.46
CA ASN D 351 1.36 -17.07 -21.84
C ASN D 351 0.57 -18.38 -21.93
N LEU D 352 0.60 -19.22 -20.90
CA LEU D 352 -0.29 -20.40 -20.81
C LEU D 352 -1.76 -19.95 -20.86
N SER D 353 -2.10 -18.74 -20.40
CA SER D 353 -3.46 -18.17 -20.49
C SER D 353 -3.96 -18.13 -21.93
N THR D 354 -3.08 -18.00 -22.91
CA THR D 354 -3.42 -18.02 -24.36
C THR D 354 -4.12 -19.34 -24.73
N TYR D 355 -3.73 -20.46 -24.10
CA TYR D 355 -4.15 -21.84 -24.45
C TYR D 355 -5.20 -22.38 -23.47
N LEU D 356 -5.95 -21.51 -22.79
CA LEU D 356 -7.07 -21.94 -21.91
C LEU D 356 -8.25 -22.35 -22.79
N ILE D 357 -8.99 -23.35 -22.30
CA ILE D 357 -10.08 -24.03 -23.02
C ILE D 357 -11.25 -24.16 -22.05
N PRO D 358 -12.46 -24.36 -22.56
CA PRO D 358 -13.62 -24.54 -21.69
C PRO D 358 -13.35 -25.75 -20.77
N ARG D 359 -13.91 -25.71 -19.56
CA ARG D 359 -13.75 -26.76 -18.51
C ARG D 359 -14.03 -28.16 -19.09
N HIS D 360 -15.15 -28.33 -19.80
CA HIS D 360 -15.65 -29.68 -20.22
C HIS D 360 -14.72 -30.28 -21.30
N TRP D 361 -13.72 -29.55 -21.80
CA TRP D 361 -12.68 -30.11 -22.73
C TRP D 361 -11.54 -30.75 -21.96
N ILE D 362 -11.36 -30.42 -20.70
CA ILE D 362 -10.14 -30.87 -19.96
C ILE D 362 -10.30 -32.37 -19.73
N PRO D 363 -9.32 -33.20 -20.11
CA PRO D 363 -9.43 -34.65 -19.97
C PRO D 363 -9.86 -35.03 -18.56
N LYS D 364 -10.94 -35.82 -18.46
CA LYS D 364 -11.48 -36.28 -17.15
C LYS D 364 -10.44 -37.19 -16.51
N MET D 365 -10.42 -37.23 -15.18
CA MET D 365 -9.57 -38.13 -14.36
C MET D 365 -10.42 -39.31 -13.86
N ASN D 366 -10.08 -40.52 -14.31
CA ASN D 366 -10.64 -41.82 -13.84
C ASN D 366 -10.21 -42.09 -12.39
N PRO D 367 -10.95 -42.93 -11.61
CA PRO D 367 -10.63 -43.14 -10.19
C PRO D 367 -9.18 -43.53 -9.82
N THR D 368 -8.40 -44.15 -10.74
CA THR D 368 -6.99 -44.61 -10.51
C THR D 368 -6.06 -43.40 -10.32
N ILE D 369 -6.20 -42.37 -11.17
CA ILE D 369 -5.28 -41.20 -11.26
C ILE D 369 -5.72 -40.13 -10.24
N HIS D 370 -7.03 -40.04 -9.92
CA HIS D 370 -7.56 -39.23 -8.77
C HIS D 370 -6.82 -39.64 -7.49
N LYS D 371 -6.57 -40.95 -7.32
CA LYS D 371 -6.01 -41.60 -6.10
C LYS D 371 -4.49 -41.39 -6.04
N PHE D 372 -3.80 -41.32 -7.18
CA PHE D 372 -2.33 -41.05 -7.28
C PHE D 372 -2.04 -39.62 -6.79
N LEU D 373 -2.97 -38.68 -7.05
CA LEU D 373 -2.84 -37.22 -6.75
C LEU D 373 -3.54 -36.85 -5.42
N GLU D 374 -3.71 -37.83 -4.52
CA GLU D 374 -4.60 -37.80 -3.31
C GLU D 374 -4.29 -39.01 -2.41
#